data_7LXD
#
_entry.id   7LXD
#
_cell.length_a   1.00
_cell.length_b   1.00
_cell.length_c   1.00
_cell.angle_alpha   90.00
_cell.angle_beta   90.00
_cell.angle_gamma   90.00
#
_symmetry.space_group_name_H-M   'P 1'
#
loop_
_entity.id
_entity.type
_entity.pdbx_description
1 polymer 'DNA polymerase zeta catalytic subunit'
2 polymer 'DNA polymerase zeta processivity subunit'
3 polymer 'DNA polymerase delta small subunit'
4 polymer 'DNA polymerase delta subunit 3'
5 non-polymer 'IRON/SULFUR CLUSTER'
#
loop_
_entity_poly.entity_id
_entity_poly.type
_entity_poly.pdbx_seq_one_letter_code
_entity_poly.pdbx_strand_id
1 'polypeptide(L)'
;MSRESNDTIQSDTVRSSSKSDYFRIQLNNQDYYMSKPTFLDPSHGESLPLNQFSQVPNIRVFGALPTGHQVLCHVHGILP
YMFIKYDGQITDTSTLRHQRCAQVHKTLEVKIRASFKRKKDDKHDLAGDKLGNLNFVADVSVVKGIPFYGYHVGWNLFYK
ISLLNPSCLSRISELIRDGKIFGKKFEIYESHIPYLLQWTADFNLFGCSWINVDRCYFRSPVLNSILDIDKLTINDDLQL
LLDRFCDFKCNVLSRRDFPRVGNGLIEIDILPQFIKNREKLQHRDIHHDFLEKLGDISDIPVKPYVSSARDMINELTMQR
EELSLKEYKEPPETKRHVSGHQWQSSGEFEAFYKKAQHKTSTFDGQIPNFENFIDKNQKFSAINTPYEALPQLWPRLPQI
EINNNSMQDKKNDDQVNASFTEYEICGVDNENEGVKGSNIKSRSYSWLPESIASPKDSTILLDHQTKYHNTINFSMDCAM
TQNMASKRKLRSSVSANKTSLLSRKRKKVMAAGLRYGKRAFVYGEPPFGYQDILNKLEDEGFPKIDYKDPFFSNPVDLEN
KPYAYAGKRFEISSTHVSTRIPVQFGGETVSVYNKPTFDMFSSWKYALKPPTYDAVQKWYNKVPSMGNKKTESQISMHTP
HSKFLYKFASDVSGKQKRKKSSVHDSLTHLTLEIHANTRSDKIPDPAIDEVSMIIWCLEEETFPLDLDIAYEGIMIVHKA
SEDSTFPTKIQHCINEIPVMFYESEFEMFEALTDLVLLLDPDILSGFEIHNFSWGYIIERCQKIHQFDIVRELARVKCQI
KTKLSDTWGYAHSSGIMITGRHMINIWRALRSDVNLTQYTIESAAFNILHKRLPHFSFESLTNMWNAKKSTTELKTVLNY
WLSRAQINIQLLRKQDYIARNIEQARLIGIDFHSVYYRGSQFKVESFLIRICKSESFILLSPGKKDVRKQKALECVPLVM
EPESAFYKSPLIVLDFQSLYPSIMIGYNYCYSTMIGRVREINLTENNLGVSKFSLPRNILALLKNDVTIAPNGVVYAKTS
VRKSTLSKMLTDILDVRVMIKKTMNEIGDDNTTLKRLLNNKQLALKLLANVTYGYTSASFSGRMPCSDLADSIVQTGRET
LEKAIDIIEKDETWNAKVVYGDTDSLFVYLPGKTAIEAFSIGHAMAERVTQNNPKPIFLKFEKVYHPSILISKKRYVGFS
YESPSQTLPIFDAKGIETVRRDGIPAQQKIIEKCIRLLFQTKDLSKIKKYLQNEFFKIQIGKVSAQDFCFAKEVKLGAYK
SEKTAPAGAVVVKRRINEDHRAEPQYKERIPYLVVKGKQGQLLRERCVSPEEFLEGENLELDSEYYINKILIPPLDRLFN
LIGINVGNWAQEIVKSKRASTTTTKVENITRVGTSATCCNCGEELTKICSLQLCDDCLEKRSTTTLSFLIKKLKRQKEYQ
TLKTVCRTCSYRYTSDAGIENDHIASKCNSYDCPVFYSRVKAERYLRDNQSVQREEALISLNDW
;
A
2 'polypeptide(L)'
;MNRWVEKWLRVYLKCYINLILFYRNVYPPQSFDYTTYQSFNLPQFVPINRHPALIDYIEELILDVLSKLTHVYRFSICII
NKKNDLCIEKYVLDFSELQHVDKDDQIITETEVFDEFRSSLNSLIMHLEKLPKVNDDTITFEAVINAIELELGHKLDRNR
RVDSLEEKAEIERDSNWVKCQEDENLPDNNGFQPPKIKLTSLVGSDVGPLIIHQFSEKLISGDDKILNGVYSQYEEGESI
FGSLF
;
D,E
3 'polypeptide(L)'
;LHMDALLTKFNEDRSLQDENLSQPRTRVRIVDDNLYNKSNPFQLCYKKRDYGSQYYHIYQYRLKTFRERVLKECDKRWDA
GFTLNGQLVLKKDKVLDIQGNQPCWCVGSIYCEMKYKPNVLDEVINDTYGAPDLTKSYTDKEGGSDEIMLEDESGRVLLV
GDFIRSTPFITGVVVGILGMEAEAGTFQVLDICYPTPLPQNPFPAPIATCPTRGKIALVSGLNLNNTSPDRLLRLEILRE
FLMGRINNKIDDISLIGRLLICGNSVDFDIKSVNKDELMISLTEFSKFLHNILPSISVDIMPGTNDPSDKSLPQQPFHKS
LFDKSLESYFNGSNKEILNLVTNPYEFSYNGVDVLAVSGKNINDICKYVIPSNDNGESENKVEEGESNDFKDDIEHRLDL
MECTMKWQNIAPTAPDTLWCYPYTDKDPFVLDKWPHVYIVANQPYFGTRVVEIGGKNIKIISVPEFSSTGMIILLDLETL
EAETVKIDI
;
F
4 'polypeptide(L)'
;MDQKASYFINEKLFTEVKPVLFTDLIHHLKIGPSMAKKLMFDYYKQTTNAKYNCVVICCYKDQTIKIIHDLSNIPQQDSI
IDCFIYAFNPMDSFIPYYDIIDQKDCLTIKNSYELKVSESSKIIERTKTLEEKSKPLVRPTARSKTTPEETTGRKSKSKD
MGLRSTALLAKMKKDRDDKETSRQNELRKRKEENLQKINKQNPEREAQMKELNNLFVEDDLDTEEVNGGSKPNSPKETDS
NDKDKNNDDLEDLLETTAEDSLMDVPKIQQTKPSETEHSKEPKSEEEPSSFIDEDGYIVTKRPATSTPPRKPSPVVKRAL
SSSKKQETPSSNKRLKKQGTLESFFKRKAK
;
G
#
loop_
_chem_comp.id
_chem_comp.type
_chem_comp.name
_chem_comp.formula
SF4 non-polymer 'IRON/SULFUR CLUSTER' 'Fe4 S4'
#
# COMPACT_ATOMS: atom_id res chain seq x y z
N ASP A 21 51.46 9.15 -15.00
CA ASP A 21 51.97 10.12 -14.04
C ASP A 21 51.15 10.09 -12.76
N TYR A 22 49.84 10.34 -12.89
CA TYR A 22 48.94 10.37 -11.76
C TYR A 22 47.67 9.61 -12.07
N PHE A 23 47.81 8.46 -12.75
CA PHE A 23 46.66 7.74 -13.29
C PHE A 23 47.02 6.30 -13.61
N ARG A 24 46.08 5.40 -13.35
CA ARG A 24 46.06 4.00 -13.81
C ARG A 24 44.64 3.45 -13.66
N ILE A 25 44.49 2.16 -13.95
CA ILE A 25 43.20 1.51 -14.03
C ILE A 25 42.64 1.22 -12.64
N GLN A 26 41.34 0.92 -12.60
CA GLN A 26 40.67 0.26 -11.50
C GLN A 26 40.78 -1.26 -11.71
N LEU A 27 40.06 -2.05 -10.91
CA LEU A 27 40.30 -3.49 -10.87
C LEU A 27 38.98 -4.25 -10.83
N ASN A 28 38.60 -4.84 -11.96
CA ASN A 28 37.46 -5.72 -12.14
C ASN A 28 37.89 -7.17 -11.89
N ASN A 29 37.06 -8.13 -12.29
CA ASN A 29 37.37 -9.55 -12.14
C ASN A 29 38.63 -9.95 -12.92
N GLN A 30 39.32 -10.97 -12.40
CA GLN A 30 40.57 -11.54 -12.91
C GLN A 30 40.50 -13.05 -13.04
N ASP A 31 41.58 -13.59 -13.60
CA ASP A 31 41.89 -15.02 -13.60
C ASP A 31 43.39 -15.17 -13.82
N TYR A 32 43.88 -16.38 -13.63
CA TYR A 32 45.28 -16.66 -13.92
C TYR A 32 45.44 -17.01 -15.40
N TYR A 33 46.69 -17.22 -15.82
CA TYR A 33 46.99 -17.45 -17.23
C TYR A 33 48.26 -18.27 -17.32
N MET A 34 48.17 -19.48 -17.90
CA MET A 34 49.26 -20.44 -17.90
C MET A 34 50.18 -20.16 -19.09
N SER A 35 50.98 -19.11 -18.95
CA SER A 35 51.84 -18.63 -20.03
C SER A 35 53.17 -19.37 -20.07
N LYS A 36 53.67 -19.59 -21.29
CA LYS A 36 55.04 -20.04 -21.47
C LYS A 36 55.97 -18.88 -21.12
N PRO A 37 57.20 -19.16 -20.65
CA PRO A 37 58.16 -18.09 -20.37
C PRO A 37 58.50 -17.25 -21.59
N THR A 38 58.61 -15.94 -21.36
CA THR A 38 58.81 -14.95 -22.40
C THR A 38 59.78 -13.93 -21.81
N PHE A 39 60.44 -13.14 -22.65
CA PHE A 39 61.06 -11.92 -22.15
C PHE A 39 59.98 -11.00 -21.60
N LEU A 40 60.29 -10.38 -20.46
CA LEU A 40 59.48 -9.66 -19.46
C LEU A 40 58.65 -10.61 -18.59
N ASP A 41 58.67 -11.91 -18.87
CA ASP A 41 58.25 -12.86 -17.84
C ASP A 41 59.47 -13.34 -17.08
N PRO A 42 59.48 -13.29 -15.74
CA PRO A 42 60.66 -13.72 -14.99
C PRO A 42 60.85 -15.22 -15.00
N SER A 43 61.86 -15.68 -15.75
CA SER A 43 62.27 -17.08 -15.75
C SER A 43 63.42 -17.34 -14.79
N HIS A 44 63.92 -16.31 -14.11
CA HIS A 44 65.07 -16.46 -13.24
C HIS A 44 64.74 -16.07 -11.81
N GLU A 46 68.74 -18.90 -8.02
CA GLU A 46 67.45 -19.50 -7.67
C GLU A 46 67.64 -20.69 -6.73
N SER A 47 66.61 -21.54 -6.69
CA SER A 47 66.80 -22.88 -6.16
C SER A 47 67.82 -23.65 -7.01
N LEU A 48 67.71 -23.52 -8.32
CA LEU A 48 68.80 -23.85 -9.24
C LEU A 48 68.80 -22.70 -10.24
N PRO A 49 69.90 -21.96 -10.34
CA PRO A 49 69.86 -20.69 -11.09
C PRO A 49 69.89 -20.85 -12.60
N LEU A 50 70.50 -21.94 -13.08
CA LEU A 50 70.69 -22.11 -14.51
C LEU A 50 69.39 -22.44 -15.23
N ASN A 51 68.56 -23.30 -14.64
CA ASN A 51 67.29 -23.66 -15.25
C ASN A 51 66.30 -22.51 -15.18
N GLN A 52 65.57 -22.31 -16.28
CA GLN A 52 64.42 -21.44 -16.28
C GLN A 52 63.20 -22.20 -15.77
N PHE A 53 62.05 -21.53 -15.74
CA PHE A 53 60.80 -22.23 -15.54
C PHE A 53 60.29 -22.76 -16.87
N SER A 54 59.24 -23.58 -16.79
CA SER A 54 58.67 -24.24 -17.96
C SER A 54 57.36 -23.65 -18.41
N GLN A 55 56.55 -23.14 -17.47
CA GLN A 55 55.31 -22.45 -17.80
C GLN A 55 55.03 -21.50 -16.64
N VAL A 56 55.20 -20.20 -16.88
CA VAL A 56 55.14 -19.20 -15.83
C VAL A 56 53.70 -18.68 -15.76
N PRO A 57 52.97 -18.92 -14.68
CA PRO A 57 51.63 -18.35 -14.57
C PRO A 57 51.71 -16.87 -14.21
N ASN A 58 50.98 -16.06 -14.97
CA ASN A 58 50.95 -14.63 -14.72
C ASN A 58 49.50 -14.16 -14.67
N ILE A 59 49.29 -13.01 -14.08
CA ILE A 59 47.95 -12.50 -13.82
C ILE A 59 47.51 -11.67 -15.03
N ARG A 60 46.36 -12.01 -15.59
CA ARG A 60 45.65 -11.11 -16.48
C ARG A 60 44.73 -10.24 -15.63
N VAL A 61 44.76 -8.93 -15.83
CA VAL A 61 43.78 -8.04 -15.22
C VAL A 61 42.94 -7.43 -16.32
N PHE A 62 41.63 -7.57 -16.20
CA PHE A 62 40.70 -6.87 -17.08
C PHE A 62 40.21 -5.64 -16.33
N GLY A 63 41.07 -4.62 -16.26
CA GLY A 63 40.79 -3.48 -15.42
C GLY A 63 40.09 -2.34 -16.16
N ALA A 64 39.36 -1.54 -15.39
CA ALA A 64 38.65 -0.38 -15.91
C ALA A 64 39.52 0.86 -15.73
N LEU A 65 39.82 1.54 -16.82
CA LEU A 65 40.63 2.75 -16.78
C LEU A 65 39.70 3.93 -16.48
N PRO A 66 40.24 5.10 -16.14
CA PRO A 66 39.39 6.30 -16.02
C PRO A 66 38.67 6.66 -17.31
N THR A 67 37.42 7.13 -17.16
CA THR A 67 36.45 7.43 -18.22
C THR A 67 36.33 6.27 -19.23
N GLY A 68 35.88 5.13 -18.71
CA GLY A 68 35.66 3.95 -19.53
C GLY A 68 36.97 3.31 -19.94
N HIS A 69 37.01 2.83 -21.18
CA HIS A 69 38.15 2.12 -21.77
C HIS A 69 38.55 0.89 -20.93
N GLN A 70 37.61 -0.06 -20.87
CA GLN A 70 37.83 -1.32 -20.19
C GLN A 70 38.92 -2.11 -20.92
N VAL A 71 40.10 -2.19 -20.31
CA VAL A 71 41.29 -2.74 -20.93
C VAL A 71 41.66 -4.05 -20.27
N LEU A 72 42.44 -4.86 -20.99
CA LEU A 72 43.03 -6.06 -20.44
C LEU A 72 44.54 -5.90 -20.41
N CYS A 73 45.14 -6.11 -19.24
CA CYS A 73 46.59 -6.05 -19.07
C CYS A 73 47.11 -7.37 -18.53
N HIS A 74 48.18 -7.87 -19.13
CA HIS A 74 48.87 -9.06 -18.64
C HIS A 74 49.95 -8.64 -17.67
N VAL A 75 49.74 -8.91 -16.38
CA VAL A 75 50.74 -8.60 -15.37
C VAL A 75 51.59 -9.83 -15.15
N HIS A 76 52.88 -9.71 -15.45
CA HIS A 76 53.83 -10.80 -15.29
C HIS A 76 54.31 -10.85 -13.85
N GLY A 77 55.32 -11.67 -13.57
CA GLY A 77 56.04 -11.55 -12.32
C GLY A 77 55.47 -12.21 -11.08
N ILE A 78 54.16 -12.18 -10.91
CA ILE A 78 53.57 -12.81 -9.73
C ILE A 78 53.62 -14.32 -9.89
N LEU A 79 54.14 -15.01 -8.88
CA LEU A 79 54.16 -16.45 -8.83
C LEU A 79 53.48 -16.90 -7.55
N PRO A 80 52.82 -18.07 -7.52
CA PRO A 80 52.13 -18.46 -6.29
C PRO A 80 53.11 -18.94 -5.24
N TYR A 81 53.31 -18.13 -4.20
CA TYR A 81 54.23 -18.46 -3.12
C TYR A 81 53.48 -18.92 -1.89
N MET A 82 53.95 -20.00 -1.29
CA MET A 82 53.45 -20.51 -0.02
C MET A 82 54.66 -20.93 0.83
N PHE A 83 54.43 -21.04 2.13
CA PHE A 83 55.47 -21.40 3.08
C PHE A 83 55.26 -22.81 3.60
N ILE A 84 56.31 -23.36 4.23
CA ILE A 84 56.29 -24.70 4.79
C ILE A 84 56.79 -24.65 6.23
N LYS A 85 56.64 -25.80 6.91
CA LYS A 85 56.68 -25.81 8.37
C LYS A 85 58.10 -25.63 8.92
N TYR A 86 59.06 -26.40 8.42
CA TYR A 86 60.35 -26.39 9.09
C TYR A 86 61.16 -25.18 8.66
N ASP A 87 62.33 -25.03 9.25
CA ASP A 87 63.00 -23.74 9.31
C ASP A 87 64.37 -23.80 8.65
N GLY A 88 64.78 -22.65 8.11
CA GLY A 88 66.18 -22.47 7.81
C GLY A 88 67.00 -22.38 9.08
N GLN A 89 68.26 -22.80 8.98
CA GLN A 89 69.19 -22.67 10.08
C GLN A 89 69.49 -21.19 10.36
N ILE A 90 69.72 -20.89 11.64
CA ILE A 90 69.81 -19.51 12.11
C ILE A 90 71.02 -18.80 11.52
N THR A 91 72.14 -19.50 11.36
CA THR A 91 73.34 -18.90 10.81
C THR A 91 73.81 -19.52 9.50
N ASP A 92 73.34 -20.71 9.14
CA ASP A 92 73.89 -21.39 7.98
C ASP A 92 73.24 -20.92 6.67
N THR A 93 71.92 -20.72 6.67
CA THR A 93 71.21 -20.43 5.43
C THR A 93 71.49 -19.03 4.90
N SER A 94 71.80 -18.08 5.79
CA SER A 94 72.23 -16.75 5.36
C SER A 94 73.54 -16.83 4.58
N THR A 95 74.48 -17.64 5.06
CA THR A 95 75.73 -17.85 4.35
C THR A 95 75.51 -18.67 3.08
N LEU A 96 74.70 -19.73 3.16
CA LEU A 96 74.57 -20.68 2.06
C LEU A 96 73.15 -21.22 2.04
N ARG A 97 72.38 -20.80 1.05
CA ARG A 97 70.98 -21.17 0.88
C ARG A 97 70.78 -22.32 -0.08
N HIS A 98 71.79 -22.66 -0.86
CA HIS A 98 71.57 -23.39 -2.09
C HIS A 98 71.48 -24.90 -1.88
N GLN A 99 72.13 -25.45 -0.85
CA GLN A 99 71.98 -26.87 -0.58
C GLN A 99 70.60 -27.16 0.02
N ARG A 100 70.09 -26.26 0.85
CA ARG A 100 68.74 -26.41 1.40
C ARG A 100 67.69 -26.25 0.31
N CYS A 101 67.86 -25.25 -0.57
CA CYS A 101 66.96 -25.08 -1.70
C CYS A 101 67.03 -26.25 -2.67
N ALA A 102 68.22 -26.84 -2.85
CA ALA A 102 68.36 -28.04 -3.66
C ALA A 102 67.61 -29.21 -3.07
N GLN A 103 67.69 -29.39 -1.74
CA GLN A 103 66.93 -30.45 -1.07
C GLN A 103 65.42 -30.25 -1.20
N VAL A 104 64.97 -29.00 -1.05
CA VAL A 104 63.53 -28.70 -1.12
C VAL A 104 62.99 -28.95 -2.52
N HIS A 105 63.66 -28.42 -3.54
CA HIS A 105 63.09 -28.63 -4.88
C HIS A 105 63.42 -30.01 -5.43
N LYS A 106 64.38 -30.72 -4.84
CA LYS A 106 64.55 -32.14 -5.16
C LYS A 106 63.37 -32.96 -4.65
N THR A 107 62.96 -32.73 -3.39
CA THR A 107 61.82 -33.46 -2.84
C THR A 107 60.52 -33.07 -3.54
N LEU A 108 60.40 -31.79 -3.94
CA LEU A 108 59.26 -31.41 -4.76
C LEU A 108 59.34 -31.93 -6.19
N GLU A 109 60.54 -32.26 -6.69
CA GLU A 109 60.64 -32.94 -7.98
C GLU A 109 60.18 -34.39 -7.86
N VAL A 110 60.42 -35.01 -6.70
CA VAL A 110 59.83 -36.34 -6.44
C VAL A 110 58.31 -36.23 -6.37
N LYS A 111 57.80 -35.13 -5.79
CA LYS A 111 56.35 -34.88 -5.81
C LYS A 111 55.81 -34.59 -7.21
N ILE A 112 56.64 -34.07 -8.12
CA ILE A 112 56.26 -33.94 -9.51
C ILE A 112 56.21 -35.31 -10.19
N ARG A 113 57.14 -36.20 -9.84
CA ARG A 113 57.05 -37.58 -10.30
C ARG A 113 55.82 -38.29 -9.74
N ALA A 114 55.33 -37.86 -8.57
CA ALA A 114 54.08 -38.38 -8.02
C ALA A 114 52.83 -37.72 -8.60
N SER A 115 52.96 -36.73 -9.49
CA SER A 115 51.80 -36.03 -10.02
C SER A 115 50.97 -36.94 -10.93
N PHE A 116 49.71 -36.55 -11.13
CA PHE A 116 48.66 -37.41 -11.67
C PHE A 116 48.77 -37.67 -13.16
N LYS A 117 49.58 -36.88 -13.88
CA LYS A 117 49.70 -36.78 -15.36
C LYS A 117 48.37 -36.88 -16.14
N LYS A 130 68.54 -34.10 -13.31
CA LYS A 130 67.46 -34.50 -14.20
C LYS A 130 66.27 -33.55 -14.09
N LEU A 131 65.44 -33.57 -15.14
CA LEU A 131 64.25 -32.73 -15.30
C LEU A 131 64.57 -31.23 -15.17
N GLY A 132 65.42 -30.77 -16.08
CA GLY A 132 65.59 -29.34 -16.25
C GLY A 132 64.43 -28.75 -17.02
N ASN A 133 64.16 -27.47 -16.74
CA ASN A 133 62.95 -26.75 -17.16
C ASN A 133 61.69 -27.52 -16.77
N LEU A 134 61.54 -27.70 -15.47
CA LEU A 134 60.52 -28.54 -14.88
C LEU A 134 59.26 -27.73 -14.59
N ASN A 135 58.11 -28.40 -14.70
CA ASN A 135 56.84 -27.72 -14.98
C ASN A 135 56.27 -26.99 -13.76
N PHE A 136 56.40 -27.55 -12.55
CA PHE A 136 55.49 -27.16 -11.49
C PHE A 136 56.10 -26.36 -10.35
N VAL A 137 57.38 -26.48 -10.05
CA VAL A 137 57.94 -25.86 -8.85
C VAL A 137 58.92 -24.77 -9.22
N ALA A 138 58.80 -23.63 -8.54
CA ALA A 138 59.63 -22.45 -8.66
C ALA A 138 60.64 -22.38 -7.51
N ASP A 139 61.34 -21.25 -7.43
CA ASP A 139 62.33 -20.97 -6.38
C ASP A 139 61.75 -21.08 -4.96
N VAL A 140 62.53 -21.69 -4.07
CA VAL A 140 62.06 -22.16 -2.77
C VAL A 140 62.81 -21.49 -1.62
N SER A 141 63.28 -20.27 -1.84
CA SER A 141 64.08 -19.51 -0.87
C SER A 141 63.28 -19.19 0.39
N VAL A 142 63.99 -18.82 1.45
CA VAL A 142 63.42 -18.79 2.80
C VAL A 142 63.10 -17.34 3.17
N VAL A 143 61.98 -17.15 3.86
CA VAL A 143 61.47 -15.84 4.24
C VAL A 143 61.04 -15.92 5.71
N LYS A 144 61.46 -14.94 6.51
CA LYS A 144 61.17 -14.94 7.93
C LYS A 144 59.77 -14.39 8.20
N GLY A 145 59.46 -14.26 9.48
CA GLY A 145 58.26 -13.60 9.95
C GLY A 145 57.77 -14.23 11.23
N ILE A 146 56.88 -13.51 11.91
CA ILE A 146 56.14 -14.10 13.04
C ILE A 146 55.00 -14.94 12.47
N PRO A 147 54.86 -16.20 12.89
CA PRO A 147 53.63 -16.96 12.55
C PRO A 147 52.42 -16.34 13.20
N PHE A 148 51.51 -15.83 12.35
CA PHE A 148 50.22 -15.27 12.76
C PHE A 148 49.44 -16.22 13.63
N TYR A 149 49.29 -17.46 13.19
CA TYR A 149 48.88 -18.56 14.05
C TYR A 149 50.02 -18.90 14.98
N GLY A 150 49.86 -18.67 16.28
CA GLY A 150 50.83 -19.18 17.22
C GLY A 150 51.43 -18.24 18.25
N TYR A 151 51.57 -16.95 17.90
CA TYR A 151 52.07 -15.89 18.79
C TYR A 151 53.45 -16.20 19.35
N HIS A 152 54.43 -16.30 18.45
CA HIS A 152 55.82 -16.41 18.83
C HIS A 152 56.53 -15.18 18.29
N VAL A 153 57.00 -14.32 19.21
CA VAL A 153 57.54 -13.01 18.82
C VAL A 153 58.91 -13.15 18.17
N GLY A 154 59.59 -14.27 18.40
CA GLY A 154 60.80 -14.56 17.64
C GLY A 154 60.46 -14.84 16.18
N TRP A 155 61.18 -14.16 15.29
CA TRP A 155 61.13 -14.47 13.87
C TRP A 155 61.50 -15.91 13.59
N ASN A 156 60.69 -16.54 12.74
CA ASN A 156 60.79 -17.96 12.44
C ASN A 156 60.84 -18.14 10.94
N LEU A 157 61.97 -18.65 10.44
CA LEU A 157 62.18 -18.81 9.01
C LEU A 157 61.26 -19.90 8.46
N PHE A 158 60.54 -19.59 7.39
CA PHE A 158 59.77 -20.60 6.67
C PHE A 158 60.17 -20.51 5.20
N TYR A 159 60.31 -21.66 4.55
CA TYR A 159 60.77 -21.67 3.16
C TYR A 159 59.61 -21.28 2.26
N LYS A 160 59.78 -20.14 1.57
CA LYS A 160 58.75 -19.61 0.69
C LYS A 160 58.83 -20.36 -0.62
N ILE A 161 58.12 -21.49 -0.69
CA ILE A 161 58.14 -22.26 -1.93
C ILE A 161 57.16 -21.60 -2.91
N SER A 162 57.73 -20.81 -3.83
CA SER A 162 56.96 -20.36 -4.97
C SER A 162 56.68 -21.53 -5.91
N LEU A 163 55.56 -21.46 -6.60
CA LEU A 163 55.15 -22.56 -7.46
C LEU A 163 54.97 -22.07 -8.89
N LEU A 164 54.51 -22.97 -9.76
CA LEU A 164 54.25 -22.66 -11.16
C LEU A 164 52.91 -23.16 -11.66
N ASN A 165 52.17 -23.91 -10.85
CA ASN A 165 50.87 -24.46 -11.25
C ASN A 165 49.88 -24.04 -10.16
N PRO A 166 49.22 -22.88 -10.32
CA PRO A 166 48.31 -22.40 -9.27
C PRO A 166 47.05 -23.23 -9.10
N SER A 167 46.64 -23.98 -10.12
CA SER A 167 45.55 -24.94 -9.93
C SER A 167 45.95 -26.05 -8.96
N CYS A 168 47.16 -26.55 -9.08
CA CYS A 168 47.59 -27.74 -8.36
C CYS A 168 48.12 -27.47 -6.96
N LEU A 169 48.24 -26.20 -6.54
CA LEU A 169 48.84 -25.84 -5.25
C LEU A 169 48.07 -26.43 -4.08
N SER A 170 46.73 -26.37 -4.15
CA SER A 170 45.88 -27.03 -3.16
C SER A 170 46.05 -28.54 -3.21
N ARG A 171 46.09 -29.10 -4.43
CA ARG A 171 46.24 -30.54 -4.62
C ARG A 171 47.58 -31.04 -4.12
N ILE A 172 48.68 -30.40 -4.51
CA ILE A 172 49.98 -30.86 -4.06
C ILE A 172 50.20 -30.50 -2.58
N SER A 173 49.49 -29.49 -2.06
CA SER A 173 49.52 -29.22 -0.63
C SER A 173 48.84 -30.32 0.17
N GLU A 174 47.72 -30.83 -0.34
CA GLU A 174 47.10 -31.99 0.31
C GLU A 174 47.92 -33.27 0.10
N LEU A 175 48.74 -33.31 -0.96
CA LEU A 175 49.69 -34.41 -1.11
C LEU A 175 50.81 -34.32 -0.08
N ILE A 176 51.25 -33.10 0.24
CA ILE A 176 52.20 -32.87 1.32
C ILE A 176 51.59 -33.30 2.65
N ARG A 177 50.32 -32.92 2.89
CA ARG A 177 49.62 -33.28 4.12
C ARG A 177 49.38 -34.78 4.21
N ASP A 178 49.25 -35.45 3.06
CA ASP A 178 49.21 -36.91 3.05
C ASP A 178 50.56 -37.48 3.47
N GLY A 179 51.65 -36.88 3.00
CA GLY A 179 52.98 -37.37 3.25
C GLY A 179 53.24 -38.72 2.62
N LYS A 180 52.82 -38.86 1.35
CA LYS A 180 53.03 -40.10 0.61
C LYS A 180 54.51 -40.37 0.38
N ILE A 181 55.30 -39.33 0.18
CA ILE A 181 56.73 -39.48 -0.11
C ILE A 181 57.54 -39.15 1.13
N PHE A 182 57.33 -37.97 1.70
CA PHE A 182 58.18 -37.53 2.80
C PHE A 182 57.67 -38.13 4.11
N GLY A 183 58.61 -38.34 5.04
CA GLY A 183 58.32 -39.04 6.27
C GLY A 183 57.42 -38.28 7.24
N LYS A 184 57.31 -36.97 7.10
CA LYS A 184 56.47 -36.17 7.97
C LYS A 184 55.65 -35.20 7.15
N LYS A 185 54.52 -34.79 7.73
CA LYS A 185 53.59 -33.87 7.09
C LYS A 185 53.81 -32.47 7.63
N PHE A 186 53.90 -31.50 6.72
CA PHE A 186 54.20 -30.13 7.11
C PHE A 186 52.96 -29.26 7.09
N GLU A 187 53.11 -28.07 7.67
CA GLU A 187 52.11 -27.03 7.56
C GLU A 187 52.27 -26.28 6.25
N ILE A 188 51.21 -26.17 5.52
CA ILE A 188 51.08 -25.26 4.39
C ILE A 188 50.51 -23.96 4.96
N TYR A 189 50.89 -22.85 4.36
CA TYR A 189 50.68 -21.54 4.96
C TYR A 189 49.73 -20.72 4.08
N GLU A 190 49.53 -19.46 4.51
CA GLU A 190 48.70 -18.44 3.83
C GLU A 190 47.24 -18.85 3.66
N SER A 191 46.74 -19.77 4.50
CA SER A 191 45.37 -20.33 4.46
C SER A 191 44.98 -20.93 3.11
N HIS A 192 45.99 -21.38 2.35
CA HIS A 192 45.93 -21.88 0.96
C HIS A 192 45.00 -21.05 0.08
N ILE A 193 45.22 -19.74 0.09
CA ILE A 193 44.44 -18.77 -0.68
C ILE A 193 44.70 -18.98 -2.17
N PRO A 194 43.77 -18.63 -3.05
CA PRO A 194 44.06 -18.72 -4.48
C PRO A 194 45.06 -17.66 -4.91
N TYR A 195 45.60 -17.90 -6.10
CA TYR A 195 46.65 -17.09 -6.71
C TYR A 195 46.20 -15.66 -6.94
N LEU A 196 44.91 -15.47 -7.26
CA LEU A 196 44.27 -14.17 -7.31
C LEU A 196 44.38 -13.40 -6.00
N LEU A 197 44.06 -14.07 -4.89
CA LEU A 197 44.04 -13.37 -3.60
C LEU A 197 45.44 -13.09 -3.10
N GLN A 198 46.38 -14.02 -3.35
CA GLN A 198 47.77 -13.77 -2.98
C GLN A 198 48.33 -12.60 -3.78
N TRP A 199 48.00 -12.54 -5.08
CA TRP A 199 48.41 -11.43 -5.93
C TRP A 199 47.85 -10.10 -5.44
N THR A 200 46.57 -10.06 -5.08
CA THR A 200 46.02 -8.79 -4.58
C THR A 200 46.44 -8.49 -3.16
N ALA A 201 46.97 -9.49 -2.44
CA ALA A 201 47.58 -9.24 -1.15
C ALA A 201 48.95 -8.58 -1.28
N ASP A 202 49.67 -8.88 -2.37
CA ASP A 202 51.07 -8.44 -2.49
C ASP A 202 51.22 -6.91 -2.55
N PHE A 203 50.53 -6.26 -3.50
CA PHE A 203 50.83 -4.88 -3.85
C PHE A 203 49.85 -3.89 -3.27
N ASN A 204 49.02 -4.30 -2.29
CA ASN A 204 47.87 -3.54 -1.78
C ASN A 204 46.89 -3.17 -2.90
N LEU A 205 46.83 -4.01 -3.94
CA LEU A 205 46.13 -3.67 -5.18
C LEU A 205 44.67 -4.06 -5.00
N PHE A 206 43.92 -3.12 -4.42
CA PHE A 206 42.53 -3.39 -4.08
C PHE A 206 41.63 -3.36 -5.30
N GLY A 207 40.53 -4.12 -5.20
CA GLY A 207 39.61 -4.21 -6.31
C GLY A 207 38.84 -2.92 -6.52
N CYS A 208 38.70 -2.53 -7.79
CA CYS A 208 38.04 -1.30 -8.25
C CYS A 208 38.66 -0.06 -7.62
N SER A 209 39.98 -0.05 -7.52
CA SER A 209 40.71 1.03 -6.87
C SER A 209 41.73 1.64 -7.83
N TRP A 210 41.66 2.96 -7.97
CA TRP A 210 42.67 3.73 -8.69
C TRP A 210 44.05 3.56 -8.06
N ILE A 211 45.06 3.32 -8.91
CA ILE A 211 46.46 3.27 -8.53
C ILE A 211 47.26 4.14 -9.49
N ASN A 212 48.58 4.16 -9.30
CA ASN A 212 49.50 4.84 -10.20
C ASN A 212 50.59 3.88 -10.66
N VAL A 213 51.33 4.29 -11.69
CA VAL A 213 52.45 3.54 -12.24
C VAL A 213 53.56 4.53 -12.55
N ASP A 214 54.75 4.02 -12.79
CA ASP A 214 55.90 4.83 -13.18
C ASP A 214 55.90 5.01 -14.71
N ARG A 215 56.97 5.61 -15.23
CA ARG A 215 57.34 5.46 -16.63
C ARG A 215 57.46 3.97 -16.96
N CYS A 216 56.70 3.52 -17.96
CA CYS A 216 56.44 2.10 -18.11
C CYS A 216 56.33 1.74 -19.58
N TYR A 217 56.22 0.43 -19.84
CA TYR A 217 56.23 -0.12 -21.18
C TYR A 217 54.84 -0.62 -21.52
N PHE A 218 54.41 -0.34 -22.75
CA PHE A 218 53.10 -0.77 -23.24
C PHE A 218 53.27 -1.96 -24.17
N ARG A 219 52.28 -2.85 -24.15
CA ARG A 219 52.36 -4.06 -24.98
C ARG A 219 52.14 -3.74 -26.45
N SER A 220 51.03 -3.06 -26.77
CA SER A 220 50.57 -2.97 -28.14
C SER A 220 49.69 -1.73 -28.28
N PRO A 221 49.45 -1.26 -29.51
CA PRO A 221 48.45 -0.21 -29.72
C PRO A 221 47.01 -0.72 -29.60
N VAL A 222 46.06 0.17 -29.88
CA VAL A 222 44.65 -0.22 -29.92
C VAL A 222 44.44 -1.09 -31.16
N LEU A 223 44.20 -2.37 -30.94
CA LEU A 223 43.90 -3.29 -32.03
C LEU A 223 42.39 -3.31 -32.26
N ASN A 224 41.94 -4.23 -33.13
CA ASN A 224 40.62 -4.25 -33.75
C ASN A 224 40.27 -2.89 -34.35
N SER A 225 41.12 -2.46 -35.27
CA SER A 225 40.95 -1.16 -35.92
C SER A 225 39.84 -1.17 -36.95
N ILE A 226 39.71 -2.26 -37.72
CA ILE A 226 38.62 -2.36 -38.68
C ILE A 226 37.29 -2.56 -37.98
N LEU A 227 37.30 -3.15 -36.79
CA LEU A 227 36.13 -3.14 -35.93
C LEU A 227 35.88 -1.74 -35.39
N ASP A 228 34.66 -1.52 -34.91
CA ASP A 228 34.14 -0.21 -34.57
C ASP A 228 34.60 0.27 -33.20
N ILE A 229 35.38 -0.55 -32.49
CA ILE A 229 35.98 -0.14 -31.22
C ILE A 229 36.91 1.06 -31.41
N ASP A 230 37.75 1.02 -32.46
CA ASP A 230 38.75 2.05 -32.65
C ASP A 230 38.18 3.38 -33.14
N LYS A 231 36.97 3.37 -33.70
CA LYS A 231 36.44 4.59 -34.31
C LYS A 231 35.72 5.49 -33.29
N LEU A 232 34.70 4.97 -32.61
CA LEU A 232 33.92 5.80 -31.71
C LEU A 232 34.25 5.61 -30.24
N THR A 233 34.60 4.40 -29.80
CA THR A 233 34.77 4.12 -28.37
C THR A 233 36.02 4.76 -27.81
N ILE A 234 36.99 5.13 -28.66
CA ILE A 234 38.10 5.97 -28.24
C ILE A 234 37.60 7.36 -27.85
N ASN A 235 38.40 8.04 -27.03
CA ASN A 235 38.09 9.40 -26.62
C ASN A 235 39.38 10.16 -26.40
N ASP A 236 39.38 11.44 -26.78
CA ASP A 236 40.63 12.20 -26.95
C ASP A 236 41.30 12.52 -25.62
N ASP A 237 40.52 12.61 -24.53
CA ASP A 237 41.09 12.84 -23.21
C ASP A 237 41.95 11.68 -22.75
N LEU A 238 41.66 10.47 -23.24
CA LEU A 238 42.48 9.34 -22.86
C LEU A 238 43.78 9.25 -23.66
N GLN A 239 43.84 9.77 -24.89
CA GLN A 239 45.17 9.96 -25.48
C GLN A 239 45.93 11.10 -24.82
N LEU A 240 45.22 12.13 -24.32
CA LEU A 240 45.90 13.09 -23.45
C LEU A 240 46.34 12.47 -22.13
N LEU A 241 45.66 11.41 -21.68
CA LEU A 241 46.15 10.64 -20.54
C LEU A 241 47.39 9.82 -20.91
N LEU A 242 47.38 9.17 -22.07
CA LEU A 242 48.49 8.32 -22.48
C LEU A 242 49.51 9.04 -23.34
N ASP A 243 49.62 10.37 -23.18
CA ASP A 243 50.70 11.16 -23.78
C ASP A 243 52.12 10.70 -23.41
N ARG A 244 52.30 9.89 -22.36
CA ARG A 244 53.61 9.45 -21.91
C ARG A 244 53.80 7.94 -22.08
N PHE A 245 53.15 7.35 -23.09
CA PHE A 245 52.98 5.89 -23.13
C PHE A 245 54.25 5.15 -23.55
N CYS A 246 55.04 5.71 -24.47
CA CYS A 246 56.27 5.07 -24.93
C CYS A 246 57.48 5.94 -24.59
N ASP A 247 58.66 5.34 -24.66
CA ASP A 247 59.91 6.08 -24.56
C ASP A 247 60.57 6.29 -25.92
N PHE A 248 60.78 5.20 -26.67
CA PHE A 248 61.55 5.24 -27.90
C PHE A 248 60.87 4.47 -29.03
N LYS A 249 59.69 3.90 -28.79
CA LYS A 249 58.84 3.10 -29.67
C LYS A 249 59.44 1.72 -29.96
N CYS A 250 60.49 1.34 -29.23
CA CYS A 250 60.85 -0.06 -29.06
C CYS A 250 60.14 -0.64 -27.84
N ASN A 251 59.36 0.18 -27.15
CA ASN A 251 58.61 -0.24 -25.97
C ASN A 251 57.49 -1.20 -26.31
N VAL A 252 56.97 -1.13 -27.54
CA VAL A 252 55.98 -2.08 -28.03
C VAL A 252 56.54 -3.49 -28.03
N LEU A 253 55.72 -4.44 -27.59
CA LEU A 253 56.13 -5.83 -27.56
C LEU A 253 55.91 -6.45 -28.93
N SER A 254 56.86 -7.26 -29.37
CA SER A 254 56.83 -7.83 -30.70
C SER A 254 55.70 -8.83 -30.85
N ARG A 255 54.96 -8.74 -31.96
CA ARG A 255 53.79 -9.57 -32.16
C ARG A 255 54.17 -10.99 -32.58
N ARG A 256 55.33 -11.15 -33.22
CA ARG A 256 55.73 -12.48 -33.68
C ARG A 256 56.17 -13.37 -32.52
N ASP A 257 56.68 -12.79 -31.45
CA ASP A 257 57.08 -13.55 -30.27
C ASP A 257 56.05 -13.47 -29.15
N PHE A 258 55.47 -12.30 -28.92
CA PHE A 258 54.59 -12.06 -27.78
C PHE A 258 53.35 -11.33 -28.27
N PRO A 259 52.42 -12.04 -28.88
CA PRO A 259 51.31 -11.40 -29.58
C PRO A 259 50.27 -10.83 -28.63
N ARG A 260 49.55 -9.83 -29.13
CA ARG A 260 48.50 -9.15 -28.36
C ARG A 260 47.28 -10.06 -28.33
N VAL A 261 47.22 -10.89 -27.31
CA VAL A 261 46.12 -11.83 -27.13
C VAL A 261 45.02 -11.15 -26.34
N GLY A 262 43.79 -11.27 -26.81
CA GLY A 262 42.67 -10.69 -26.11
C GLY A 262 42.08 -9.51 -26.86
N ASN A 263 40.78 -9.30 -26.66
CA ASN A 263 40.03 -8.24 -27.32
C ASN A 263 39.76 -7.13 -26.32
N GLY A 264 40.09 -5.90 -26.69
CA GLY A 264 39.84 -4.77 -25.84
C GLY A 264 40.66 -3.56 -26.28
N LEU A 265 40.66 -2.55 -25.42
CA LEU A 265 41.42 -1.33 -25.64
C LEU A 265 42.84 -1.52 -25.09
N ILE A 266 43.59 -0.42 -25.03
CA ILE A 266 45.06 -0.47 -25.14
C ILE A 266 45.69 -1.02 -23.86
N GLU A 267 46.67 -1.89 -24.04
CA GLU A 267 47.29 -2.66 -22.97
C GLU A 267 48.67 -2.08 -22.66
N ILE A 268 48.88 -1.73 -21.39
CA ILE A 268 50.19 -1.31 -20.92
C ILE A 268 50.60 -2.33 -19.86
N ASP A 269 51.53 -3.23 -20.23
CA ASP A 269 51.98 -4.27 -19.33
C ASP A 269 52.76 -3.72 -18.15
N ILE A 270 52.64 -4.38 -17.01
CA ILE A 270 53.32 -3.97 -15.78
C ILE A 270 54.03 -5.15 -15.15
N LEU A 271 55.28 -4.94 -14.74
CA LEU A 271 56.01 -5.82 -13.86
C LEU A 271 55.63 -5.51 -12.41
N PRO A 272 55.84 -6.45 -11.48
CA PRO A 272 55.68 -6.11 -10.06
C PRO A 272 56.73 -5.15 -9.54
N GLN A 273 57.84 -4.96 -10.25
CA GLN A 273 58.70 -3.81 -9.98
C GLN A 273 58.10 -2.53 -10.54
N PHE A 274 57.32 -2.62 -11.62
CA PHE A 274 56.76 -1.43 -12.24
C PHE A 274 55.59 -0.83 -11.50
N ILE A 275 55.00 -1.53 -10.52
CA ILE A 275 53.81 -1.02 -9.85
C ILE A 275 54.24 0.09 -8.90
N LYS A 276 54.01 1.34 -9.29
CA LYS A 276 54.26 2.47 -8.40
C LYS A 276 52.96 2.85 -7.68
N ASN A 277 52.51 1.90 -6.88
CA ASN A 277 51.46 2.12 -5.89
C ASN A 277 52.01 2.89 -4.69
N ARG A 278 51.10 3.21 -3.77
CA ARG A 278 51.50 3.66 -2.44
C ARG A 278 52.38 2.61 -1.74
N GLU A 279 52.05 1.32 -1.91
CA GLU A 279 52.72 0.17 -1.27
C GLU A 279 52.83 0.35 0.24
N LYS A 280 51.69 0.65 0.86
CA LYS A 280 51.68 0.90 2.30
C LYS A 280 51.44 -0.37 3.10
N LEU A 281 52.26 -1.38 2.84
CA LEU A 281 52.39 -2.56 3.68
C LEU A 281 53.67 -2.34 4.47
N GLN A 282 53.54 -1.74 5.65
CA GLN A 282 54.69 -1.25 6.40
C GLN A 282 55.52 -2.41 6.96
N HIS A 283 56.69 -2.05 7.49
CA HIS A 283 57.47 -2.99 8.27
C HIS A 283 56.72 -3.40 9.53
N ARG A 284 56.19 -2.40 10.26
CA ARG A 284 55.60 -2.55 11.60
C ARG A 284 56.47 -3.40 12.53
N ASP A 285 57.76 -3.03 12.61
CA ASP A 285 58.81 -3.85 13.19
C ASP A 285 58.68 -4.06 14.70
N ILE A 286 57.78 -3.31 15.36
CA ILE A 286 57.54 -3.47 16.80
C ILE A 286 56.47 -4.56 16.99
N HIS A 287 56.09 -5.23 15.90
CA HIS A 287 55.47 -6.55 16.03
C HIS A 287 56.48 -7.55 16.56
N HIS A 288 57.75 -7.42 16.14
CA HIS A 288 58.83 -8.26 16.65
C HIS A 288 59.47 -7.65 17.89
N ASP A 289 59.47 -6.34 18.01
CA ASP A 289 59.93 -5.70 19.23
C ASP A 289 58.79 -5.68 20.24
N PHE A 290 58.98 -4.99 21.35
CA PHE A 290 58.00 -4.95 22.41
C PHE A 290 57.53 -3.53 22.62
N LEU A 291 56.22 -3.37 22.86
CA LEU A 291 55.65 -2.04 23.05
C LEU A 291 56.03 -1.44 24.40
N GLU A 292 56.44 -2.27 25.35
CA GLU A 292 56.99 -1.76 26.60
C GLU A 292 58.32 -1.06 26.39
N LYS A 293 59.07 -1.44 25.35
CA LYS A 293 60.35 -0.83 25.06
C LYS A 293 60.20 0.29 24.03
N ARG A 320 43.95 3.96 5.74
CA ARG A 320 43.31 4.55 4.58
C ARG A 320 42.04 5.29 4.97
N GLU A 321 41.11 5.36 4.02
CA GLU A 321 39.75 5.89 4.18
C GLU A 321 39.77 7.34 4.67
N GLU A 322 40.33 8.20 3.83
CA GLU A 322 40.44 9.63 4.14
C GLU A 322 39.54 10.40 3.18
N LEU A 323 38.78 11.33 3.73
CA LEU A 323 37.82 12.12 2.96
C LEU A 323 38.21 13.59 3.01
N SER A 324 38.17 14.23 1.85
CA SER A 324 38.41 15.67 1.74
C SER A 324 37.12 16.46 1.80
N LEU A 325 36.01 15.79 2.15
CA LEU A 325 34.75 16.47 2.45
C LEU A 325 34.96 17.46 3.60
N LYS A 326 34.29 18.61 3.48
CA LYS A 326 34.59 19.79 4.30
C LYS A 326 34.31 19.57 5.79
N GLU A 327 33.19 18.92 6.13
CA GLU A 327 32.83 18.73 7.53
C GLU A 327 33.78 17.74 8.22
N TYR A 328 33.84 16.51 7.71
CA TYR A 328 34.65 15.38 8.21
C TYR A 328 34.62 15.23 9.74
N LYS A 329 33.41 15.08 10.27
CA LYS A 329 33.24 14.91 11.71
C LYS A 329 33.78 13.58 12.19
N GLU A 330 34.31 13.59 13.41
CA GLU A 330 34.89 12.40 14.02
C GLU A 330 33.79 11.42 14.43
N THR A 334 35.78 8.18 27.32
CA THR A 334 36.46 7.28 28.24
C THR A 334 35.46 6.53 29.10
N LYS A 335 35.76 5.26 29.38
CA LYS A 335 34.89 4.38 30.16
C LYS A 335 35.67 3.74 31.30
N ARG A 336 34.96 3.44 32.37
CA ARG A 336 35.58 2.89 33.57
C ARG A 336 35.98 1.43 33.34
N HIS A 337 37.13 1.04 33.88
CA HIS A 337 37.63 -0.30 33.69
C HIS A 337 36.91 -1.28 34.61
N VAL A 338 36.88 -2.55 34.22
CA VAL A 338 36.09 -3.54 34.95
C VAL A 338 36.80 -3.95 36.25
N SER A 339 38.12 -3.67 36.36
CA SER A 339 38.88 -3.70 37.61
C SER A 339 38.87 -5.08 38.30
N GLY A 340 39.48 -6.05 37.63
CA GLY A 340 39.31 -7.44 38.04
C GLY A 340 38.07 -8.12 37.50
N HIS A 341 38.05 -8.23 36.17
CA HIS A 341 36.93 -8.76 35.39
C HIS A 341 36.81 -10.28 35.46
N GLN A 342 36.45 -10.76 36.66
CA GLN A 342 36.08 -12.15 36.87
C GLN A 342 34.85 -12.51 36.05
N TRP A 343 34.87 -13.70 35.43
CA TRP A 343 33.75 -14.21 34.67
C TRP A 343 33.02 -15.33 35.40
N GLN A 344 33.22 -15.43 36.71
CA GLN A 344 32.62 -16.36 37.68
C GLN A 344 33.11 -17.80 37.51
N SER A 345 33.97 -18.07 36.54
CA SER A 345 34.73 -19.31 36.47
C SER A 345 36.19 -19.05 36.14
N SER A 346 36.56 -17.81 35.78
CA SER A 346 37.91 -17.49 35.36
C SER A 346 38.90 -17.48 36.52
N GLY A 347 38.42 -17.42 37.77
CA GLY A 347 39.33 -17.53 38.91
C GLY A 347 39.99 -18.89 39.00
N GLU A 348 39.24 -19.96 38.74
CA GLU A 348 39.83 -21.30 38.69
C GLU A 348 40.78 -21.45 37.52
N PHE A 349 40.47 -20.82 36.39
CA PHE A 349 41.34 -20.94 35.22
C PHE A 349 42.63 -20.15 35.41
N GLU A 350 42.56 -18.98 36.03
CA GLU A 350 43.79 -18.24 36.32
C GLU A 350 44.59 -18.89 37.45
N ALA A 351 43.91 -19.57 38.39
CA ALA A 351 44.61 -20.31 39.43
C ALA A 351 45.38 -21.49 38.85
N PHE A 352 44.73 -22.24 37.95
CA PHE A 352 45.44 -23.34 37.31
C PHE A 352 46.43 -22.84 36.27
N TYR A 353 46.24 -21.64 35.75
CA TYR A 353 47.25 -20.98 34.93
C TYR A 353 48.51 -20.71 35.73
N LYS A 354 48.35 -20.14 36.93
CA LYS A 354 49.50 -19.90 37.80
C LYS A 354 50.17 -21.20 38.23
N LYS A 355 49.36 -22.24 38.50
CA LYS A 355 49.90 -23.51 38.98
C LYS A 355 50.68 -24.23 37.88
N ALA A 356 50.08 -24.34 36.68
CA ALA A 356 50.78 -24.97 35.57
C ALA A 356 51.92 -24.10 35.05
N GLN A 357 51.82 -22.78 35.23
CA GLN A 357 52.93 -21.89 34.91
C GLN A 357 54.14 -22.15 35.79
N HIS A 358 53.91 -22.27 37.10
CA HIS A 358 54.98 -22.64 38.01
C HIS A 358 55.49 -24.05 37.73
N LYS A 359 54.62 -24.94 37.25
CA LYS A 359 55.08 -26.23 36.80
C LYS A 359 55.89 -26.14 35.51
N THR A 360 55.57 -25.17 34.64
CA THR A 360 56.24 -25.01 33.35
C THR A 360 57.21 -23.84 33.34
N SER A 361 57.77 -23.48 34.49
CA SER A 361 58.66 -22.35 34.56
C SER A 361 60.10 -22.80 34.29
N THR A 362 61.05 -21.90 34.49
CA THR A 362 62.45 -22.22 34.24
C THR A 362 63.02 -23.14 35.31
N PHE A 363 62.94 -22.70 36.58
CA PHE A 363 63.56 -23.19 37.82
C PHE A 363 65.06 -22.93 37.87
N ASP A 364 65.66 -22.34 36.83
CA ASP A 364 67.05 -21.91 36.85
C ASP A 364 67.21 -20.78 35.84
N GLY A 365 68.00 -19.77 36.22
CA GLY A 365 68.20 -18.59 35.41
C GLY A 365 66.94 -17.75 35.29
N GLN A 366 66.36 -17.39 36.44
CA GLN A 366 65.11 -16.64 36.49
C GLN A 366 65.36 -15.17 36.14
N ILE A 367 65.18 -14.82 34.88
CA ILE A 367 65.24 -13.42 34.48
C ILE A 367 64.07 -13.15 33.53
N PRO A 368 62.87 -12.89 34.06
CA PRO A 368 61.67 -12.62 33.23
C PRO A 368 61.49 -11.17 32.79
N ASN A 369 62.25 -10.75 31.78
CA ASN A 369 62.16 -9.39 31.26
C ASN A 369 61.81 -9.43 29.78
N PHE A 370 60.83 -8.62 29.38
CA PHE A 370 60.43 -8.49 27.99
C PHE A 370 61.58 -7.99 27.12
N GLU A 371 62.40 -7.09 27.67
CA GLU A 371 63.63 -6.66 27.00
C GLU A 371 64.62 -7.80 26.86
N ASN A 372 64.64 -8.73 27.81
CA ASN A 372 65.64 -9.79 27.78
C ASN A 372 65.35 -10.84 26.72
N PHE A 373 64.07 -11.21 26.56
CA PHE A 373 63.76 -12.37 25.73
C PHE A 373 63.84 -12.09 24.24
N ILE A 374 63.70 -10.83 23.82
CA ILE A 374 64.02 -10.49 22.43
C ILE A 374 65.53 -10.54 22.19
N ASP A 375 66.32 -9.96 23.09
CA ASP A 375 67.73 -9.69 22.82
C ASP A 375 68.59 -10.94 22.85
N LYS A 376 68.14 -12.00 23.53
CA LYS A 376 68.80 -13.30 23.39
C LYS A 376 68.57 -13.87 21.99
N ASN A 377 67.36 -13.66 21.45
CA ASN A 377 66.99 -14.15 20.13
C ASN A 377 67.50 -13.26 19.00
N GLN A 378 67.79 -11.98 19.28
CA GLN A 378 68.00 -11.00 18.23
C GLN A 378 69.43 -11.00 17.68
N LYS A 379 70.29 -11.91 18.17
CA LYS A 379 71.57 -12.15 17.50
C LYS A 379 71.38 -12.84 16.15
N PHE A 380 70.22 -13.47 15.93
CA PHE A 380 69.80 -13.91 14.60
C PHE A 380 69.75 -12.73 13.64
N SER A 381 70.31 -12.92 12.46
CA SER A 381 70.58 -11.84 11.52
C SER A 381 69.32 -11.42 10.78
N ALA A 382 69.47 -10.43 9.91
CA ALA A 382 68.38 -9.82 9.17
C ALA A 382 68.35 -10.41 7.76
N ILE A 383 67.33 -11.23 7.50
CA ILE A 383 67.19 -12.02 6.28
C ILE A 383 65.86 -11.56 5.67
N ASN A 384 65.48 -12.10 4.50
CA ASN A 384 64.36 -11.69 3.67
C ASN A 384 63.03 -11.61 4.42
N THR A 385 62.45 -10.40 4.45
CA THR A 385 61.17 -10.11 5.07
C THR A 385 60.06 -10.32 4.04
N PRO A 386 58.80 -10.46 4.48
CA PRO A 386 57.70 -10.51 3.50
C PRO A 386 57.54 -9.26 2.65
N TYR A 387 57.91 -8.09 3.15
CA TYR A 387 57.94 -6.91 2.30
C TYR A 387 59.25 -6.78 1.54
N GLU A 388 60.22 -7.67 1.78
CA GLU A 388 61.40 -7.78 0.94
C GLU A 388 61.30 -8.92 -0.06
N ALA A 389 60.48 -9.93 0.23
CA ALA A 389 60.32 -11.10 -0.63
C ALA A 389 59.66 -10.73 -1.96
N LEU A 390 58.69 -9.80 -1.90
CA LEU A 390 57.91 -9.45 -3.10
C LEU A 390 58.74 -8.75 -4.17
N PRO A 391 59.44 -7.63 -3.92
CA PRO A 391 60.26 -7.06 -5.01
C PRO A 391 61.53 -7.86 -5.32
N GLN A 392 61.82 -8.93 -4.59
CA GLN A 392 63.09 -9.62 -4.74
C GLN A 392 63.14 -10.43 -6.03
N LEU A 393 64.27 -10.34 -6.71
CA LEU A 393 64.80 -11.21 -7.76
C LEU A 393 64.06 -11.08 -9.09
N TRP A 394 63.02 -10.22 -9.20
CA TRP A 394 62.63 -9.90 -10.58
C TRP A 394 62.34 -8.44 -10.95
N PRO A 395 63.16 -7.42 -10.58
CA PRO A 395 63.32 -6.31 -11.55
C PRO A 395 64.01 -6.79 -12.80
N ARG A 396 65.20 -7.37 -12.55
CA ARG A 396 66.15 -7.97 -13.49
C ARG A 396 66.38 -7.20 -14.79
N LEU A 397 66.49 -5.86 -14.70
CA LEU A 397 66.66 -4.91 -15.81
C LEU A 397 65.68 -5.21 -16.94
N PRO A 398 64.39 -4.99 -16.74
CA PRO A 398 63.36 -5.64 -17.57
C PRO A 398 63.31 -5.16 -19.01
N GLN A 399 63.16 -6.14 -19.91
CA GLN A 399 63.09 -5.95 -21.37
C GLN A 399 64.31 -5.20 -21.90
N ILE A 400 65.49 -5.57 -21.40
CA ILE A 400 66.72 -4.91 -21.81
C ILE A 400 67.08 -5.29 -23.24
N GLU A 401 66.73 -6.52 -23.67
CA GLU A 401 66.63 -6.94 -25.07
C GLU A 401 67.95 -6.81 -25.85
N ILE A 402 69.02 -7.38 -25.31
CA ILE A 402 70.26 -7.48 -26.08
C ILE A 402 70.07 -8.45 -27.25
N ASN A 403 69.42 -9.58 -26.99
CA ASN A 403 69.01 -10.47 -28.07
C ASN A 403 67.85 -9.84 -28.84
N ASN A 404 67.82 -10.08 -30.16
CA ASN A 404 66.78 -9.53 -31.01
C ASN A 404 65.50 -10.35 -30.92
N GLY A 517 -15.14 29.73 64.54
CA GLY A 517 -13.74 29.35 64.73
C GLY A 517 -13.18 28.62 63.53
N LYS A 518 -12.13 27.83 63.76
CA LYS A 518 -11.54 27.02 62.71
C LYS A 518 -12.49 25.90 62.31
N ARG A 519 -12.66 25.70 61.00
CA ARG A 519 -13.41 24.57 60.49
C ARG A 519 -12.66 23.99 59.30
N ALA A 520 -12.94 22.70 59.04
CA ALA A 520 -12.20 21.86 58.08
C ALA A 520 -10.69 21.90 58.33
N PHE A 521 -10.31 21.87 59.61
CA PHE A 521 -8.90 21.87 60.00
C PHE A 521 -8.54 20.55 60.64
N VAL A 522 -9.31 20.14 61.66
CA VAL A 522 -9.25 18.74 62.12
C VAL A 522 -9.68 17.80 60.99
N TYR A 523 -10.67 18.21 60.19
CA TYR A 523 -10.92 17.60 58.89
C TYR A 523 -10.15 18.34 57.80
N GLY A 524 -8.83 18.46 58.00
CA GLY A 524 -7.98 19.17 57.06
C GLY A 524 -7.55 18.34 55.88
N GLU A 525 -7.65 17.02 56.01
CA GLU A 525 -7.40 16.00 54.98
C GLU A 525 -6.06 16.15 54.29
N PRO A 526 -4.94 15.86 54.97
CA PRO A 526 -3.63 16.07 54.35
C PRO A 526 -3.37 15.00 53.29
N PRO A 527 -3.25 15.43 52.02
CA PRO A 527 -3.14 14.47 50.91
C PRO A 527 -1.81 13.73 50.86
N PHE A 528 -1.71 12.83 49.89
CA PHE A 528 -0.44 12.22 49.54
C PHE A 528 0.26 13.13 48.52
N GLY A 529 1.34 12.65 47.92
CA GLY A 529 2.22 13.49 47.15
C GLY A 529 1.68 13.89 45.79
N TYR A 530 2.57 14.43 44.98
CA TYR A 530 2.23 15.31 43.87
C TYR A 530 2.52 14.71 42.50
N GLN A 531 3.74 14.24 42.26
CA GLN A 531 4.02 13.32 41.17
C GLN A 531 4.63 12.01 41.63
N ASP A 532 5.15 11.96 42.86
CA ASP A 532 5.75 10.80 43.50
C ASP A 532 4.75 9.71 43.88
N ILE A 533 3.46 9.87 43.55
CA ILE A 533 2.48 8.79 43.70
C ILE A 533 2.88 7.59 42.85
N LEU A 534 3.41 7.87 41.66
CA LEU A 534 3.87 6.82 40.75
C LEU A 534 5.02 6.04 41.36
N ASN A 535 5.95 6.76 42.01
CA ASN A 535 7.04 6.14 42.74
C ASN A 535 6.53 5.33 43.93
N LYS A 536 5.49 5.83 44.62
CA LYS A 536 4.90 5.07 45.72
C LYS A 536 4.24 3.77 45.25
N LEU A 537 3.51 3.83 44.13
CA LEU A 537 2.96 2.62 43.50
C LEU A 537 4.06 1.64 43.10
N GLU A 538 5.20 2.14 42.66
CA GLU A 538 6.36 1.26 42.49
C GLU A 538 6.88 0.77 43.84
N ASP A 539 6.72 1.55 44.91
CA ASP A 539 7.33 1.23 46.19
C ASP A 539 6.61 0.09 46.90
N GLU A 540 5.27 0.04 46.88
CA GLU A 540 4.66 -1.16 47.47
C GLU A 540 4.75 -2.38 46.56
N GLY A 541 5.02 -2.21 45.27
CA GLY A 541 5.19 -3.34 44.37
C GLY A 541 4.27 -3.36 43.18
N PHE A 542 3.33 -2.43 43.08
CA PHE A 542 2.46 -2.36 41.92
C PHE A 542 3.23 -1.80 40.72
N PRO A 543 2.72 -1.99 39.50
CA PRO A 543 3.25 -1.24 38.35
C PRO A 543 3.19 0.26 38.56
N LYS A 544 4.27 0.94 38.18
CA LYS A 544 4.40 2.38 38.38
C LYS A 544 3.34 3.14 37.58
N ILE A 545 3.17 2.80 36.31
CA ILE A 545 2.03 3.25 35.54
C ILE A 545 1.45 2.03 34.82
N ASP A 546 0.17 1.76 35.05
CA ASP A 546 -0.43 0.55 34.52
C ASP A 546 -0.61 0.64 33.01
N TYR A 547 -0.26 -0.45 32.33
CA TYR A 547 -0.51 -0.63 30.91
C TYR A 547 -1.56 -1.72 30.80
N LYS A 548 -2.60 -1.47 30.01
CA LYS A 548 -3.82 -2.23 30.14
C LYS A 548 -3.72 -3.61 29.49
N ASP A 549 -4.23 -4.61 30.21
CA ASP A 549 -4.58 -5.91 29.65
C ASP A 549 -5.55 -5.68 28.49
N PRO A 550 -5.28 -6.20 27.30
CA PRO A 550 -6.24 -6.07 26.19
C PRO A 550 -7.56 -6.74 26.51
N PHE A 551 -8.64 -6.01 26.22
CA PHE A 551 -9.95 -6.26 26.79
C PHE A 551 -11.01 -6.43 25.71
N PHE A 552 -11.97 -7.31 26.00
CA PHE A 552 -13.12 -7.48 25.12
C PHE A 552 -14.09 -6.33 25.33
N SER A 553 -14.34 -5.57 24.27
CA SER A 553 -15.44 -4.60 24.34
C SER A 553 -16.80 -5.28 24.23
N ASN A 554 -16.88 -6.40 23.49
CA ASN A 554 -18.10 -7.16 23.37
C ASN A 554 -18.05 -8.35 24.32
N PRO A 555 -18.99 -8.51 25.24
CA PRO A 555 -18.90 -9.59 26.23
C PRO A 555 -19.42 -10.93 25.75
N VAL A 556 -20.02 -11.00 24.57
CA VAL A 556 -20.46 -12.28 24.01
C VAL A 556 -19.27 -13.11 23.58
N ASP A 557 -18.11 -12.47 23.39
CA ASP A 557 -16.84 -13.13 23.19
C ASP A 557 -16.29 -13.57 24.55
N LEU A 558 -15.02 -14.02 24.56
CA LEU A 558 -14.33 -14.74 25.65
C LEU A 558 -14.98 -16.12 25.91
N GLU A 559 -15.78 -16.59 24.94
CA GLU A 559 -16.75 -17.70 25.08
C GLU A 559 -17.60 -17.58 26.34
N ASN A 560 -17.99 -16.32 26.66
CA ASN A 560 -18.80 -15.87 27.82
C ASN A 560 -18.34 -16.46 29.16
N LYS A 561 -17.04 -16.69 29.33
CA LYS A 561 -16.47 -17.08 30.60
C LYS A 561 -15.00 -16.68 30.67
N PRO A 562 -14.57 -16.00 31.74
CA PRO A 562 -13.13 -15.70 31.89
C PRO A 562 -12.26 -16.92 32.17
N TYR A 563 -12.86 -18.07 32.51
CA TYR A 563 -12.10 -19.30 32.74
C TYR A 563 -11.52 -19.90 31.46
N ALA A 564 -11.96 -19.45 30.29
CA ALA A 564 -11.44 -19.92 29.01
C ALA A 564 -10.05 -19.31 28.78
N TYR A 565 -9.01 -20.08 29.05
CA TYR A 565 -7.64 -19.65 28.81
C TYR A 565 -6.77 -20.88 28.57
N ALA A 566 -5.45 -20.65 28.56
CA ALA A 566 -4.43 -21.65 28.31
C ALA A 566 -4.17 -22.47 29.57
N GLY A 567 -3.08 -23.25 29.55
CA GLY A 567 -2.67 -24.02 30.73
C GLY A 567 -2.48 -23.20 31.99
N LYS A 568 -2.01 -21.97 31.86
CA LYS A 568 -1.97 -21.03 32.97
C LYS A 568 -3.05 -19.96 32.81
N ARG A 569 -3.40 -19.34 33.94
CA ARG A 569 -4.47 -18.36 33.99
C ARG A 569 -4.04 -17.02 33.40
N PHE A 570 -4.87 -16.46 32.51
CA PHE A 570 -4.64 -15.12 32.00
C PHE A 570 -5.74 -14.12 32.34
N GLU A 571 -6.94 -14.60 32.71
CA GLU A 571 -8.11 -13.85 33.24
C GLU A 571 -8.38 -12.53 32.49
N ILE A 572 -8.65 -12.66 31.19
CA ILE A 572 -8.76 -11.51 30.30
C ILE A 572 -10.01 -10.70 30.62
N SER A 573 -9.82 -9.40 30.85
CA SER A 573 -10.85 -8.51 31.37
C SER A 573 -11.81 -8.05 30.26
N SER A 574 -12.66 -7.09 30.60
CA SER A 574 -13.65 -6.55 29.68
C SER A 574 -14.02 -5.14 30.13
N THR A 575 -13.93 -4.18 29.21
CA THR A 575 -14.29 -2.80 29.54
C THR A 575 -15.80 -2.56 29.49
N HIS A 576 -16.59 -3.53 29.05
CA HIS A 576 -18.03 -3.37 29.00
C HIS A 576 -18.62 -3.56 30.40
N VAL A 577 -19.73 -2.86 30.64
CA VAL A 577 -20.25 -2.65 31.99
C VAL A 577 -20.90 -3.88 32.59
N SER A 578 -21.20 -4.91 31.79
CA SER A 578 -21.67 -6.16 32.36
C SER A 578 -20.55 -6.87 33.12
N THR A 579 -19.40 -7.03 32.48
CA THR A 579 -18.24 -7.64 33.14
C THR A 579 -17.33 -6.56 33.68
N ARG A 580 -17.78 -5.93 34.76
CA ARG A 580 -16.94 -5.09 35.59
C ARG A 580 -17.15 -5.46 37.06
N ILE A 581 -16.07 -5.66 37.78
CA ILE A 581 -16.17 -5.75 39.24
C ILE A 581 -16.47 -4.36 39.79
N PRO A 582 -17.34 -4.22 40.82
CA PRO A 582 -17.59 -2.89 41.39
C PRO A 582 -16.43 -2.32 42.19
N VAL A 583 -16.64 -1.13 42.77
CA VAL A 583 -15.53 -0.25 43.14
C VAL A 583 -14.79 -0.64 44.40
N GLN A 584 -15.20 -1.72 45.09
CA GLN A 584 -14.49 -2.31 46.23
C GLN A 584 -14.30 -1.30 47.38
N PHE A 585 -15.42 -0.82 47.91
CA PHE A 585 -15.39 0.12 49.02
C PHE A 585 -14.87 -0.60 50.27
N GLY A 586 -13.64 -0.29 50.65
CA GLY A 586 -12.99 -0.99 51.74
C GLY A 586 -12.61 -2.40 51.32
N GLY A 587 -13.29 -3.38 51.90
CA GLY A 587 -13.11 -4.77 51.51
C GLY A 587 -14.29 -5.40 50.81
N GLU A 588 -15.31 -4.65 50.44
CA GLU A 588 -16.52 -5.23 49.88
C GLU A 588 -17.06 -4.38 48.75
N THR A 589 -17.40 -5.04 47.64
CA THR A 589 -18.22 -4.43 46.60
C THR A 589 -19.68 -4.57 47.00
N VAL A 590 -20.49 -3.57 46.65
CA VAL A 590 -21.86 -3.50 47.13
C VAL A 590 -22.82 -3.30 45.96
N SER A 591 -23.88 -4.10 45.93
CA SER A 591 -25.08 -3.84 45.16
C SER A 591 -26.25 -3.78 46.13
N VAL A 592 -27.44 -3.47 45.60
CA VAL A 592 -28.60 -3.40 46.48
C VAL A 592 -29.05 -4.80 46.91
N TYR A 593 -28.89 -5.79 46.02
CA TYR A 593 -29.30 -7.18 46.21
C TYR A 593 -30.79 -7.29 46.62
N ASN A 594 -31.62 -6.51 45.93
CA ASN A 594 -33.01 -6.37 46.33
C ASN A 594 -33.86 -6.13 45.09
N LYS A 595 -35.17 -6.06 45.32
CA LYS A 595 -36.14 -5.93 44.24
C LYS A 595 -36.20 -4.51 43.71
N PRO A 596 -35.98 -4.28 42.43
CA PRO A 596 -36.24 -2.94 41.86
C PRO A 596 -37.73 -2.66 41.80
N THR A 597 -38.12 -1.45 42.20
CA THR A 597 -39.52 -1.10 42.34
C THR A 597 -39.96 -0.16 41.23
N PHE A 598 -41.10 -0.47 40.63
CA PHE A 598 -41.63 0.32 39.53
C PHE A 598 -42.19 1.65 40.02
N ASP A 599 -41.97 2.70 39.24
CA ASP A 599 -42.45 4.04 39.55
C ASP A 599 -43.48 4.46 38.52
N MET A 600 -44.36 5.39 38.91
CA MET A 600 -45.53 5.72 38.11
C MET A 600 -45.30 6.95 37.23
N PHE A 601 -44.80 8.04 37.78
CA PHE A 601 -44.25 9.15 37.01
C PHE A 601 -42.75 9.20 37.26
N SER A 602 -41.97 9.02 36.19
CA SER A 602 -40.52 8.99 36.29
C SER A 602 -39.94 9.30 34.92
N SER A 603 -39.05 10.28 34.87
CA SER A 603 -38.37 10.65 33.64
C SER A 603 -36.98 10.04 33.63
N TRP A 604 -36.67 9.30 32.58
CA TRP A 604 -35.38 8.62 32.47
C TRP A 604 -34.59 9.26 31.34
N LYS A 605 -33.37 9.69 31.63
CA LYS A 605 -32.51 10.37 30.68
C LYS A 605 -31.41 9.44 30.20
N TYR A 606 -30.83 9.78 29.06
CA TYR A 606 -29.82 8.94 28.42
C TYR A 606 -28.44 9.36 28.86
N ALA A 607 -27.56 8.37 29.08
CA ALA A 607 -26.31 8.60 29.78
C ALA A 607 -25.09 8.67 28.86
N LEU A 608 -25.21 8.28 27.59
CA LEU A 608 -24.08 8.43 26.67
C LEU A 608 -23.88 9.91 26.33
N LYS A 609 -22.62 10.34 26.35
CA LYS A 609 -22.28 11.67 25.84
C LYS A 609 -22.49 11.72 24.34
N PRO A 610 -23.29 12.64 23.83
CA PRO A 610 -23.52 12.72 22.37
C PRO A 610 -22.29 13.27 21.65
N PRO A 611 -22.15 12.99 20.37
CA PRO A 611 -21.22 13.75 19.53
C PRO A 611 -21.56 15.24 19.55
N THR A 612 -20.54 16.06 19.71
CA THR A 612 -20.75 17.48 19.94
C THR A 612 -20.97 18.23 18.64
N TYR A 613 -21.16 19.55 18.77
CA TYR A 613 -21.02 20.44 17.61
C TYR A 613 -19.62 20.39 17.06
N ASP A 614 -18.62 20.35 17.96
CA ASP A 614 -17.22 20.44 17.56
C ASP A 614 -16.77 19.19 16.80
N ALA A 615 -17.28 18.01 17.20
CA ALA A 615 -16.87 16.76 16.57
C ALA A 615 -17.35 16.68 15.12
N VAL A 616 -18.64 16.98 14.90
CA VAL A 616 -19.19 16.99 13.55
C VAL A 616 -18.61 18.13 12.72
N GLN A 617 -18.33 19.27 13.35
CA GLN A 617 -17.71 20.39 12.66
C GLN A 617 -16.30 20.05 12.16
N LYS A 618 -15.48 19.46 13.04
CA LYS A 618 -14.14 19.04 12.63
C LYS A 618 -14.19 17.86 11.65
N TRP A 619 -15.23 17.03 11.73
CA TRP A 619 -15.36 15.94 10.77
C TRP A 619 -15.71 16.45 9.38
N TYR A 620 -16.58 17.47 9.30
CA TYR A 620 -16.89 18.06 8.01
C TYR A 620 -15.77 18.97 7.51
N ASN A 621 -14.93 19.48 8.40
CA ASN A 621 -13.71 20.13 7.95
C ASN A 621 -12.68 19.12 7.46
N LYS A 622 -12.74 17.89 7.96
CA LYS A 622 -11.82 16.84 7.53
C LYS A 622 -12.14 16.30 6.15
N VAL A 623 -13.40 16.45 5.70
CA VAL A 623 -13.79 15.92 4.38
C VAL A 623 -13.06 16.57 3.21
N PRO A 624 -12.86 17.91 3.13
CA PRO A 624 -11.92 18.42 2.11
C PRO A 624 -10.47 17.97 2.31
N SER A 625 -10.03 17.80 3.55
CA SER A 625 -8.65 17.37 3.80
C SER A 625 -8.54 15.85 3.86
N SER A 661 30.81 9.44 -14.99
CA SER A 661 31.37 10.35 -13.99
C SER A 661 32.72 10.90 -14.47
N SER A 662 33.37 11.69 -13.60
CA SER A 662 34.69 12.22 -13.92
C SER A 662 35.73 11.11 -14.04
N VAL A 663 35.65 10.11 -13.18
CA VAL A 663 36.36 8.85 -13.36
C VAL A 663 35.33 7.73 -13.38
N HIS A 664 35.52 6.77 -14.27
CA HIS A 664 34.70 5.56 -14.25
C HIS A 664 35.06 4.75 -13.02
N ASP A 665 34.10 4.66 -12.09
CA ASP A 665 34.30 3.86 -10.88
C ASP A 665 34.50 2.38 -11.20
N SER A 666 33.49 1.74 -11.80
CA SER A 666 33.46 0.30 -12.03
C SER A 666 32.24 -0.08 -12.86
N LEU A 667 32.37 -1.21 -13.57
CA LEU A 667 31.29 -2.18 -13.81
C LEU A 667 30.05 -1.59 -14.51
N THR A 668 30.26 -1.14 -15.75
CA THR A 668 29.11 -0.87 -16.62
C THR A 668 28.37 -2.18 -16.91
N HIS A 669 27.04 -2.10 -16.98
CA HIS A 669 26.21 -3.29 -16.97
C HIS A 669 25.15 -3.21 -18.07
N LEU A 670 24.99 -4.32 -18.80
CA LEU A 670 23.99 -4.45 -19.84
C LEU A 670 23.35 -5.82 -19.76
N THR A 671 22.03 -5.86 -19.89
CA THR A 671 21.26 -7.10 -19.79
C THR A 671 21.11 -7.76 -21.15
N LEU A 672 20.42 -8.91 -21.16
CA LEU A 672 20.07 -9.58 -22.41
C LEU A 672 18.84 -10.43 -22.14
N GLU A 673 17.77 -10.19 -22.90
CA GLU A 673 16.58 -11.02 -22.81
C GLU A 673 16.06 -11.36 -24.20
N ILE A 674 15.16 -12.33 -24.24
CA ILE A 674 14.80 -13.06 -25.44
C ILE A 674 13.30 -12.98 -25.72
N HIS A 675 12.87 -13.55 -26.84
CA HIS A 675 11.51 -14.02 -27.02
C HIS A 675 11.51 -15.51 -27.29
N ALA A 676 10.44 -16.17 -26.85
CA ALA A 676 10.24 -17.60 -27.11
C ALA A 676 9.08 -17.75 -28.08
N ASN A 677 9.37 -18.30 -29.26
CA ASN A 677 8.31 -18.71 -30.18
C ASN A 677 7.98 -20.18 -30.00
N THR A 678 7.61 -20.52 -28.76
CA THR A 678 7.57 -21.91 -28.30
C THR A 678 6.43 -22.70 -28.94
N ARG A 679 6.49 -24.01 -28.74
CA ARG A 679 5.32 -24.85 -28.95
C ARG A 679 4.28 -24.48 -27.90
N SER A 680 3.07 -24.14 -28.34
CA SER A 680 2.11 -23.50 -27.46
C SER A 680 1.41 -24.47 -26.50
N ASP A 681 1.73 -25.76 -26.55
CA ASP A 681 1.26 -26.71 -25.57
C ASP A 681 2.19 -26.83 -24.36
N LYS A 682 3.46 -26.48 -24.51
CA LYS A 682 4.48 -26.75 -23.51
C LYS A 682 5.25 -25.48 -23.18
N ILE A 683 6.03 -25.57 -22.09
CA ILE A 683 6.97 -24.53 -21.67
C ILE A 683 8.09 -24.46 -22.71
N PRO A 684 8.70 -23.29 -22.93
CA PRO A 684 9.79 -23.19 -23.91
C PRO A 684 11.01 -24.02 -23.56
N ASP A 685 11.54 -24.71 -24.57
CA ASP A 685 12.75 -25.49 -24.43
C ASP A 685 13.78 -24.93 -25.39
N PRO A 686 14.89 -24.35 -24.88
CA PRO A 686 15.94 -23.84 -25.78
C PRO A 686 16.69 -24.90 -26.57
N ALA A 687 16.58 -26.18 -26.20
CA ALA A 687 17.07 -27.23 -27.08
C ALA A 687 16.19 -27.44 -28.29
N ILE A 688 14.98 -26.87 -28.30
CA ILE A 688 14.07 -26.99 -29.42
C ILE A 688 13.92 -25.66 -30.16
N ASP A 689 13.79 -24.55 -29.43
CA ASP A 689 13.24 -23.34 -30.01
C ASP A 689 14.29 -22.23 -30.12
N GLU A 690 14.02 -21.29 -31.02
CA GLU A 690 14.92 -20.20 -31.39
C GLU A 690 14.48 -18.89 -30.75
N VAL A 691 15.29 -17.85 -30.98
CA VAL A 691 14.96 -16.47 -30.64
C VAL A 691 15.18 -15.56 -31.85
N SER A 692 14.13 -14.81 -32.21
CA SER A 692 14.21 -13.93 -33.37
C SER A 692 14.64 -12.51 -33.04
N MET A 693 14.33 -12.02 -31.84
CA MET A 693 14.49 -10.60 -31.53
C MET A 693 15.19 -10.49 -30.19
N ILE A 694 16.31 -9.77 -30.16
CA ILE A 694 17.18 -9.69 -28.99
C ILE A 694 17.13 -8.28 -28.41
N ILE A 695 17.03 -8.20 -27.09
CA ILE A 695 16.88 -6.94 -26.37
C ILE A 695 17.97 -6.85 -25.30
N TRP A 696 18.85 -5.86 -25.43
CA TRP A 696 19.89 -5.54 -24.47
C TRP A 696 19.70 -4.10 -24.01
N CYS A 697 19.90 -3.84 -22.72
CA CYS A 697 19.65 -2.51 -22.16
C CYS A 697 20.81 -2.06 -21.29
N LEU A 698 21.50 -1.02 -21.74
CA LEU A 698 22.41 -0.24 -20.92
C LEU A 698 21.90 1.20 -20.93
N GLU A 699 21.53 1.72 -19.75
CA GLU A 699 21.08 3.11 -19.64
C GLU A 699 21.48 3.64 -18.27
N GLU A 700 22.61 4.36 -18.21
CA GLU A 700 23.08 4.99 -16.98
C GLU A 700 24.15 6.02 -17.35
N GLU A 701 24.71 6.68 -16.34
CA GLU A 701 25.76 7.66 -16.55
C GLU A 701 27.12 7.06 -16.18
N THR A 702 27.16 5.77 -15.86
CA THR A 702 28.41 5.07 -15.59
C THR A 702 29.26 4.95 -16.86
N PHE A 703 28.61 4.72 -18.00
CA PHE A 703 29.34 4.76 -19.26
C PHE A 703 29.53 6.21 -19.70
N PRO A 704 30.76 6.65 -19.97
CA PRO A 704 30.98 8.07 -20.27
C PRO A 704 30.49 8.53 -21.63
N LEU A 705 30.66 7.73 -22.69
CA LEU A 705 30.76 8.27 -24.06
C LEU A 705 29.42 8.77 -24.60
N ASP A 706 28.35 7.99 -24.42
CA ASP A 706 26.95 8.35 -24.66
C ASP A 706 26.69 8.64 -26.16
N LEU A 707 27.51 8.10 -27.06
CA LEU A 707 27.27 8.33 -28.49
C LEU A 707 26.21 7.38 -29.02
N ASP A 708 26.47 6.07 -28.94
CA ASP A 708 25.48 5.04 -29.17
C ASP A 708 25.21 4.24 -27.91
N ILE A 709 25.70 4.72 -26.76
CA ILE A 709 25.74 3.93 -25.55
C ILE A 709 24.91 4.75 -24.55
N ALA A 710 24.60 4.15 -23.39
CA ALA A 710 23.52 4.58 -22.48
C ALA A 710 22.21 4.73 -23.23
N TYR A 711 21.96 3.77 -24.12
CA TYR A 711 20.95 3.92 -25.17
C TYR A 711 20.63 2.52 -25.66
N GLU A 712 19.36 2.15 -25.58
CA GLU A 712 18.95 0.78 -25.85
C GLU A 712 18.99 0.50 -27.34
N GLY A 713 19.23 -0.77 -27.68
CA GLY A 713 19.14 -1.22 -29.06
C GLY A 713 18.57 -2.62 -29.19
N ILE A 714 17.80 -2.87 -30.25
CA ILE A 714 17.14 -4.13 -30.51
C ILE A 714 17.47 -4.54 -31.94
N MET A 715 17.68 -5.84 -32.18
CA MET A 715 17.91 -6.32 -33.54
C MET A 715 17.05 -7.55 -33.83
N ILE A 716 16.89 -7.84 -35.12
CA ILE A 716 15.90 -8.79 -35.63
C ILE A 716 16.58 -10.05 -36.13
N VAL A 717 15.79 -11.12 -36.25
CA VAL A 717 16.04 -12.21 -37.19
C VAL A 717 14.78 -12.39 -38.03
N HIS A 718 14.93 -12.34 -39.35
CA HIS A 718 13.84 -12.65 -40.25
C HIS A 718 14.36 -13.49 -41.41
N LYS A 719 13.42 -14.10 -42.13
CA LYS A 719 13.72 -14.99 -43.24
C LYS A 719 13.87 -14.27 -44.57
N ALA A 720 14.15 -12.96 -44.54
CA ALA A 720 14.29 -12.07 -45.70
C ALA A 720 13.01 -12.02 -46.54
N SER A 721 11.86 -12.14 -45.89
CA SER A 721 10.57 -11.92 -46.52
C SER A 721 10.01 -10.63 -45.93
N GLU A 722 10.37 -9.51 -46.55
CA GLU A 722 10.02 -8.19 -46.06
C GLU A 722 8.58 -7.81 -46.35
N ASP A 723 7.87 -8.62 -47.16
CA ASP A 723 6.50 -8.33 -47.57
C ASP A 723 5.49 -8.45 -46.43
N SER A 724 5.84 -9.12 -45.34
CA SER A 724 4.98 -9.16 -44.16
C SER A 724 5.29 -8.04 -43.17
N THR A 725 5.94 -6.96 -43.66
CA THR A 725 6.10 -5.62 -43.05
C THR A 725 6.55 -5.62 -41.58
N PHE A 726 7.29 -6.64 -41.17
CA PHE A 726 7.90 -6.62 -39.84
C PHE A 726 8.96 -5.54 -39.62
N PRO A 727 9.94 -5.27 -40.52
CA PRO A 727 10.83 -4.13 -40.25
C PRO A 727 10.16 -2.77 -40.29
N THR A 728 9.28 -2.52 -41.28
CA THR A 728 8.70 -1.20 -41.46
C THR A 728 7.69 -0.84 -40.37
N LYS A 729 7.08 -1.86 -39.73
CA LYS A 729 6.23 -1.60 -38.57
C LYS A 729 7.04 -1.03 -37.41
N ILE A 730 8.20 -1.60 -37.13
CA ILE A 730 8.95 -1.26 -35.94
C ILE A 730 9.61 0.12 -36.07
N GLN A 731 10.13 0.43 -37.27
CA GLN A 731 10.92 1.66 -37.42
C GLN A 731 10.06 2.91 -37.42
N HIS A 732 8.81 2.83 -37.88
CA HIS A 732 7.96 4.01 -37.98
C HIS A 732 7.09 4.22 -36.74
N CYS A 733 6.49 3.14 -36.23
CA CYS A 733 5.61 3.27 -35.07
C CYS A 733 6.40 3.47 -33.79
N ILE A 734 7.59 2.88 -33.69
CA ILE A 734 8.40 2.90 -32.48
C ILE A 734 9.69 3.66 -32.79
N ASN A 735 10.05 4.62 -31.94
CA ASN A 735 11.13 5.56 -32.21
C ASN A 735 12.28 5.42 -31.22
N GLU A 736 12.55 4.19 -30.77
CA GLU A 736 13.58 3.95 -29.78
C GLU A 736 14.98 4.04 -30.38
N ILE A 737 15.26 3.17 -31.36
CA ILE A 737 16.52 3.18 -32.09
C ILE A 737 16.23 2.81 -33.54
N PRO A 738 17.11 3.23 -34.46
CA PRO A 738 17.18 2.49 -35.73
C PRO A 738 17.48 1.03 -35.45
N VAL A 739 16.53 0.18 -35.79
CA VAL A 739 16.57 -1.24 -35.41
C VAL A 739 17.47 -1.98 -36.40
N MET A 740 18.42 -2.74 -35.87
CA MET A 740 19.35 -3.45 -36.75
C MET A 740 18.66 -4.65 -37.39
N PHE A 741 18.90 -4.79 -38.69
CA PHE A 741 18.23 -5.78 -39.52
C PHE A 741 19.19 -6.94 -39.77
N TYR A 742 19.09 -7.98 -38.95
CA TYR A 742 19.99 -9.12 -39.04
C TYR A 742 19.21 -10.37 -39.45
N GLU A 743 19.92 -11.28 -40.09
CA GLU A 743 19.40 -12.56 -40.55
C GLU A 743 20.37 -13.64 -40.09
N SER A 744 20.06 -14.89 -40.48
CA SER A 744 21.00 -16.02 -40.49
C SER A 744 21.59 -16.31 -39.10
N GLU A 745 20.71 -16.74 -38.20
CA GLU A 745 20.69 -16.54 -36.74
C GLU A 745 22.04 -16.59 -36.03
N PHE A 746 22.89 -17.53 -36.45
CA PHE A 746 24.28 -17.57 -35.98
C PHE A 746 25.02 -16.27 -36.27
N GLU A 747 24.75 -15.65 -37.43
CA GLU A 747 25.37 -14.36 -37.73
C GLU A 747 24.83 -13.25 -36.84
N MET A 748 23.53 -13.32 -36.47
CA MET A 748 23.00 -12.37 -35.50
C MET A 748 23.64 -12.54 -34.13
N PHE A 749 23.88 -13.80 -33.73
CA PHE A 749 24.62 -14.08 -32.50
C PHE A 749 26.05 -13.52 -32.57
N GLU A 750 26.70 -13.70 -33.73
CA GLU A 750 28.04 -13.16 -33.95
C GLU A 750 28.04 -11.64 -33.89
N ALA A 751 27.00 -11.00 -34.42
CA ALA A 751 26.94 -9.55 -34.35
C ALA A 751 26.60 -9.06 -32.95
N LEU A 752 25.89 -9.87 -32.16
CA LEU A 752 25.71 -9.58 -30.74
C LEU A 752 27.05 -9.62 -30.01
N THR A 753 27.87 -10.64 -30.29
CA THR A 753 29.21 -10.71 -29.69
C THR A 753 30.11 -9.59 -30.19
N ASP A 754 29.97 -9.19 -31.46
CA ASP A 754 30.66 -8.01 -31.96
C ASP A 754 30.24 -6.75 -31.21
N LEU A 755 28.94 -6.63 -30.92
CA LEU A 755 28.44 -5.49 -30.15
C LEU A 755 28.99 -5.48 -28.72
N VAL A 756 29.05 -6.65 -28.08
CA VAL A 756 29.63 -6.68 -26.73
C VAL A 756 31.15 -6.56 -26.76
N LEU A 757 31.79 -6.73 -27.91
CA LEU A 757 33.17 -6.27 -28.04
C LEU A 757 33.23 -4.75 -28.21
N LEU A 758 32.25 -4.16 -28.91
CA LEU A 758 32.19 -2.71 -29.06
C LEU A 758 31.96 -2.01 -27.73
N LEU A 759 30.99 -2.50 -26.95
CA LEU A 759 30.59 -1.83 -25.71
C LEU A 759 31.51 -2.28 -24.58
N ASP A 760 31.17 -1.93 -23.33
CA ASP A 760 31.88 -2.40 -22.15
C ASP A 760 30.92 -3.18 -21.26
N PRO A 761 30.70 -4.48 -21.55
CA PRO A 761 29.86 -5.34 -20.69
C PRO A 761 30.61 -5.96 -19.53
N ASP A 762 30.85 -5.17 -18.47
CA ASP A 762 31.57 -5.73 -17.34
C ASP A 762 30.67 -6.62 -16.50
N ILE A 763 29.60 -6.07 -15.95
CA ILE A 763 28.54 -6.88 -15.36
C ILE A 763 27.63 -7.37 -16.48
N LEU A 764 27.44 -8.69 -16.55
CA LEU A 764 26.64 -9.30 -17.60
C LEU A 764 25.24 -9.50 -17.03
N SER A 765 24.42 -8.45 -17.12
CA SER A 765 23.13 -8.46 -16.45
C SER A 765 22.14 -9.38 -17.16
N GLY A 766 21.04 -9.66 -16.48
CA GLY A 766 20.08 -10.62 -16.98
C GLY A 766 19.04 -10.94 -15.91
N PHE A 767 18.39 -12.09 -16.09
CA PHE A 767 17.40 -12.63 -15.17
C PHE A 767 17.18 -14.08 -15.56
N GLU A 768 17.01 -14.96 -14.55
CA GLU A 768 17.03 -16.42 -14.70
C GLU A 768 18.29 -16.86 -15.44
N ILE A 769 19.44 -16.58 -14.82
CA ILE A 769 20.70 -16.42 -15.55
C ILE A 769 21.27 -17.74 -16.08
N HIS A 770 20.65 -18.88 -15.75
CA HIS A 770 20.90 -20.10 -16.50
C HIS A 770 19.84 -20.36 -17.58
N ASN A 771 18.65 -19.77 -17.48
CA ASN A 771 17.51 -20.30 -18.22
C ASN A 771 16.94 -19.35 -19.26
N PHE A 772 16.72 -18.08 -18.93
CA PHE A 772 16.02 -17.14 -19.81
C PHE A 772 16.91 -15.99 -20.24
N SER A 773 18.17 -16.27 -20.52
CA SER A 773 19.23 -15.29 -20.34
C SER A 773 20.33 -15.54 -21.36
N TRP A 774 21.50 -14.94 -21.09
CA TRP A 774 22.77 -15.37 -21.66
C TRP A 774 22.91 -16.89 -21.76
N GLY A 775 22.62 -17.60 -20.66
CA GLY A 775 22.79 -19.05 -20.63
C GLY A 775 21.87 -19.80 -21.60
N TYR A 776 20.69 -19.23 -21.88
CA TYR A 776 19.79 -19.77 -22.90
C TYR A 776 20.46 -19.82 -24.25
N ILE A 777 21.03 -18.70 -24.70
CA ILE A 777 21.65 -18.68 -26.01
C ILE A 777 23.01 -19.35 -26.01
N ILE A 778 23.69 -19.44 -24.85
CA ILE A 778 24.95 -20.17 -24.78
C ILE A 778 24.73 -21.67 -24.99
N GLU A 779 23.79 -22.27 -24.26
CA GLU A 779 23.62 -23.70 -24.51
C GLU A 779 22.81 -23.97 -25.77
N ARG A 780 22.00 -22.99 -26.23
CA ARG A 780 21.36 -23.09 -27.54
C ARG A 780 22.38 -23.14 -28.66
N CYS A 781 23.37 -22.26 -28.63
CA CYS A 781 24.42 -22.30 -29.64
C CYS A 781 25.39 -23.45 -29.42
N GLN A 782 25.45 -23.99 -28.20
CA GLN A 782 26.25 -25.20 -27.98
C GLN A 782 25.59 -26.43 -28.59
N LYS A 783 24.27 -26.56 -28.46
CA LYS A 783 23.62 -27.77 -28.98
C LYS A 783 23.10 -27.63 -30.39
N ILE A 784 22.60 -26.46 -30.79
CA ILE A 784 22.02 -26.32 -32.12
C ILE A 784 23.05 -25.77 -33.10
N HIS A 785 23.60 -24.59 -32.79
CA HIS A 785 24.61 -24.01 -33.67
C HIS A 785 25.96 -24.68 -33.55
N GLN A 786 26.18 -25.50 -32.51
CA GLN A 786 27.39 -26.31 -32.29
C GLN A 786 28.66 -25.46 -32.20
N PHE A 787 28.53 -24.25 -31.67
CA PHE A 787 29.59 -23.26 -31.71
C PHE A 787 29.80 -22.69 -30.31
N ASP A 788 31.05 -22.31 -30.01
CA ASP A 788 31.41 -21.78 -28.70
C ASP A 788 31.40 -20.25 -28.75
N ILE A 789 30.32 -19.67 -28.25
CA ILE A 789 30.20 -18.21 -28.18
C ILE A 789 30.85 -17.68 -26.89
N VAL A 790 31.08 -18.57 -25.91
CA VAL A 790 31.68 -18.19 -24.61
C VAL A 790 33.07 -17.60 -24.79
N ARG A 791 33.86 -18.17 -25.71
CA ARG A 791 35.20 -17.64 -25.96
C ARG A 791 35.17 -16.29 -26.65
N GLU A 792 34.17 -16.02 -27.48
CA GLU A 792 34.11 -14.73 -28.15
C GLU A 792 33.48 -13.68 -27.24
N LEU A 793 32.58 -14.08 -26.34
CA LEU A 793 32.08 -13.20 -25.29
C LEU A 793 33.19 -12.80 -24.33
N ALA A 794 34.17 -13.67 -24.14
CA ALA A 794 35.33 -13.38 -23.32
C ALA A 794 36.17 -12.29 -23.96
N ARG A 795 36.81 -11.49 -23.12
CA ARG A 795 37.77 -10.51 -23.61
C ARG A 795 38.99 -11.21 -24.21
N VAL A 796 39.41 -12.33 -23.60
CA VAL A 796 40.51 -13.12 -24.16
C VAL A 796 40.05 -13.85 -25.41
N LYS A 797 41.02 -14.24 -26.23
CA LYS A 797 40.73 -14.72 -27.58
C LYS A 797 40.60 -16.23 -27.67
N CYS A 798 41.35 -17.00 -26.89
CA CYS A 798 41.35 -18.45 -27.02
C CYS A 798 41.46 -19.11 -25.66
N GLN A 799 41.04 -20.37 -25.61
CA GLN A 799 41.18 -21.20 -24.42
C GLN A 799 42.35 -22.17 -24.51
N ILE A 800 42.78 -22.54 -25.72
CA ILE A 800 43.86 -23.49 -25.89
C ILE A 800 45.07 -22.79 -26.50
N SER A 814 26.33 -24.97 -19.30
CA SER A 814 25.48 -24.80 -18.13
C SER A 814 25.31 -23.33 -17.79
N GLY A 815 26.24 -22.51 -18.27
CA GLY A 815 26.24 -21.09 -17.97
C GLY A 815 26.55 -20.76 -16.53
N ILE A 816 27.53 -21.46 -15.94
CA ILE A 816 27.86 -21.24 -14.55
C ILE A 816 28.74 -20.01 -14.38
N MET A 817 29.68 -19.80 -15.31
CA MET A 817 30.65 -18.72 -15.24
C MET A 817 31.28 -18.55 -16.61
N ILE A 818 31.33 -17.32 -17.09
CA ILE A 818 31.97 -17.00 -18.36
C ILE A 818 33.36 -16.48 -18.06
N THR A 819 34.37 -17.08 -18.68
CA THR A 819 35.77 -16.73 -18.44
C THR A 819 36.05 -15.29 -18.85
N GLY A 820 36.72 -14.55 -17.97
CA GLY A 820 36.95 -13.14 -18.17
C GLY A 820 35.75 -12.24 -17.99
N ARG A 821 34.59 -12.78 -17.59
CA ARG A 821 33.37 -12.04 -17.43
C ARG A 821 32.72 -12.45 -16.13
N HIS A 822 31.56 -11.86 -15.83
CA HIS A 822 30.80 -12.19 -14.61
C HIS A 822 29.35 -11.74 -14.77
N MET A 823 28.41 -12.64 -14.53
CA MET A 823 27.00 -12.29 -14.48
C MET A 823 26.65 -11.83 -13.07
N ILE A 824 25.38 -11.48 -12.84
CA ILE A 824 24.96 -10.91 -11.57
C ILE A 824 23.81 -11.70 -10.93
N ASN A 825 22.74 -11.95 -11.68
CA ASN A 825 21.36 -11.95 -11.18
C ASN A 825 21.02 -13.29 -10.51
N ILE A 826 19.71 -13.51 -10.24
CA ILE A 826 19.11 -14.08 -9.02
C ILE A 826 19.77 -15.37 -8.50
N TRP A 827 20.39 -16.17 -9.41
CA TRP A 827 20.88 -17.52 -9.11
C TRP A 827 21.90 -17.56 -7.97
N ARG A 828 22.73 -16.53 -7.84
CA ARG A 828 23.68 -16.46 -6.74
C ARG A 828 23.41 -15.31 -5.78
N ALA A 829 22.41 -14.48 -6.05
CA ALA A 829 22.28 -13.20 -5.35
C ALA A 829 20.79 -12.85 -5.19
N LEU A 830 20.26 -13.11 -4.00
CA LEU A 830 18.92 -12.67 -3.62
C LEU A 830 18.89 -11.15 -3.51
N ARG A 831 17.74 -10.56 -3.82
CA ARG A 831 17.69 -9.10 -3.69
C ARG A 831 17.36 -8.67 -2.27
N SER A 832 16.20 -9.09 -1.75
CA SER A 832 15.79 -8.69 -0.40
C SER A 832 15.66 -9.86 0.56
N ASP A 833 14.91 -10.88 0.19
CA ASP A 833 14.35 -11.83 1.15
C ASP A 833 15.00 -13.20 1.01
N VAL A 834 14.82 -14.02 2.05
CA VAL A 834 15.15 -15.45 2.00
C VAL A 834 14.26 -16.21 1.01
N ASN A 835 13.08 -15.69 0.69
CA ASN A 835 12.21 -16.29 -0.33
C ASN A 835 12.69 -15.83 -1.70
N LEU A 836 13.67 -16.59 -2.23
CA LEU A 836 14.32 -16.23 -3.49
C LEU A 836 13.36 -16.39 -4.68
N THR A 837 12.54 -17.44 -4.67
CA THR A 837 11.58 -17.67 -5.73
C THR A 837 10.52 -16.57 -5.79
N GLN A 838 10.13 -16.04 -4.62
CA GLN A 838 9.15 -14.97 -4.51
C GLN A 838 9.57 -13.70 -5.25
N TYR A 839 10.87 -13.47 -5.40
CA TYR A 839 11.38 -12.21 -5.93
C TYR A 839 11.76 -12.32 -7.40
N THR A 840 11.01 -13.13 -8.16
CA THR A 840 11.03 -13.08 -9.61
C THR A 840 10.66 -11.69 -10.12
N ILE A 841 11.18 -11.35 -11.31
CA ILE A 841 11.29 -9.97 -11.78
C ILE A 841 9.92 -9.33 -12.04
N GLU A 842 8.87 -10.12 -12.23
CA GLU A 842 7.53 -9.54 -12.30
C GLU A 842 7.02 -9.14 -10.92
N SER A 843 7.40 -9.89 -9.89
CA SER A 843 6.98 -9.56 -8.53
C SER A 843 7.75 -8.39 -7.97
N ALA A 844 9.06 -8.36 -8.19
CA ALA A 844 9.91 -7.30 -7.65
C ALA A 844 9.80 -6.00 -8.41
N ALA A 845 9.03 -5.98 -9.50
CA ALA A 845 8.69 -4.74 -10.18
C ALA A 845 7.93 -3.79 -9.26
N PHE A 846 6.99 -4.32 -8.48
CA PHE A 846 6.22 -3.50 -7.54
C PHE A 846 6.81 -3.51 -6.14
N ASN A 847 7.62 -4.52 -5.81
CA ASN A 847 8.15 -4.65 -4.45
C ASN A 847 9.12 -3.53 -4.10
N ILE A 848 10.01 -3.15 -5.02
CA ILE A 848 10.99 -2.12 -4.78
C ILE A 848 10.83 -0.91 -5.69
N LEU A 849 10.56 -1.12 -6.99
CA LEU A 849 10.37 0.03 -7.86
C LEU A 849 8.99 0.65 -7.77
N HIS A 850 8.03 -0.04 -7.14
CA HIS A 850 6.62 0.34 -7.00
C HIS A 850 5.91 0.55 -8.34
N LYS A 851 6.43 -0.03 -9.42
CA LYS A 851 5.86 0.07 -10.75
C LYS A 851 5.49 -1.34 -11.19
N ARG A 852 4.21 -1.69 -11.09
CA ARG A 852 3.77 -3.05 -11.39
C ARG A 852 3.78 -3.29 -12.90
N LEU A 853 4.49 -4.34 -13.33
CA LEU A 853 4.60 -4.83 -14.70
C LEU A 853 3.66 -6.00 -14.95
N PRO A 854 2.87 -5.93 -16.00
CA PRO A 854 2.11 -7.12 -16.43
C PRO A 854 3.03 -8.19 -16.96
N HIS A 855 2.66 -9.44 -16.67
CA HIS A 855 3.42 -10.60 -17.11
C HIS A 855 2.60 -11.34 -18.16
N PHE A 856 3.26 -11.73 -19.24
CA PHE A 856 2.62 -12.44 -20.33
C PHE A 856 3.16 -13.87 -20.38
N SER A 857 2.26 -14.84 -20.55
CA SER A 857 2.69 -16.22 -20.73
C SER A 857 3.41 -16.37 -22.06
N PHE A 858 4.36 -17.31 -22.10
CA PHE A 858 5.19 -17.51 -23.27
C PHE A 858 4.40 -18.04 -24.47
N GLU A 859 3.32 -18.78 -24.21
CA GLU A 859 2.43 -19.20 -25.29
C GLU A 859 1.67 -18.00 -25.85
N SER A 860 1.25 -17.09 -24.98
CA SER A 860 0.61 -15.85 -25.46
C SER A 860 1.59 -14.96 -26.19
N LEU A 861 2.83 -14.89 -25.71
CA LEU A 861 3.89 -14.16 -26.42
C LEU A 861 4.16 -14.76 -27.79
N THR A 862 4.15 -16.09 -27.88
CA THR A 862 4.28 -16.78 -29.17
C THR A 862 3.11 -16.47 -30.10
N ASN A 863 1.91 -16.35 -29.52
CA ASN A 863 0.74 -15.93 -30.30
C ASN A 863 0.89 -14.50 -30.79
N MET A 864 1.42 -13.61 -29.95
CA MET A 864 1.69 -12.25 -30.39
C MET A 864 3.02 -12.11 -31.12
N TRP A 865 3.80 -13.18 -31.26
CA TRP A 865 4.88 -13.15 -32.22
C TRP A 865 4.48 -13.92 -33.48
N ASN A 866 5.43 -14.07 -34.40
CA ASN A 866 5.62 -15.04 -35.50
C ASN A 866 4.71 -14.87 -36.71
N ALA A 867 3.77 -13.93 -36.73
CA ALA A 867 2.82 -13.89 -37.84
C ALA A 867 2.29 -12.48 -38.03
N LYS A 868 1.64 -12.28 -39.17
CA LYS A 868 1.12 -10.97 -39.59
C LYS A 868 -0.25 -10.76 -38.94
N LYS A 869 -0.21 -10.51 -37.64
CA LYS A 869 -1.27 -9.78 -36.95
C LYS A 869 -0.84 -8.30 -36.92
N SER A 870 -1.53 -7.48 -36.13
CA SER A 870 -1.45 -6.02 -36.18
C SER A 870 -0.09 -5.48 -35.70
N THR A 871 0.06 -4.16 -35.76
CA THR A 871 1.27 -3.53 -35.25
C THR A 871 1.35 -3.59 -33.72
N THR A 872 0.20 -3.64 -33.05
CA THR A 872 0.16 -3.45 -31.61
C THR A 872 0.76 -4.62 -30.83
N GLU A 873 0.65 -5.83 -31.36
CA GLU A 873 1.18 -6.96 -30.60
C GLU A 873 2.70 -7.07 -30.75
N LEU A 874 3.24 -6.73 -31.92
CA LEU A 874 4.68 -6.54 -32.09
C LEU A 874 5.18 -5.44 -31.16
N LYS A 875 4.41 -4.34 -31.07
CA LYS A 875 4.74 -3.24 -30.16
C LYS A 875 4.80 -3.69 -28.71
N THR A 876 3.83 -4.51 -28.27
CA THR A 876 3.83 -4.85 -26.86
C THR A 876 4.87 -5.90 -26.51
N VAL A 877 5.16 -6.87 -27.39
CA VAL A 877 6.20 -7.82 -27.03
C VAL A 877 7.58 -7.14 -27.03
N LEU A 878 7.79 -6.20 -27.97
CA LEU A 878 9.04 -5.45 -28.01
C LEU A 878 9.19 -4.54 -26.79
N ASN A 879 8.20 -3.67 -26.56
CA ASN A 879 8.23 -2.76 -25.42
C ASN A 879 8.12 -3.48 -24.09
N TYR A 880 7.55 -4.68 -24.04
CA TYR A 880 7.40 -5.42 -22.80
C TYR A 880 8.71 -6.07 -22.38
N TRP A 881 9.44 -6.67 -23.33
CA TRP A 881 10.75 -7.19 -22.94
C TRP A 881 11.75 -6.06 -22.74
N LEU A 882 11.57 -4.92 -23.41
CA LEU A 882 12.37 -3.75 -23.07
C LEU A 882 12.02 -3.21 -21.69
N SER A 883 10.75 -3.27 -21.29
CA SER A 883 10.36 -2.80 -19.96
C SER A 883 10.93 -3.71 -18.87
N ARG A 884 10.93 -5.02 -19.12
CA ARG A 884 11.60 -5.96 -18.23
C ARG A 884 13.09 -5.67 -18.15
N ALA A 885 13.72 -5.35 -19.29
CA ALA A 885 15.15 -5.03 -19.30
C ALA A 885 15.44 -3.74 -18.53
N GLN A 886 14.58 -2.73 -18.67
CA GLN A 886 14.83 -1.46 -17.99
C GLN A 886 14.58 -1.56 -16.50
N ILE A 887 13.55 -2.32 -16.08
CA ILE A 887 13.37 -2.49 -14.65
C ILE A 887 14.41 -3.43 -14.07
N ASN A 888 14.99 -4.34 -14.87
CA ASN A 888 16.13 -5.12 -14.40
C ASN A 888 17.34 -4.24 -14.16
N ILE A 889 17.59 -3.28 -15.07
CA ILE A 889 18.71 -2.36 -14.92
C ILE A 889 18.52 -1.45 -13.70
N GLN A 890 17.32 -0.87 -13.55
CA GLN A 890 17.01 -0.04 -12.38
C GLN A 890 17.06 -0.85 -11.08
N LEU A 891 16.55 -2.08 -11.11
CA LEU A 891 16.50 -2.96 -9.95
C LEU A 891 17.88 -3.35 -9.45
N LEU A 892 18.76 -3.82 -10.34
CA LEU A 892 20.11 -4.11 -9.89
C LEU A 892 20.96 -2.86 -9.72
N ARG A 893 20.52 -1.72 -10.26
CA ARG A 893 21.17 -0.46 -9.93
C ARG A 893 20.82 -0.02 -8.51
N LYS A 894 19.66 -0.42 -8.01
CA LYS A 894 19.23 0.06 -6.70
C LYS A 894 19.71 -0.80 -5.55
N GLN A 895 19.77 -2.13 -5.70
CA GLN A 895 19.98 -2.99 -4.53
C GLN A 895 21.31 -3.76 -4.55
N ASP A 896 21.61 -4.51 -5.60
CA ASP A 896 22.71 -5.46 -5.51
C ASP A 896 24.06 -4.86 -5.86
N TYR A 897 24.11 -3.85 -6.71
CA TYR A 897 25.41 -3.36 -7.14
C TYR A 897 26.00 -2.42 -6.11
N ILE A 898 25.31 -1.32 -5.81
CA ILE A 898 25.89 -0.29 -4.96
C ILE A 898 25.83 -0.68 -3.47
N ALA A 899 24.68 -1.19 -3.02
CA ALA A 899 24.40 -1.24 -1.58
C ALA A 899 25.15 -2.34 -0.85
N ARG A 900 25.46 -3.45 -1.51
CA ARG A 900 26.10 -4.57 -0.83
C ARG A 900 27.38 -5.08 -1.47
N ASN A 901 27.70 -4.71 -2.71
CA ASN A 901 28.76 -5.40 -3.41
C ASN A 901 29.95 -4.53 -3.79
N ILE A 902 29.72 -3.35 -4.36
CA ILE A 902 30.83 -2.68 -5.04
C ILE A 902 31.71 -1.91 -4.05
N GLU A 903 31.12 -1.26 -3.03
CA GLU A 903 31.94 -0.65 -1.99
C GLU A 903 32.58 -1.70 -1.10
N GLN A 904 31.97 -2.90 -1.01
CA GLN A 904 32.65 -4.03 -0.40
C GLN A 904 33.91 -4.40 -1.18
N ALA A 905 33.86 -4.29 -2.51
CA ALA A 905 35.06 -4.52 -3.31
C ALA A 905 36.10 -3.43 -3.12
N ARG A 906 35.67 -2.18 -2.94
CA ARG A 906 36.63 -1.09 -2.76
C ARG A 906 37.18 -1.03 -1.35
N LEU A 907 36.51 -1.68 -0.40
CA LEU A 907 36.95 -1.78 0.97
C LEU A 907 37.83 -3.01 1.20
N ILE A 908 37.46 -4.14 0.60
CA ILE A 908 38.11 -5.40 0.88
C ILE A 908 39.35 -5.59 0.03
N GLY A 909 39.19 -5.47 -1.29
CA GLY A 909 40.30 -5.62 -2.22
C GLY A 909 40.13 -6.74 -3.21
N ILE A 910 39.40 -7.80 -2.85
CA ILE A 910 39.22 -8.88 -3.79
C ILE A 910 38.20 -8.45 -4.85
N ASP A 911 38.30 -9.06 -6.04
CA ASP A 911 37.50 -8.66 -7.18
C ASP A 911 36.04 -9.10 -7.02
N PHE A 912 35.24 -8.80 -8.04
CA PHE A 912 33.79 -8.76 -7.90
C PHE A 912 33.15 -10.14 -7.86
N HIS A 913 33.72 -11.12 -8.56
CA HIS A 913 33.02 -12.40 -8.76
C HIS A 913 32.89 -13.22 -7.48
N SER A 914 33.98 -13.30 -6.70
CA SER A 914 33.94 -14.14 -5.51
C SER A 914 33.12 -13.54 -4.38
N VAL A 915 32.79 -12.24 -4.44
CA VAL A 915 31.94 -11.63 -3.43
C VAL A 915 30.52 -12.20 -3.51
N TYR A 916 29.98 -12.36 -4.72
CA TYR A 916 28.67 -13.00 -4.82
C TYR A 916 28.77 -14.52 -4.86
N TYR A 917 29.86 -15.08 -5.41
CA TYR A 917 29.97 -16.54 -5.50
C TYR A 917 30.28 -17.16 -4.14
N ARG A 918 31.39 -16.76 -3.53
CA ARG A 918 31.77 -17.33 -2.23
C ARG A 918 30.85 -16.83 -1.12
N GLY A 919 30.46 -15.56 -1.17
CA GLY A 919 29.49 -15.04 -0.23
C GLY A 919 30.03 -14.68 1.14
N SER A 920 30.39 -15.68 1.94
CA SER A 920 30.92 -15.46 3.28
C SER A 920 32.37 -15.91 3.35
N GLN A 921 32.99 -15.64 4.51
CA GLN A 921 34.23 -16.23 5.03
C GLN A 921 35.46 -15.76 4.24
N PHE A 922 35.32 -14.87 3.28
CA PHE A 922 36.36 -14.69 2.30
C PHE A 922 36.86 -13.25 2.22
N LYS A 923 35.93 -12.29 2.35
CA LYS A 923 36.29 -10.87 2.40
C LYS A 923 37.11 -10.57 3.66
N VAL A 924 36.73 -11.20 4.77
CA VAL A 924 37.47 -11.08 6.02
C VAL A 924 38.86 -11.71 5.90
N GLU A 925 38.99 -12.77 5.09
CA GLU A 925 40.31 -13.34 4.80
C GLU A 925 41.18 -12.37 4.02
N SER A 926 40.61 -11.68 3.03
CA SER A 926 41.40 -10.73 2.26
C SER A 926 41.80 -9.51 3.09
N PHE A 927 40.90 -9.04 3.95
CA PHE A 927 41.24 -7.85 4.74
C PHE A 927 42.22 -8.19 5.86
N LEU A 928 42.07 -9.37 6.46
CA LEU A 928 43.04 -9.83 7.46
C LEU A 928 44.41 -10.12 6.85
N ILE A 929 44.45 -10.70 5.65
CA ILE A 929 45.74 -10.96 5.03
C ILE A 929 46.41 -9.64 4.61
N ARG A 930 45.61 -8.62 4.24
CA ARG A 930 46.17 -7.29 4.00
C ARG A 930 46.79 -6.70 5.26
N ILE A 931 46.07 -6.82 6.39
CA ILE A 931 46.55 -6.23 7.63
C ILE A 931 47.76 -6.98 8.17
N CYS A 932 47.74 -8.32 8.13
CA CYS A 932 48.85 -9.06 8.69
C CYS A 932 50.07 -9.11 7.79
N LYS A 933 49.92 -8.89 6.47
CA LYS A 933 51.11 -8.56 5.69
C LYS A 933 51.59 -7.15 5.97
N SER A 934 50.67 -6.22 6.27
CA SER A 934 51.10 -4.88 6.67
C SER A 934 51.79 -4.88 8.03
N GLU A 935 51.53 -5.87 8.88
CA GLU A 935 52.20 -6.01 10.17
C GLU A 935 53.16 -7.21 10.14
N SER A 936 53.39 -7.78 8.93
CA SER A 936 54.38 -8.83 8.65
C SER A 936 54.15 -10.12 9.44
N PHE A 937 52.89 -10.47 9.67
CA PHE A 937 52.56 -11.78 10.23
C PHE A 937 52.41 -12.80 9.09
N ILE A 938 52.41 -14.08 9.46
CA ILE A 938 52.48 -15.19 8.50
C ILE A 938 51.34 -16.17 8.76
N LEU A 939 50.37 -16.21 7.87
CA LEU A 939 49.14 -16.99 8.04
C LEU A 939 49.42 -18.49 7.86
N LEU A 940 48.53 -19.31 8.40
CA LEU A 940 48.62 -20.77 8.35
C LEU A 940 47.38 -21.37 7.70
N SER A 941 47.48 -22.65 7.32
CA SER A 941 46.40 -23.36 6.64
C SER A 941 46.12 -24.69 7.29
N PRO A 942 44.86 -25.05 7.47
CA PRO A 942 44.49 -26.44 7.73
C PRO A 942 44.15 -27.19 6.45
N GLY A 943 44.39 -28.50 6.48
CA GLY A 943 43.79 -29.39 5.51
C GLY A 943 42.44 -29.87 6.01
N LYS A 944 41.61 -30.37 5.09
CA LYS A 944 40.21 -30.65 5.42
C LYS A 944 40.07 -31.84 6.37
N LYS A 945 40.94 -32.85 6.23
CA LYS A 945 41.03 -33.92 7.22
C LYS A 945 41.51 -33.40 8.55
N ASP A 946 42.36 -32.37 8.55
CA ASP A 946 42.78 -31.73 9.78
C ASP A 946 41.73 -30.75 10.29
N VAL A 947 40.86 -30.21 9.42
CA VAL A 947 39.69 -29.48 9.90
C VAL A 947 38.75 -30.39 10.65
N ARG A 948 38.56 -31.62 10.16
CA ARG A 948 37.64 -32.54 10.82
C ARG A 948 38.26 -33.21 12.05
N LYS A 949 39.53 -32.99 12.33
CA LYS A 949 40.21 -33.56 13.48
C LYS A 949 40.78 -32.48 14.40
N GLN A 950 39.99 -31.43 14.66
CA GLN A 950 40.42 -30.34 15.51
C GLN A 950 40.03 -30.50 16.97
N LYS A 951 39.44 -31.64 17.33
CA LYS A 951 38.62 -31.81 18.55
C LYS A 951 37.61 -30.66 18.63
N ALA A 952 36.81 -30.55 17.58
CA ALA A 952 36.03 -29.35 17.33
C ALA A 952 34.75 -29.39 18.15
N LEU A 953 34.63 -28.46 19.10
CA LEU A 953 33.47 -28.33 19.96
C LEU A 953 32.89 -26.94 19.79
N GLU A 954 31.65 -26.77 20.27
CA GLU A 954 30.98 -25.48 20.18
C GLU A 954 30.34 -25.19 21.54
N CYS A 955 31.00 -24.36 22.34
CA CYS A 955 30.41 -23.79 23.54
C CYS A 955 29.48 -22.68 23.06
N VAL A 956 28.24 -23.06 22.78
CA VAL A 956 27.22 -22.21 22.17
C VAL A 956 26.85 -21.07 23.13
N PRO A 957 26.39 -19.93 22.63
CA PRO A 957 25.91 -18.89 23.55
C PRO A 957 24.61 -19.30 24.20
N LEU A 958 24.60 -19.51 25.51
CA LEU A 958 23.41 -19.98 26.20
C LEU A 958 22.42 -18.85 26.48
N VAL A 959 21.99 -18.16 25.42
CA VAL A 959 20.92 -17.19 25.53
C VAL A 959 19.61 -17.94 25.71
N MET A 960 18.65 -17.31 26.38
CA MET A 960 17.46 -18.03 26.82
C MET A 960 16.24 -17.21 26.44
N GLU A 961 15.16 -17.93 26.13
CA GLU A 961 14.01 -17.34 25.46
C GLU A 961 13.14 -16.65 26.50
N PRO A 962 12.18 -15.85 26.07
CA PRO A 962 11.23 -15.25 27.02
C PRO A 962 10.08 -16.20 27.37
N GLU A 963 9.45 -15.88 28.49
CA GLU A 963 8.22 -16.53 28.91
C GLU A 963 7.05 -16.05 28.06
N SER A 964 5.99 -16.85 28.02
CA SER A 964 4.81 -16.54 27.22
C SER A 964 3.87 -15.64 28.02
N ALA A 965 3.97 -14.33 27.79
CA ALA A 965 3.05 -13.35 28.34
C ALA A 965 2.82 -12.27 27.29
N PHE A 966 1.92 -11.34 27.60
CA PHE A 966 1.62 -10.30 26.61
C PHE A 966 2.66 -9.19 26.62
N TYR A 967 3.29 -8.96 27.78
CA TYR A 967 4.27 -7.91 28.04
C TYR A 967 3.71 -6.54 27.63
N LYS A 968 2.60 -6.21 28.29
CA LYS A 968 1.97 -4.90 28.14
C LYS A 968 2.87 -3.77 28.63
N SER A 969 3.74 -4.07 29.60
CA SER A 969 4.75 -3.13 30.05
C SER A 969 5.73 -2.82 28.92
N PRO A 970 6.21 -1.57 28.81
CA PRO A 970 7.19 -1.25 27.76
C PRO A 970 8.53 -1.91 27.99
N LEU A 971 9.24 -2.13 26.89
CA LEU A 971 10.49 -2.87 26.86
C LEU A 971 11.61 -1.93 26.44
N ILE A 972 12.84 -2.29 26.76
CA ILE A 972 13.98 -1.50 26.33
C ILE A 972 14.77 -2.35 25.33
N VAL A 973 15.45 -1.67 24.42
CA VAL A 973 16.43 -2.27 23.53
C VAL A 973 17.81 -1.99 24.09
N LEU A 974 18.58 -3.04 24.38
CA LEU A 974 19.93 -2.82 24.89
C LEU A 974 20.86 -2.43 23.76
N ASP A 975 20.80 -3.17 22.65
CA ASP A 975 21.46 -2.87 21.37
C ASP A 975 22.98 -2.70 21.50
N PHE A 976 23.63 -3.79 21.91
CA PHE A 976 25.02 -3.98 21.53
C PHE A 976 25.13 -3.82 20.01
N GLN A 977 25.92 -2.82 19.58
CA GLN A 977 26.00 -2.54 18.15
C GLN A 977 26.77 -3.63 17.40
N SER A 978 27.60 -4.39 18.11
CA SER A 978 28.27 -5.58 17.60
C SER A 978 28.78 -6.35 18.81
N LEU A 979 28.58 -7.67 18.83
CA LEU A 979 29.27 -8.44 19.85
C LEU A 979 30.72 -8.68 19.46
N TYR A 980 30.92 -9.35 18.35
CA TYR A 980 32.23 -9.89 18.04
C TYR A 980 33.24 -8.84 17.58
N PRO A 981 32.93 -7.85 16.70
CA PRO A 981 33.90 -6.75 16.48
C PRO A 981 34.26 -5.96 17.73
N SER A 982 33.25 -5.53 18.50
CA SER A 982 33.47 -4.69 19.67
C SER A 982 34.18 -5.42 20.80
N ILE A 983 34.07 -6.74 20.86
CA ILE A 983 34.76 -7.49 21.90
C ILE A 983 36.11 -8.01 21.41
N MET A 984 36.32 -8.12 20.10
CA MET A 984 37.67 -8.31 19.58
C MET A 984 38.55 -7.09 19.85
N ILE A 985 38.04 -5.88 19.58
CA ILE A 985 38.81 -4.69 19.95
C ILE A 985 38.87 -4.52 21.47
N GLY A 986 37.75 -4.74 22.17
CA GLY A 986 37.71 -4.42 23.59
C GLY A 986 38.44 -5.39 24.49
N TYR A 987 38.54 -6.66 24.10
CA TYR A 987 39.15 -7.67 24.96
C TYR A 987 40.38 -8.33 24.36
N ASN A 988 40.68 -8.07 23.08
CA ASN A 988 41.88 -8.55 22.38
C ASN A 988 41.95 -10.07 22.32
N TYR A 989 40.80 -10.71 22.14
CA TYR A 989 40.72 -12.18 22.07
C TYR A 989 40.99 -12.65 20.64
N CYS A 990 42.19 -12.37 20.15
CA CYS A 990 42.44 -12.37 18.72
C CYS A 990 43.03 -13.68 18.25
N TYR A 991 43.21 -13.76 16.93
CA TYR A 991 43.96 -14.86 16.31
C TYR A 991 45.42 -14.83 16.73
N SER A 992 45.99 -13.64 16.83
CA SER A 992 47.43 -13.43 16.92
C SER A 992 47.97 -13.59 18.34
N THR A 993 47.14 -14.00 19.31
CA THR A 993 47.62 -14.23 20.67
C THR A 993 47.20 -15.59 21.21
N MET A 994 46.91 -16.55 20.33
CA MET A 994 46.44 -17.86 20.77
C MET A 994 47.62 -18.66 21.34
N ILE A 995 47.77 -18.63 22.66
CA ILE A 995 48.88 -19.29 23.35
C ILE A 995 48.33 -20.15 24.51
N GLY A 996 47.02 -20.35 24.52
CA GLY A 996 46.33 -20.78 25.74
C GLY A 996 46.23 -22.27 25.97
N ARG A 997 44.99 -22.75 26.16
CA ARG A 997 44.65 -24.12 26.56
C ARG A 997 45.31 -24.49 27.90
N VAL A 998 44.90 -23.74 28.94
CA VAL A 998 45.34 -23.97 30.33
C VAL A 998 45.10 -25.40 30.76
N ARG A 999 43.95 -25.97 30.38
CA ARG A 999 43.79 -27.41 30.42
C ARG A 999 44.80 -28.07 29.48
N GLU A 1000 45.73 -28.84 30.07
CA GLU A 1000 46.85 -29.50 29.38
C GLU A 1000 47.71 -28.51 28.59
N ILE A 1001 48.31 -27.57 29.31
CA ILE A 1001 49.32 -26.67 28.77
C ILE A 1001 50.70 -27.24 29.08
N ASN A 1002 51.56 -27.30 28.07
CA ASN A 1002 52.94 -27.74 28.28
C ASN A 1002 53.84 -27.03 27.28
N LEU A 1003 55.15 -27.17 27.51
CA LEU A 1003 56.15 -26.52 26.67
C LEU A 1003 56.20 -27.13 25.28
N THR A 1004 56.14 -28.47 25.21
CA THR A 1004 56.41 -29.17 23.96
C THR A 1004 55.25 -29.06 22.97
N GLU A 1005 54.02 -29.11 23.46
CA GLU A 1005 52.90 -29.33 22.57
C GLU A 1005 51.68 -28.57 23.06
N ASN A 1006 50.92 -27.99 22.12
CA ASN A 1006 49.65 -27.35 22.39
C ASN A 1006 48.74 -27.60 21.19
N ASN A 1007 47.74 -28.47 21.36
CA ASN A 1007 46.75 -28.72 20.32
C ASN A 1007 45.60 -27.70 20.47
N LEU A 1008 45.94 -26.45 20.18
CA LEU A 1008 44.99 -25.35 20.21
C LEU A 1008 44.62 -24.97 18.78
N GLY A 1009 43.32 -24.78 18.55
CA GLY A 1009 42.88 -24.33 17.25
C GLY A 1009 42.87 -25.43 16.21
N VAL A 1010 43.71 -25.29 15.20
CA VAL A 1010 43.71 -26.19 14.06
C VAL A 1010 44.89 -27.14 14.03
N SER A 1011 45.96 -26.88 14.77
CA SER A 1011 47.16 -27.69 14.68
C SER A 1011 47.83 -27.74 16.05
N LYS A 1012 49.07 -28.24 16.06
CA LYS A 1012 49.74 -28.77 17.25
C LYS A 1012 51.09 -28.06 17.36
N PHE A 1013 51.17 -26.99 18.15
CA PHE A 1013 52.33 -26.12 18.17
C PHE A 1013 52.97 -26.08 19.55
N SER A 1014 54.28 -25.86 19.56
CA SER A 1014 55.06 -25.66 20.77
C SER A 1014 54.93 -24.22 21.28
N LEU A 1015 55.41 -23.99 22.49
CA LEU A 1015 55.53 -22.64 23.04
C LEU A 1015 56.90 -22.44 23.67
N PRO A 1016 57.46 -21.22 23.58
CA PRO A 1016 58.69 -20.91 24.30
C PRO A 1016 58.47 -20.86 25.81
N ARG A 1017 59.56 -21.10 26.55
CA ARG A 1017 59.47 -21.63 27.90
C ARG A 1017 59.23 -20.56 28.96
N ASN A 1018 59.89 -19.41 28.87
CA ASN A 1018 59.76 -18.40 29.90
C ASN A 1018 58.71 -17.35 29.59
N ILE A 1019 58.43 -17.11 28.30
CA ILE A 1019 57.62 -15.97 27.84
C ILE A 1019 56.18 -16.01 28.36
N LEU A 1020 55.68 -17.18 28.77
CA LEU A 1020 54.38 -17.23 29.40
C LEU A 1020 54.48 -16.96 30.91
N ALA A 1021 55.52 -17.48 31.56
CA ALA A 1021 55.82 -17.07 32.93
C ALA A 1021 56.23 -15.60 32.97
N LEU A 1022 56.96 -15.15 31.96
CA LEU A 1022 57.21 -13.72 31.76
C LEU A 1022 55.92 -12.97 31.50
N LEU A 1023 54.95 -13.63 30.86
CA LEU A 1023 53.66 -13.05 30.51
C LEU A 1023 52.60 -13.37 31.57
N LYS A 1024 53.02 -13.54 32.82
CA LYS A 1024 52.07 -13.75 33.91
C LYS A 1024 51.20 -12.53 34.14
N ASN A 1025 51.78 -11.34 33.98
CA ASN A 1025 51.05 -10.09 34.25
C ASN A 1025 50.05 -9.78 33.15
N ASP A 1026 50.41 -10.00 31.89
CA ASP A 1026 49.70 -9.39 30.77
C ASP A 1026 48.52 -10.25 30.28
N VAL A 1027 48.17 -11.32 30.99
CA VAL A 1027 47.09 -12.22 30.58
C VAL A 1027 45.73 -11.60 30.88
N THR A 1028 44.85 -11.58 29.86
CA THR A 1028 43.41 -11.57 30.04
C THR A 1028 42.93 -13.01 29.92
N ILE A 1029 42.30 -13.52 30.97
CA ILE A 1029 41.90 -14.92 31.00
C ILE A 1029 40.57 -15.06 30.27
N ALA A 1030 40.50 -16.01 29.35
CA ALA A 1030 39.25 -16.30 28.68
C ALA A 1030 38.35 -17.15 29.56
N PRO A 1031 37.03 -17.07 29.38
CA PRO A 1031 36.14 -17.92 30.17
C PRO A 1031 36.24 -19.40 29.84
N ASN A 1032 36.68 -19.77 28.64
CA ASN A 1032 36.93 -21.17 28.34
C ASN A 1032 38.36 -21.61 28.64
N GLY A 1033 39.25 -20.67 28.97
CA GLY A 1033 40.57 -21.04 29.45
C GLY A 1033 41.70 -21.01 28.44
N VAL A 1034 41.71 -20.01 27.57
CA VAL A 1034 42.85 -19.73 26.69
C VAL A 1034 43.44 -18.36 27.05
N VAL A 1035 44.67 -18.36 27.57
CA VAL A 1035 45.28 -17.13 28.08
C VAL A 1035 45.68 -16.21 26.92
N TYR A 1036 45.13 -14.99 26.94
CA TYR A 1036 45.24 -14.03 25.85
C TYR A 1036 45.82 -12.73 26.41
N ALA A 1037 46.86 -12.21 25.76
CA ALA A 1037 47.56 -11.03 26.21
C ALA A 1037 46.70 -9.76 26.02
N LYS A 1038 47.01 -8.72 26.80
CA LYS A 1038 46.46 -7.42 26.45
C LYS A 1038 47.13 -6.83 25.21
N THR A 1039 46.49 -5.78 24.71
CA THR A 1039 46.97 -4.96 23.60
C THR A 1039 48.15 -4.07 23.99
N SER A 1040 48.47 -3.95 25.28
CA SER A 1040 49.50 -3.03 25.74
C SER A 1040 50.90 -3.47 25.35
N VAL A 1041 51.11 -4.77 25.12
CA VAL A 1041 52.38 -5.26 24.61
C VAL A 1041 52.26 -5.79 23.19
N ARG A 1042 51.04 -5.94 22.67
CA ARG A 1042 50.82 -6.58 21.38
C ARG A 1042 50.30 -5.62 20.32
N LYS A 1043 49.22 -4.88 20.60
CA LYS A 1043 48.47 -4.06 19.63
C LYS A 1043 48.04 -4.92 18.44
N SER A 1044 47.19 -5.91 18.77
CA SER A 1044 46.97 -7.11 17.99
C SER A 1044 46.45 -6.84 16.58
N THR A 1045 46.67 -7.83 15.71
CA THR A 1045 46.29 -7.74 14.30
C THR A 1045 44.79 -7.63 14.12
N LEU A 1046 44.04 -8.57 14.70
CA LEU A 1046 42.58 -8.56 14.59
C LEU A 1046 41.99 -7.40 15.37
N SER A 1047 42.65 -7.01 16.45
CA SER A 1047 42.27 -5.79 17.16
C SER A 1047 42.49 -4.57 16.29
N LYS A 1048 43.60 -4.51 15.54
CA LYS A 1048 43.82 -3.42 14.60
C LYS A 1048 42.80 -3.43 13.47
N MET A 1049 42.46 -4.62 12.99
CA MET A 1049 41.41 -4.82 11.98
C MET A 1049 40.08 -4.23 12.40
N LEU A 1050 39.58 -4.65 13.55
CA LEU A 1050 38.27 -4.18 13.95
C LEU A 1050 38.32 -2.80 14.59
N THR A 1051 39.50 -2.33 15.01
CA THR A 1051 39.71 -0.91 15.30
C THR A 1051 39.50 -0.07 14.05
N ASP A 1052 40.06 -0.53 12.93
CA ASP A 1052 39.86 0.13 11.64
C ASP A 1052 38.39 0.09 11.22
N ILE A 1053 37.70 -1.03 11.48
CA ILE A 1053 36.28 -1.10 11.09
C ILE A 1053 35.42 -0.16 11.94
N LEU A 1054 35.71 -0.03 13.24
CA LEU A 1054 34.89 0.87 14.05
C LEU A 1054 35.24 2.32 13.79
N ASP A 1055 36.51 2.61 13.48
CA ASP A 1055 36.92 3.97 13.17
C ASP A 1055 36.30 4.44 11.86
N VAL A 1056 36.35 3.59 10.82
CA VAL A 1056 35.74 3.92 9.53
C VAL A 1056 34.22 4.02 9.66
N ARG A 1057 33.62 3.15 10.49
CA ARG A 1057 32.18 3.18 10.74
C ARG A 1057 31.74 4.49 11.39
N VAL A 1058 32.45 4.95 12.42
CA VAL A 1058 32.04 6.19 13.06
C VAL A 1058 32.36 7.41 12.20
N MET A 1059 33.41 7.37 11.37
CA MET A 1059 33.64 8.43 10.38
C MET A 1059 32.48 8.52 9.39
N ILE A 1060 32.04 7.37 8.88
CA ILE A 1060 30.94 7.32 7.91
C ILE A 1060 29.64 7.81 8.53
N LYS A 1061 29.33 7.34 9.74
CA LYS A 1061 28.14 7.76 10.47
C LYS A 1061 28.12 9.27 10.76
N LYS A 1062 29.26 9.82 11.20
CA LYS A 1062 29.30 11.24 11.54
C LYS A 1062 29.26 12.12 10.30
N THR A 1063 29.91 11.68 9.22
CA THR A 1063 29.87 12.46 7.98
C THR A 1063 28.48 12.40 7.34
N MET A 1064 27.81 11.23 7.43
CA MET A 1064 26.43 11.10 6.99
C MET A 1064 25.50 12.00 7.81
N ASN A 1065 25.71 12.06 9.11
CA ASN A 1065 24.86 12.89 9.96
C ASN A 1065 25.23 14.37 9.94
N GLU A 1066 26.35 14.75 9.32
CA GLU A 1066 26.76 16.16 9.32
C GLU A 1066 26.45 16.89 8.01
N ILE A 1067 26.31 16.17 6.88
CA ILE A 1067 26.20 16.82 5.58
C ILE A 1067 24.87 17.55 5.37
N GLY A 1068 23.86 17.30 6.18
CA GLY A 1068 22.61 18.01 6.09
C GLY A 1068 21.57 17.25 5.29
N ASP A 1069 20.96 17.92 4.30
CA ASP A 1069 19.92 17.28 3.51
C ASP A 1069 20.51 16.31 2.47
N ASP A 1070 21.39 16.81 1.58
CA ASP A 1070 22.23 16.02 0.66
C ASP A 1070 21.42 15.09 -0.23
N ASN A 1071 20.57 15.68 -1.07
CA ASN A 1071 19.47 14.97 -1.72
C ASN A 1071 20.02 14.11 -2.86
N THR A 1072 20.49 12.92 -2.46
CA THR A 1072 20.95 11.83 -3.33
C THR A 1072 22.09 12.25 -4.27
N THR A 1073 23.09 12.94 -3.72
CA THR A 1073 24.34 13.18 -4.42
C THR A 1073 25.52 12.45 -3.79
N LEU A 1074 25.74 12.67 -2.49
CA LEU A 1074 26.76 11.94 -1.75
C LEU A 1074 26.17 11.00 -0.71
N LYS A 1075 24.90 11.21 -0.34
CA LYS A 1075 24.23 10.40 0.67
C LYS A 1075 24.14 8.94 0.26
N ARG A 1076 23.94 8.69 -1.04
CA ARG A 1076 23.91 7.31 -1.54
C ARG A 1076 25.26 6.61 -1.34
N LEU A 1077 26.36 7.32 -1.62
CA LEU A 1077 27.70 6.78 -1.40
C LEU A 1077 27.96 6.54 0.08
N LEU A 1078 27.52 7.46 0.93
CA LEU A 1078 27.77 7.28 2.36
C LEU A 1078 26.95 6.14 2.95
N ASN A 1079 25.68 5.97 2.53
CA ASN A 1079 24.91 4.87 3.09
C ASN A 1079 25.30 3.52 2.49
N ASN A 1080 25.69 3.45 1.21
CA ASN A 1080 26.11 2.13 0.71
C ASN A 1080 27.49 1.76 1.24
N LYS A 1081 28.37 2.74 1.49
CA LYS A 1081 29.60 2.44 2.20
C LYS A 1081 29.32 2.00 3.64
N GLN A 1082 28.34 2.63 4.30
CA GLN A 1082 27.89 2.20 5.63
C GLN A 1082 27.42 0.75 5.62
N LEU A 1083 26.59 0.39 4.65
CA LEU A 1083 26.11 -0.99 4.56
C LEU A 1083 27.23 -1.95 4.15
N ALA A 1084 28.23 -1.48 3.42
CA ALA A 1084 29.41 -2.29 3.13
C ALA A 1084 30.21 -2.62 4.40
N LEU A 1085 30.42 -1.61 5.24
CA LEU A 1085 31.16 -1.84 6.49
C LEU A 1085 30.35 -2.70 7.47
N LYS A 1086 29.04 -2.50 7.50
CA LYS A 1086 28.16 -3.34 8.33
C LYS A 1086 28.13 -4.78 7.82
N LEU A 1087 28.16 -4.96 6.49
CA LEU A 1087 28.19 -6.30 5.91
C LEU A 1087 29.55 -6.96 6.06
N LEU A 1088 30.61 -6.19 6.29
CA LEU A 1088 31.85 -6.81 6.73
C LEU A 1088 31.69 -7.28 8.17
N ALA A 1089 31.15 -6.39 9.03
CA ALA A 1089 31.24 -6.58 10.47
C ALA A 1089 30.37 -7.71 10.98
N ASN A 1090 29.26 -8.01 10.31
CA ASN A 1090 28.41 -9.11 10.77
C ASN A 1090 29.02 -10.48 10.49
N VAL A 1091 29.89 -10.58 9.48
CA VAL A 1091 30.49 -11.86 9.12
C VAL A 1091 31.97 -11.93 9.52
N THR A 1092 32.46 -11.00 10.34
CA THR A 1092 33.82 -11.16 10.82
C THR A 1092 33.94 -12.20 11.93
N TYR A 1093 32.82 -12.56 12.56
CA TYR A 1093 32.80 -13.78 13.35
C TYR A 1093 32.95 -15.01 12.46
N GLY A 1094 32.39 -14.95 11.25
CA GLY A 1094 32.75 -15.91 10.23
C GLY A 1094 34.22 -15.80 9.86
N TYR A 1095 34.77 -16.94 9.42
CA TYR A 1095 36.17 -17.36 9.25
C TYR A 1095 36.80 -17.68 10.61
N THR A 1096 36.06 -17.42 11.68
CA THR A 1096 36.14 -18.18 12.92
C THR A 1096 34.84 -18.99 13.02
N SER A 1097 34.26 -19.29 11.84
CA SER A 1097 32.94 -19.90 11.75
C SER A 1097 32.93 -21.33 12.26
N ALA A 1098 34.08 -22.03 12.20
CA ALA A 1098 34.31 -23.36 12.77
C ALA A 1098 33.37 -24.42 12.20
N SER A 1099 33.42 -24.58 10.89
CA SER A 1099 32.65 -25.62 10.22
C SER A 1099 33.58 -26.47 9.36
N PHE A 1100 33.02 -27.51 8.75
CA PHE A 1100 33.81 -28.35 7.85
C PHE A 1100 34.12 -27.62 6.55
N SER A 1101 33.22 -26.77 6.07
CA SER A 1101 33.46 -25.98 4.87
C SER A 1101 34.00 -24.61 5.27
N GLY A 1102 35.21 -24.63 5.83
CA GLY A 1102 35.87 -23.41 6.25
C GLY A 1102 37.37 -23.53 6.10
N ARG A 1103 38.00 -22.37 6.00
CA ARG A 1103 39.45 -22.24 5.98
C ARG A 1103 39.87 -21.52 7.25
N MET A 1104 40.90 -22.06 7.93
CA MET A 1104 41.33 -21.70 9.27
C MET A 1104 40.15 -21.57 10.25
N PRO A 1105 39.51 -22.67 10.64
CA PRO A 1105 38.34 -22.54 11.54
C PRO A 1105 38.65 -21.97 12.91
N CYS A 1106 39.65 -22.51 13.61
CA CYS A 1106 40.07 -22.11 14.96
C CYS A 1106 38.89 -22.11 15.94
N SER A 1107 38.31 -23.31 16.11
CA SER A 1107 37.02 -23.49 16.78
C SER A 1107 37.03 -23.01 18.21
N ASP A 1108 38.14 -23.22 18.93
CA ASP A 1108 38.15 -22.82 20.33
C ASP A 1108 38.33 -21.32 20.49
N LEU A 1109 38.86 -20.62 19.48
CA LEU A 1109 38.79 -19.16 19.46
C LEU A 1109 37.34 -18.68 19.37
N ALA A 1110 36.53 -19.35 18.54
CA ALA A 1110 35.11 -19.05 18.45
C ALA A 1110 34.41 -19.30 19.77
N ASP A 1111 34.74 -20.44 20.41
CA ASP A 1111 34.29 -20.75 21.76
C ASP A 1111 34.60 -19.63 22.74
N SER A 1112 35.86 -19.17 22.73
CA SER A 1112 36.31 -18.10 23.63
C SER A 1112 35.57 -16.80 23.38
N ILE A 1113 35.41 -16.41 22.12
CA ILE A 1113 34.85 -15.10 21.83
C ILE A 1113 33.33 -15.09 22.04
N VAL A 1114 32.63 -16.18 21.74
CA VAL A 1114 31.19 -16.16 21.98
C VAL A 1114 30.90 -16.43 23.46
N GLN A 1115 31.79 -17.13 24.18
CA GLN A 1115 31.56 -17.33 25.60
C GLN A 1115 31.84 -16.06 26.39
N THR A 1116 32.83 -15.27 25.97
CA THR A 1116 32.99 -13.98 26.62
C THR A 1116 31.95 -12.97 26.16
N GLY A 1117 31.36 -13.14 24.97
CA GLY A 1117 30.16 -12.38 24.64
C GLY A 1117 28.98 -12.74 25.52
N ARG A 1118 28.82 -14.04 25.83
CA ARG A 1118 27.78 -14.51 26.73
C ARG A 1118 27.97 -13.96 28.14
N GLU A 1119 29.19 -13.97 28.64
CA GLU A 1119 29.40 -13.46 29.98
C GLU A 1119 29.40 -11.94 30.02
N THR A 1120 29.70 -11.27 28.89
CA THR A 1120 29.43 -9.83 28.78
C THR A 1120 27.94 -9.54 28.84
N LEU A 1121 27.15 -10.41 28.20
CA LEU A 1121 25.70 -10.29 28.28
C LEU A 1121 25.20 -10.56 29.69
N GLU A 1122 25.84 -11.47 30.43
CA GLU A 1122 25.47 -11.67 31.83
C GLU A 1122 25.91 -10.51 32.71
N LYS A 1123 27.01 -9.84 32.36
CA LYS A 1123 27.35 -8.61 33.08
C LYS A 1123 26.33 -7.51 32.80
N ALA A 1124 25.77 -7.49 31.59
CA ALA A 1124 24.65 -6.60 31.31
C ALA A 1124 23.41 -7.00 32.13
N ILE A 1125 23.13 -8.29 32.26
CA ILE A 1125 21.91 -8.65 32.99
C ILE A 1125 22.08 -8.52 34.51
N ASP A 1126 23.31 -8.51 35.04
CA ASP A 1126 23.40 -8.26 36.47
C ASP A 1126 23.75 -6.81 36.80
N ILE A 1127 24.07 -5.98 35.81
CA ILE A 1127 23.92 -4.55 36.06
C ILE A 1127 22.45 -4.16 35.94
N ILE A 1128 21.67 -4.88 35.13
CA ILE A 1128 20.23 -4.65 35.09
C ILE A 1128 19.57 -5.10 36.41
N GLU A 1129 19.83 -6.34 36.84
CA GLU A 1129 19.06 -6.92 37.94
C GLU A 1129 19.48 -6.40 39.30
N LYS A 1130 20.66 -5.78 39.43
CA LYS A 1130 21.09 -5.23 40.70
C LYS A 1130 20.87 -3.73 40.81
N ASP A 1131 20.34 -3.09 39.76
CA ASP A 1131 20.01 -1.67 39.80
C ASP A 1131 18.53 -1.55 40.13
N GLU A 1132 18.22 -1.51 41.43
CA GLU A 1132 16.83 -1.42 41.87
C GLU A 1132 16.22 -0.05 41.57
N THR A 1133 17.06 1.00 41.51
CA THR A 1133 16.58 2.33 41.16
C THR A 1133 16.06 2.36 39.73
N TRP A 1134 16.81 1.77 38.80
CA TRP A 1134 16.34 1.57 37.44
C TRP A 1134 15.75 0.17 37.32
N ASN A 1135 14.61 -0.01 37.98
CA ASN A 1135 14.04 -1.33 38.20
C ASN A 1135 13.53 -1.94 36.89
N ALA A 1136 13.87 -3.21 36.69
CA ALA A 1136 13.58 -3.93 35.45
C ALA A 1136 13.72 -5.41 35.73
N LYS A 1137 13.43 -6.23 34.71
CA LYS A 1137 13.64 -7.66 34.77
C LYS A 1137 13.92 -8.15 33.37
N VAL A 1138 14.98 -8.96 33.21
CA VAL A 1138 15.36 -9.47 31.90
C VAL A 1138 14.28 -10.44 31.38
N VAL A 1139 13.96 -10.31 30.11
CA VAL A 1139 12.98 -11.21 29.53
C VAL A 1139 13.49 -11.96 28.29
N TYR A 1140 13.97 -11.23 27.28
CA TYR A 1140 14.40 -11.82 26.01
C TYR A 1140 15.91 -11.65 25.93
N GLY A 1141 16.64 -12.75 26.03
CA GLY A 1141 18.07 -12.75 25.83
C GLY A 1141 18.37 -13.32 24.45
N ASP A 1142 19.33 -12.71 23.78
CA ASP A 1142 19.76 -13.16 22.47
C ASP A 1142 21.21 -12.70 22.28
N THR A 1143 21.81 -13.00 21.14
CA THR A 1143 23.22 -12.68 21.00
C THR A 1143 23.48 -11.20 20.76
N ASP A 1144 22.95 -10.66 19.66
CA ASP A 1144 23.34 -9.33 19.20
C ASP A 1144 22.74 -8.21 20.05
N SER A 1145 21.70 -8.52 20.81
CA SER A 1145 20.96 -7.52 21.55
C SER A 1145 20.24 -8.20 22.70
N LEU A 1146 19.78 -7.38 23.64
CA LEU A 1146 19.08 -7.87 24.81
C LEU A 1146 17.83 -7.04 25.02
N PHE A 1147 16.78 -7.70 25.51
CA PHE A 1147 15.50 -7.05 25.76
C PHE A 1147 15.10 -7.36 27.19
N VAL A 1148 14.91 -6.32 28.00
CA VAL A 1148 14.28 -6.49 29.29
C VAL A 1148 12.89 -5.90 29.11
N TYR A 1149 11.98 -6.22 30.02
CA TYR A 1149 10.70 -5.54 30.04
C TYR A 1149 10.69 -4.65 31.28
N LEU A 1150 10.59 -3.36 31.06
CA LEU A 1150 10.52 -2.37 32.12
C LEU A 1150 9.10 -2.36 32.66
N PRO A 1151 8.86 -2.85 33.88
CA PRO A 1151 7.47 -3.06 34.32
C PRO A 1151 6.74 -1.76 34.64
N GLY A 1152 5.80 -1.40 33.76
CA GLY A 1152 4.98 -0.22 33.90
C GLY A 1152 5.72 1.10 33.97
N LYS A 1153 6.61 1.37 33.03
CA LYS A 1153 7.66 2.35 33.22
C LYS A 1153 7.60 3.50 32.22
N THR A 1154 6.40 3.84 31.74
CA THR A 1154 5.96 5.16 31.21
C THR A 1154 6.89 5.72 30.11
N ALA A 1155 6.92 4.97 29.00
CA ALA A 1155 7.97 4.90 27.98
C ALA A 1155 8.61 6.22 27.51
N ILE A 1156 7.84 7.31 27.57
CA ILE A 1156 8.41 8.65 27.44
C ILE A 1156 9.49 8.92 28.51
N GLU A 1157 9.38 8.31 29.69
CA GLU A 1157 10.46 8.33 30.66
C GLU A 1157 11.48 7.21 30.42
N ALA A 1158 11.08 6.13 29.75
CA ALA A 1158 12.06 5.15 29.30
C ALA A 1158 12.99 5.69 28.23
N PHE A 1159 12.60 6.76 27.54
CA PHE A 1159 13.52 7.51 26.68
C PHE A 1159 14.68 8.10 27.47
N SER A 1160 14.46 8.42 28.74
CA SER A 1160 15.57 8.83 29.60
C SER A 1160 16.29 7.62 30.17
N ILE A 1161 15.54 6.62 30.64
CA ILE A 1161 16.15 5.52 31.39
C ILE A 1161 16.96 4.61 30.47
N GLY A 1162 16.60 4.52 29.18
CA GLY A 1162 17.37 3.71 28.25
C GLY A 1162 18.72 4.32 27.94
N HIS A 1163 18.76 5.64 27.73
CA HIS A 1163 20.00 6.33 27.47
C HIS A 1163 20.90 6.34 28.71
N ALA A 1164 20.32 6.59 29.89
CA ALA A 1164 21.10 6.58 31.12
C ALA A 1164 21.60 5.18 31.47
N MET A 1165 20.77 4.16 31.23
CA MET A 1165 21.20 2.78 31.37
C MET A 1165 22.27 2.41 30.36
N ALA A 1166 22.20 2.96 29.15
CA ALA A 1166 23.22 2.71 28.14
C ALA A 1166 24.55 3.34 28.55
N GLU A 1167 24.50 4.53 29.14
CA GLU A 1167 25.70 5.14 29.71
C GLU A 1167 26.25 4.30 30.86
N ARG A 1168 25.35 3.73 31.68
CA ARG A 1168 25.77 2.91 32.80
C ARG A 1168 26.35 1.56 32.36
N VAL A 1169 25.97 1.05 31.19
CA VAL A 1169 26.56 -0.20 30.73
C VAL A 1169 27.86 0.06 29.97
N THR A 1170 27.91 1.15 29.17
CA THR A 1170 29.16 1.52 28.49
C THR A 1170 30.26 1.87 29.48
N GLN A 1171 29.92 2.58 30.57
CA GLN A 1171 30.94 2.84 31.60
C GLN A 1171 31.39 1.55 32.29
N ASN A 1172 30.49 0.58 32.43
CA ASN A 1172 30.88 -0.72 33.00
C ASN A 1172 31.78 -1.51 32.05
N ASN A 1173 31.46 -1.48 30.77
CA ASN A 1173 32.12 -2.29 29.75
C ASN A 1173 33.39 -1.51 29.37
N PRO A 1174 34.39 -2.12 28.73
CA PRO A 1174 35.48 -1.31 28.17
C PRO A 1174 35.08 -0.41 27.02
N LYS A 1175 36.04 0.44 26.66
CA LYS A 1175 35.85 1.66 25.86
C LYS A 1175 35.13 1.54 24.52
N PRO A 1176 35.45 0.59 23.61
CA PRO A 1176 34.87 0.71 22.23
C PRO A 1176 33.38 0.43 22.13
N ILE A 1177 32.84 -0.43 22.98
CA ILE A 1177 31.45 -0.85 22.89
C ILE A 1177 30.52 0.33 23.15
N PHE A 1178 29.55 0.51 22.25
CA PHE A 1178 28.53 1.54 22.36
C PHE A 1178 27.17 0.87 22.32
N LEU A 1179 26.16 1.58 22.83
CA LEU A 1179 24.83 0.99 23.02
C LEU A 1179 23.78 2.05 22.71
N LYS A 1180 23.20 1.96 21.51
CA LYS A 1180 22.16 2.87 21.06
C LYS A 1180 20.85 2.59 21.79
N PHE A 1181 19.86 3.44 21.51
CA PHE A 1181 18.53 3.30 22.10
C PHE A 1181 17.64 2.43 21.22
N GLU A 1182 17.49 2.81 19.95
CA GLU A 1182 16.96 1.99 18.86
C GLU A 1182 15.53 1.50 19.11
N LYS A 1183 14.61 2.47 19.17
CA LYS A 1183 13.17 2.34 18.81
C LYS A 1183 12.43 1.25 19.61
N VAL A 1184 12.33 1.52 20.91
CA VAL A 1184 11.62 0.61 21.84
C VAL A 1184 10.13 0.47 21.52
N TYR A 1185 9.53 -0.61 22.05
CA TYR A 1185 8.17 -1.05 21.76
C TYR A 1185 7.27 -0.86 22.97
N HIS A 1186 6.02 -0.36 22.76
CA HIS A 1186 5.10 -0.27 23.89
C HIS A 1186 4.59 -1.63 24.41
N PRO A 1187 3.81 -2.50 23.62
CA PRO A 1187 3.79 -3.92 24.01
C PRO A 1187 4.87 -4.74 23.31
N SER A 1188 4.92 -6.05 23.56
CA SER A 1188 5.80 -6.95 22.80
C SER A 1188 5.38 -8.41 22.91
N ILE A 1189 5.11 -9.05 21.77
CA ILE A 1189 4.88 -10.49 21.77
C ILE A 1189 6.21 -11.22 21.82
N LEU A 1190 6.32 -12.17 22.76
CA LEU A 1190 7.62 -12.72 23.17
C LEU A 1190 7.59 -14.25 23.27
N ILE A 1191 7.06 -14.94 22.25
CA ILE A 1191 7.07 -16.40 22.28
C ILE A 1191 8.49 -16.96 22.21
N SER A 1192 9.30 -16.48 21.27
CA SER A 1192 10.52 -17.21 20.97
C SER A 1192 11.72 -16.28 20.85
N LYS A 1193 12.88 -16.93 20.71
CA LYS A 1193 14.10 -16.29 20.23
C LYS A 1193 13.86 -15.73 18.84
N LYS A 1194 14.37 -14.51 18.61
CA LYS A 1194 14.25 -13.74 17.36
C LYS A 1194 12.78 -13.52 16.97
N ARG A 1195 11.94 -13.22 17.97
CA ARG A 1195 10.50 -13.03 17.76
C ARG A 1195 10.14 -11.72 18.46
N TYR A 1196 10.15 -10.63 17.68
CA TYR A 1196 10.20 -9.28 18.25
C TYR A 1196 8.85 -8.71 18.66
N VAL A 1197 7.83 -8.84 17.80
CA VAL A 1197 7.02 -7.74 17.28
C VAL A 1197 6.55 -6.71 18.30
N GLY A 1198 6.83 -5.43 18.01
CA GLY A 1198 6.32 -4.31 18.78
C GLY A 1198 6.17 -3.09 17.89
N PHE A 1199 5.51 -2.07 18.43
CA PHE A 1199 5.54 -0.74 17.80
C PHE A 1199 6.80 0.01 18.21
N SER A 1200 7.81 -0.10 17.36
CA SER A 1200 9.06 0.60 17.53
C SER A 1200 8.91 2.06 17.14
N TYR A 1201 9.67 2.93 17.82
CA TYR A 1201 9.67 4.35 17.50
C TYR A 1201 10.90 5.01 18.11
N GLU A 1202 11.64 5.76 17.28
CA GLU A 1202 12.96 6.24 17.66
C GLU A 1202 12.90 7.39 18.66
N SER A 1203 11.96 8.31 18.48
CA SER A 1203 11.96 9.56 19.23
C SER A 1203 10.60 9.79 19.84
N PRO A 1204 10.52 10.53 20.95
CA PRO A 1204 9.20 10.92 21.49
C PRO A 1204 8.38 11.82 20.59
N SER A 1205 9.01 12.61 19.71
CA SER A 1205 8.27 13.52 18.84
C SER A 1205 7.52 12.80 17.73
N GLN A 1206 7.91 11.57 17.40
CA GLN A 1206 7.23 10.77 16.39
C GLN A 1206 5.90 10.30 16.97
N THR A 1207 4.97 9.93 16.08
CA THR A 1207 3.68 9.35 16.42
C THR A 1207 3.30 8.46 15.26
N LEU A 1208 2.23 7.65 15.45
CA LEU A 1208 1.94 6.44 14.68
C LEU A 1208 3.19 5.55 14.62
N PRO A 1209 3.57 4.92 15.74
CA PRO A 1209 4.86 4.21 15.85
C PRO A 1209 5.04 3.08 14.84
N ILE A 1210 6.25 3.03 14.26
CA ILE A 1210 6.57 2.13 13.15
C ILE A 1210 6.50 0.67 13.58
N PHE A 1211 5.81 -0.13 12.76
CA PHE A 1211 5.76 -1.58 12.95
C PHE A 1211 7.13 -2.19 12.66
N ASP A 1212 7.53 -3.16 13.50
CA ASP A 1212 8.82 -3.83 13.37
C ASP A 1212 8.60 -5.31 13.08
N ALA A 1213 9.15 -5.78 11.95
CA ALA A 1213 8.88 -7.14 11.49
C ALA A 1213 10.23 -7.79 11.20
N LYS A 1214 11.15 -7.59 12.14
CA LYS A 1214 12.44 -8.23 12.01
C LYS A 1214 12.61 -9.58 12.58
N GLY A 1215 13.21 -10.52 11.85
CA GLY A 1215 13.52 -11.80 12.47
C GLY A 1215 12.40 -12.79 12.74
N ILE A 1216 11.18 -12.27 12.87
CA ILE A 1216 9.95 -12.91 13.36
C ILE A 1216 9.63 -14.29 12.78
N GLU A 1217 9.22 -15.20 13.66
CA GLU A 1217 8.79 -16.54 13.27
C GLU A 1217 7.52 -16.55 12.43
N THR A 1218 6.71 -15.49 12.48
CA THR A 1218 5.39 -15.47 11.84
C THR A 1218 5.47 -15.51 10.32
N ARG A 1221 10.54 -20.21 5.05
CA ARG A 1221 9.23 -20.77 4.73
C ARG A 1221 8.68 -20.11 3.46
N ASP A 1222 7.66 -20.75 2.87
CA ASP A 1222 6.91 -20.18 1.75
C ASP A 1222 6.38 -18.78 2.03
N GLY A 1223 5.68 -18.62 3.15
CA GLY A 1223 5.13 -17.33 3.53
C GLY A 1223 4.01 -16.84 2.65
N ILE A 1224 2.95 -17.64 2.54
CA ILE A 1224 1.67 -17.26 1.94
C ILE A 1224 1.14 -15.96 2.56
N PRO A 1225 0.94 -14.92 1.73
CA PRO A 1225 0.87 -13.53 2.24
C PRO A 1225 -0.33 -13.21 3.14
N ALA A 1226 -1.42 -13.98 3.06
CA ALA A 1226 -2.62 -13.63 3.82
C ALA A 1226 -2.43 -13.82 5.30
N GLN A 1227 -1.70 -14.87 5.70
CA GLN A 1227 -1.35 -15.07 7.10
C GLN A 1227 -0.52 -13.91 7.65
N GLN A 1228 0.47 -13.46 6.86
CA GLN A 1228 1.28 -12.30 7.24
C GLN A 1228 0.43 -11.03 7.34
N LYS A 1229 -0.51 -10.85 6.41
CA LYS A 1229 -1.32 -9.62 6.42
C LYS A 1229 -2.33 -9.61 7.57
N ILE A 1230 -2.97 -10.75 7.84
CA ILE A 1230 -3.91 -10.80 8.96
C ILE A 1230 -3.17 -10.73 10.29
N ILE A 1231 -1.97 -11.31 10.38
CA ILE A 1231 -1.17 -11.20 11.60
C ILE A 1231 -0.71 -9.76 11.81
N GLU A 1232 -0.36 -9.06 10.72
CA GLU A 1232 0.03 -7.66 10.80
C GLU A 1232 -1.12 -6.77 11.24
N LYS A 1233 -2.30 -6.95 10.63
CA LYS A 1233 -3.47 -6.16 11.01
C LYS A 1233 -3.95 -6.50 12.42
N CYS A 1234 -3.90 -7.78 12.81
CA CYS A 1234 -4.26 -8.20 14.15
C CYS A 1234 -3.35 -7.58 15.20
N ILE A 1235 -2.04 -7.58 14.95
CA ILE A 1235 -1.11 -6.94 15.87
C ILE A 1235 -1.30 -5.42 15.89
N ARG A 1236 -1.56 -4.83 14.71
CA ARG A 1236 -1.83 -3.39 14.60
C ARG A 1236 -3.08 -2.99 15.40
N LEU A 1237 -4.09 -3.84 15.40
CA LEU A 1237 -5.34 -3.59 16.11
C LEU A 1237 -5.18 -3.81 17.62
N LEU A 1238 -4.66 -4.99 18.02
CA LEU A 1238 -4.28 -5.30 19.39
C LEU A 1238 -3.27 -4.36 20.03
N PHE A 1239 -2.51 -3.62 19.23
CA PHE A 1239 -1.42 -2.81 19.72
C PHE A 1239 -1.68 -1.32 19.66
N GLN A 1240 -2.55 -0.87 18.76
CA GLN A 1240 -2.88 0.55 18.70
C GLN A 1240 -3.84 0.95 19.81
N THR A 1241 -4.80 0.09 20.14
CA THR A 1241 -5.86 0.42 21.08
C THR A 1241 -6.03 -0.58 22.22
N LYS A 1242 -5.34 -1.73 22.17
CA LYS A 1242 -5.34 -2.78 23.20
C LYS A 1242 -6.75 -3.31 23.48
N ASP A 1243 -7.36 -3.89 22.44
CA ASP A 1243 -8.70 -4.43 22.57
C ASP A 1243 -8.81 -5.67 21.68
N LEU A 1244 -9.75 -6.55 22.05
CA LEU A 1244 -9.82 -7.86 21.44
C LEU A 1244 -11.17 -8.17 20.80
N SER A 1245 -12.20 -7.35 21.04
CA SER A 1245 -13.46 -7.54 20.32
C SER A 1245 -13.36 -7.10 18.87
N LYS A 1246 -12.49 -6.12 18.59
CA LYS A 1246 -12.25 -5.73 17.21
C LYS A 1246 -11.47 -6.82 16.48
N ILE A 1247 -10.57 -7.51 17.19
CA ILE A 1247 -9.91 -8.71 16.67
C ILE A 1247 -10.94 -9.78 16.36
N LYS A 1248 -11.93 -9.94 17.25
CA LYS A 1248 -13.02 -10.90 17.03
C LYS A 1248 -13.80 -10.59 15.76
N LYS A 1249 -14.23 -9.33 15.59
CA LYS A 1249 -14.99 -9.00 14.39
C LYS A 1249 -14.13 -9.05 13.13
N TYR A 1250 -12.83 -8.74 13.23
CA TYR A 1250 -11.94 -8.82 12.07
C TYR A 1250 -11.72 -10.27 11.63
N LEU A 1251 -11.44 -11.17 12.60
CA LEU A 1251 -11.24 -12.57 12.26
C LEU A 1251 -12.54 -13.22 11.78
N GLN A 1252 -13.67 -12.84 12.35
CA GLN A 1252 -14.96 -13.33 11.86
C GLN A 1252 -15.24 -12.84 10.45
N ASN A 1253 -14.89 -11.58 10.17
CA ASN A 1253 -15.00 -11.05 8.81
C ASN A 1253 -14.11 -11.81 7.84
N GLU A 1254 -12.89 -12.17 8.25
CA GLU A 1254 -12.01 -12.95 7.39
C GLU A 1254 -12.54 -14.36 7.16
N PHE A 1255 -13.17 -14.96 8.17
CA PHE A 1255 -13.78 -16.26 7.97
C PHE A 1255 -15.04 -16.18 7.09
N PHE A 1256 -15.76 -15.05 7.12
CA PHE A 1256 -16.80 -14.82 6.12
C PHE A 1256 -16.19 -14.67 4.72
N LYS A 1257 -15.04 -14.00 4.61
CA LYS A 1257 -14.37 -13.80 3.32
C LYS A 1257 -13.97 -15.14 2.71
N ILE A 1258 -13.49 -16.07 3.54
CA ILE A 1258 -13.21 -17.41 3.04
C ILE A 1258 -14.51 -18.19 2.80
N GLN A 1259 -15.46 -18.09 3.73
CA GLN A 1259 -16.65 -18.93 3.74
C GLN A 1259 -17.66 -18.53 2.68
N ILE A 1260 -18.11 -17.27 2.69
CA ILE A 1260 -19.09 -16.82 1.71
C ILE A 1260 -18.47 -16.75 0.32
N GLY A 1261 -17.24 -16.27 0.23
CA GLY A 1261 -16.48 -16.42 -1.01
C GLY A 1261 -15.88 -15.16 -1.58
N LYS A 1262 -15.89 -14.07 -0.82
CA LYS A 1262 -15.16 -12.87 -1.25
C LYS A 1262 -13.69 -13.12 -0.96
N VAL A 1263 -12.99 -13.68 -1.94
CA VAL A 1263 -11.60 -14.08 -1.83
C VAL A 1263 -10.80 -13.29 -2.86
N SER A 1264 -9.71 -12.66 -2.42
CA SER A 1264 -8.82 -12.01 -3.37
C SER A 1264 -7.98 -13.00 -4.16
N ALA A 1265 -7.87 -14.24 -3.68
CA ALA A 1265 -7.28 -15.43 -4.31
C ALA A 1265 -5.77 -15.37 -4.48
N GLN A 1266 -5.11 -14.30 -4.05
CA GLN A 1266 -3.68 -14.32 -3.76
C GLN A 1266 -3.42 -14.77 -2.33
N ASP A 1267 -4.49 -15.11 -1.59
CA ASP A 1267 -4.38 -15.40 -0.17
C ASP A 1267 -3.68 -16.72 0.09
N PHE A 1268 -3.78 -17.67 -0.85
CA PHE A 1268 -3.16 -18.99 -0.70
C PHE A 1268 -2.47 -19.36 -2.00
N CYS A 1269 -1.15 -19.36 -1.99
CA CYS A 1269 -0.37 -19.83 -3.14
C CYS A 1269 0.79 -20.66 -2.60
N PHE A 1270 0.61 -21.97 -2.57
CA PHE A 1270 1.69 -22.87 -2.20
C PHE A 1270 2.53 -23.20 -3.43
N ALA A 1271 3.70 -23.78 -3.19
CA ALA A 1271 4.61 -24.14 -4.27
C ALA A 1271 5.52 -25.25 -3.77
N LYS A 1272 5.40 -26.43 -4.35
CA LYS A 1272 6.34 -27.50 -4.07
C LYS A 1272 7.70 -27.19 -4.70
N GLU A 1273 8.73 -27.92 -4.25
CA GLU A 1273 10.04 -27.87 -4.89
C GLU A 1273 10.11 -28.71 -6.17
N VAL A 1274 9.00 -29.35 -6.57
CA VAL A 1274 8.90 -30.00 -7.86
C VAL A 1274 9.10 -28.99 -8.97
N LYS A 1275 9.91 -29.34 -9.98
CA LYS A 1275 10.23 -28.48 -11.10
C LYS A 1275 9.01 -28.15 -11.96
N PRO A 1304 19.44 -20.70 -6.10
CA PRO A 1304 19.75 -21.85 -6.97
C PRO A 1304 18.80 -21.96 -8.16
N GLN A 1305 18.22 -23.13 -8.37
CA GLN A 1305 17.31 -23.33 -9.49
C GLN A 1305 15.96 -22.66 -9.23
N TYR A 1306 15.37 -22.10 -10.28
CA TYR A 1306 14.11 -21.37 -10.17
C TYR A 1306 13.10 -21.92 -11.15
N LYS A 1307 12.98 -23.24 -11.22
CA LYS A 1307 11.79 -23.88 -11.77
C LYS A 1307 10.69 -23.98 -10.71
N GLU A 1308 10.33 -22.84 -10.13
CA GLU A 1308 9.48 -22.72 -8.95
C GLU A 1308 8.50 -21.59 -9.21
N ARG A 1309 7.77 -21.21 -8.15
CA ARG A 1309 6.53 -20.43 -8.22
C ARG A 1309 5.56 -21.10 -9.21
N ILE A 1310 5.41 -22.40 -9.03
CA ILE A 1310 4.59 -23.28 -9.87
C ILE A 1310 3.12 -22.93 -9.65
N PRO A 1311 2.23 -23.20 -10.62
CA PRO A 1311 0.81 -22.93 -10.36
C PRO A 1311 0.23 -23.95 -9.40
N TYR A 1312 -0.03 -23.49 -8.17
CA TYR A 1312 -0.66 -24.32 -7.14
C TYR A 1312 -1.33 -23.35 -6.18
N LEU A 1313 -2.66 -23.30 -6.21
CA LEU A 1313 -3.41 -22.29 -5.47
C LEU A 1313 -4.55 -23.01 -4.74
N VAL A 1314 -4.31 -23.41 -3.50
CA VAL A 1314 -5.32 -24.13 -2.72
C VAL A 1314 -6.12 -23.07 -1.97
N VAL A 1315 -7.12 -22.53 -2.65
CA VAL A 1315 -8.22 -21.84 -1.98
C VAL A 1315 -9.47 -22.46 -2.59
N LYS A 1316 -9.26 -23.28 -3.61
CA LYS A 1316 -10.34 -23.78 -4.46
C LYS A 1316 -11.28 -24.71 -3.70
N GLY A 1317 -10.74 -25.53 -2.82
CA GLY A 1317 -11.55 -26.59 -2.24
C GLY A 1317 -11.82 -27.69 -3.25
N LYS A 1318 -12.78 -28.54 -2.91
CA LYS A 1318 -13.14 -29.68 -3.73
C LYS A 1318 -14.66 -29.77 -3.83
N GLN A 1319 -15.15 -29.93 -5.07
CA GLN A 1319 -16.58 -30.16 -5.29
C GLN A 1319 -17.05 -31.44 -4.62
N GLY A 1320 -16.50 -32.58 -5.05
CA GLY A 1320 -16.88 -33.87 -4.56
C GLY A 1320 -16.02 -34.48 -3.48
N GLN A 1321 -15.03 -33.73 -2.98
CA GLN A 1321 -13.98 -34.23 -2.07
C GLN A 1321 -13.26 -35.44 -2.66
N LEU A 1322 -12.85 -35.30 -3.92
CA LEU A 1322 -12.38 -36.41 -4.74
C LEU A 1322 -10.89 -36.38 -5.03
N LEU A 1323 -10.31 -35.22 -5.31
CA LEU A 1323 -8.91 -35.12 -5.66
C LEU A 1323 -8.10 -34.76 -4.43
N ARG A 1324 -7.13 -35.59 -4.08
CA ARG A 1324 -6.40 -35.47 -2.82
C ARG A 1324 -5.25 -34.48 -3.02
N GLU A 1325 -5.37 -33.32 -2.37
CA GLU A 1325 -4.35 -32.26 -2.35
C GLU A 1325 -4.05 -31.74 -3.75
N ARG A 1326 -5.09 -31.61 -4.57
CA ARG A 1326 -4.91 -31.27 -5.98
C ARG A 1326 -5.72 -30.04 -6.36
N CYS A 1327 -5.80 -29.05 -5.47
CA CYS A 1327 -6.28 -27.73 -5.86
C CYS A 1327 -5.11 -27.03 -6.55
N VAL A 1328 -4.99 -27.25 -7.86
CA VAL A 1328 -3.78 -26.94 -8.60
C VAL A 1328 -3.96 -25.78 -9.56
N SER A 1329 -5.07 -25.70 -10.28
CA SER A 1329 -5.24 -24.70 -11.32
C SER A 1329 -5.59 -23.35 -10.71
N PRO A 1330 -4.73 -22.33 -10.82
CA PRO A 1330 -5.03 -21.04 -10.20
C PRO A 1330 -6.06 -20.21 -10.95
N GLU A 1331 -6.39 -20.57 -12.18
CA GLU A 1331 -7.37 -19.87 -12.99
C GLU A 1331 -8.42 -20.83 -13.52
N GLU A 1332 -8.87 -21.75 -12.67
CA GLU A 1332 -9.84 -22.76 -13.08
C GLU A 1332 -11.23 -22.15 -13.16
N PHE A 1333 -11.79 -22.11 -14.37
CA PHE A 1333 -13.04 -21.41 -14.65
C PHE A 1333 -14.22 -22.33 -14.33
N LEU A 1334 -14.77 -22.20 -13.12
CA LEU A 1334 -15.98 -22.95 -12.75
C LEU A 1334 -16.68 -22.14 -11.66
N GLU A 1335 -17.69 -22.74 -11.02
CA GLU A 1335 -18.60 -22.05 -10.11
C GLU A 1335 -18.00 -21.94 -8.72
N GLY A 1336 -18.84 -21.51 -7.76
CA GLY A 1336 -18.46 -21.06 -6.44
C GLY A 1336 -17.64 -21.96 -5.53
N GLU A 1337 -18.11 -23.18 -5.25
CA GLU A 1337 -17.42 -24.01 -4.27
C GLU A 1337 -16.21 -24.76 -4.86
N ASN A 1338 -15.76 -24.45 -6.07
CA ASN A 1338 -14.45 -24.83 -6.55
C ASN A 1338 -13.59 -23.55 -6.67
N LEU A 1339 -13.93 -22.53 -5.89
CA LEU A 1339 -12.99 -21.43 -5.64
C LEU A 1339 -12.91 -21.05 -4.16
N GLU A 1340 -13.72 -21.65 -3.29
CA GLU A 1340 -13.78 -21.32 -1.88
C GLU A 1340 -14.45 -22.48 -1.14
N LEU A 1341 -13.95 -22.77 0.07
CA LEU A 1341 -14.48 -23.84 0.90
C LEU A 1341 -14.16 -23.52 2.36
N ASP A 1342 -14.92 -24.15 3.26
CA ASP A 1342 -14.85 -23.89 4.69
C ASP A 1342 -14.14 -24.98 5.49
N SER A 1343 -14.50 -26.25 5.30
CA SER A 1343 -13.98 -27.37 6.08
C SER A 1343 -12.90 -28.10 5.28
N GLU A 1344 -11.64 -27.78 5.55
CA GLU A 1344 -10.51 -28.39 4.85
C GLU A 1344 -9.27 -28.33 5.73
N TYR A 1345 -8.11 -28.64 5.14
CA TYR A 1345 -6.85 -28.56 5.85
C TYR A 1345 -6.34 -27.12 5.96
N TYR A 1346 -6.60 -26.27 4.97
CA TYR A 1346 -6.02 -24.93 5.04
C TYR A 1346 -6.81 -24.01 5.96
N ILE A 1347 -8.03 -24.38 6.35
CA ILE A 1347 -8.65 -23.63 7.44
C ILE A 1347 -7.93 -23.91 8.76
N ASN A 1348 -7.38 -25.13 8.94
CA ASN A 1348 -6.50 -25.39 10.07
C ASN A 1348 -5.18 -24.65 9.91
N LYS A 1349 -4.68 -24.58 8.68
CA LYS A 1349 -3.41 -23.92 8.40
C LYS A 1349 -3.52 -22.40 8.43
N ILE A 1350 -4.73 -21.85 8.44
CA ILE A 1350 -4.92 -20.43 8.69
C ILE A 1350 -5.35 -20.14 10.13
N LEU A 1351 -5.90 -21.13 10.85
CA LEU A 1351 -6.19 -20.85 12.25
C LEU A 1351 -5.02 -21.09 13.17
N ILE A 1352 -4.01 -21.85 12.75
CA ILE A 1352 -2.82 -21.97 13.61
C ILE A 1352 -1.87 -20.76 13.66
N PRO A 1353 -1.56 -19.98 12.60
CA PRO A 1353 -0.60 -18.84 12.77
C PRO A 1353 -1.06 -17.73 13.73
N PRO A 1354 -2.38 -17.37 13.86
CA PRO A 1354 -2.73 -16.52 15.01
C PRO A 1354 -2.55 -17.20 16.35
N LEU A 1355 -2.97 -18.47 16.45
CA LEU A 1355 -3.06 -19.14 17.74
C LEU A 1355 -1.67 -19.40 18.35
N ASP A 1356 -0.76 -19.97 17.55
CA ASP A 1356 0.58 -20.28 18.04
C ASP A 1356 1.38 -19.01 18.31
N ARG A 1357 1.34 -18.04 17.40
CA ARG A 1357 2.16 -16.84 17.54
C ARG A 1357 1.60 -15.89 18.59
N LEU A 1358 0.29 -15.65 18.59
CA LEU A 1358 -0.22 -14.55 19.39
C LEU A 1358 -1.18 -14.99 20.47
N PHE A 1359 -2.07 -15.92 20.14
CA PHE A 1359 -3.19 -16.23 21.02
C PHE A 1359 -2.85 -17.23 22.12
N ASN A 1360 -1.70 -17.90 22.04
CA ASN A 1360 -1.22 -18.80 23.09
C ASN A 1360 -1.04 -18.05 24.41
N LEU A 1361 -0.17 -17.04 24.40
CA LEU A 1361 0.07 -16.19 25.58
C LEU A 1361 -1.15 -15.43 26.07
N ILE A 1362 -2.16 -15.21 25.24
CA ILE A 1362 -3.35 -14.51 25.73
C ILE A 1362 -4.45 -15.52 26.07
N GLY A 1363 -4.35 -16.76 25.58
CA GLY A 1363 -5.24 -17.82 25.98
C GLY A 1363 -6.53 -17.95 25.19
N ILE A 1364 -6.89 -16.93 24.41
CA ILE A 1364 -8.14 -16.98 23.67
C ILE A 1364 -8.01 -17.94 22.50
N ASN A 1365 -9.03 -18.76 22.29
CA ASN A 1365 -9.04 -19.77 21.24
C ASN A 1365 -9.66 -19.18 19.97
N VAL A 1366 -8.83 -18.90 18.97
CA VAL A 1366 -9.35 -18.56 17.64
C VAL A 1366 -9.98 -19.78 16.98
N GLY A 1367 -9.58 -21.00 17.39
CA GLY A 1367 -10.27 -22.19 16.93
C GLY A 1367 -11.70 -22.28 17.42
N ASN A 1368 -11.97 -21.75 18.62
CA ASN A 1368 -13.34 -21.64 19.08
C ASN A 1368 -14.13 -20.61 18.26
N TRP A 1369 -13.46 -19.57 17.76
CA TRP A 1369 -14.10 -18.61 16.86
C TRP A 1369 -14.44 -19.28 15.53
N ALA A 1370 -13.52 -20.10 15.01
CA ALA A 1370 -13.77 -20.85 13.79
C ALA A 1370 -14.89 -21.87 13.99
N GLN A 1371 -14.95 -22.48 15.16
CA GLN A 1371 -16.03 -23.42 15.47
C GLN A 1371 -17.36 -22.69 15.63
N GLU A 1372 -17.34 -21.45 16.11
CA GLU A 1372 -18.56 -20.69 16.24
C GLU A 1372 -19.06 -20.17 14.90
N ILE A 1373 -18.16 -19.99 13.93
CA ILE A 1373 -18.59 -19.46 12.63
C ILE A 1373 -18.77 -20.58 11.59
N VAL A 1374 -18.28 -21.79 11.87
CA VAL A 1374 -18.28 -22.86 10.86
C VAL A 1374 -19.69 -23.40 10.64
N LYS A 1375 -20.58 -23.28 11.63
CA LYS A 1375 -21.99 -23.64 11.46
C LYS A 1375 -22.86 -22.44 11.15
N SER A 1376 -22.79 -21.39 11.97
CA SER A 1376 -23.59 -20.18 11.75
C SER A 1376 -22.71 -18.97 11.47
N THR A 1423 -38.02 -8.75 -6.81
CA THR A 1423 -37.08 -8.14 -5.88
C THR A 1423 -35.84 -9.01 -5.76
N THR A 1424 -36.04 -10.33 -5.71
CA THR A 1424 -34.90 -11.24 -5.70
C THR A 1424 -34.22 -11.31 -7.08
N THR A 1425 -35.00 -11.16 -8.15
CA THR A 1425 -34.38 -10.97 -9.46
C THR A 1425 -33.77 -9.59 -9.57
N LEU A 1426 -34.36 -8.60 -8.87
CA LEU A 1426 -33.71 -7.29 -8.76
C LEU A 1426 -32.47 -7.37 -7.88
N SER A 1427 -32.45 -8.28 -6.90
CA SER A 1427 -31.26 -8.49 -6.09
C SER A 1427 -30.13 -9.08 -6.92
N PHE A 1428 -30.45 -10.08 -7.75
CA PHE A 1428 -29.48 -10.64 -8.69
C PHE A 1428 -29.02 -9.60 -9.70
N LEU A 1429 -29.94 -8.74 -10.13
CA LEU A 1429 -29.63 -7.66 -11.07
C LEU A 1429 -28.65 -6.66 -10.47
N ILE A 1430 -28.93 -6.17 -9.25
CA ILE A 1430 -28.05 -5.20 -8.63
C ILE A 1430 -26.73 -5.84 -8.18
N LYS A 1431 -26.71 -7.16 -7.95
CA LYS A 1431 -25.44 -7.83 -7.70
C LYS A 1431 -24.61 -7.92 -8.97
N LYS A 1432 -25.27 -8.15 -10.11
CA LYS A 1432 -24.59 -8.10 -11.40
C LYS A 1432 -24.05 -6.71 -11.70
N LEU A 1433 -24.82 -5.66 -11.36
CA LEU A 1433 -24.33 -4.29 -11.45
C LEU A 1433 -23.12 -4.04 -10.55
N LYS A 1434 -23.16 -4.52 -9.31
CA LYS A 1434 -22.05 -4.38 -8.36
C LYS A 1434 -20.76 -4.99 -8.91
N ARG A 1435 -20.80 -6.27 -9.26
CA ARG A 1435 -19.56 -6.85 -9.77
C ARG A 1435 -19.28 -6.52 -11.23
N GLN A 1436 -20.24 -5.92 -11.94
CA GLN A 1436 -19.94 -5.36 -13.27
C GLN A 1436 -19.14 -4.09 -13.14
N LYS A 1437 -19.52 -3.20 -12.21
CA LYS A 1437 -18.73 -2.01 -11.94
C LYS A 1437 -17.38 -2.37 -11.33
N GLU A 1438 -17.34 -3.44 -10.53
CA GLU A 1438 -16.06 -3.89 -9.98
C GLU A 1438 -15.16 -4.46 -11.07
N TYR A 1439 -15.73 -5.21 -12.02
CA TYR A 1439 -14.93 -5.77 -13.11
C TYR A 1439 -14.49 -4.69 -14.08
N GLN A 1440 -15.34 -3.68 -14.32
CA GLN A 1440 -14.92 -2.54 -15.15
C GLN A 1440 -13.84 -1.72 -14.46
N THR A 1441 -13.89 -1.61 -13.13
CA THR A 1441 -12.81 -0.97 -12.39
C THR A 1441 -11.51 -1.76 -12.49
N LEU A 1442 -11.62 -3.10 -12.47
CA LEU A 1442 -10.46 -3.96 -12.66
C LEU A 1442 -9.89 -3.83 -14.07
N LYS A 1443 -10.77 -3.71 -15.07
CA LYS A 1443 -10.32 -3.48 -16.45
C LYS A 1443 -9.64 -2.12 -16.59
N THR A 1444 -10.15 -1.10 -15.89
CA THR A 1444 -9.52 0.22 -15.85
C THR A 1444 -8.12 0.15 -15.24
N VAL A 1445 -8.00 -0.55 -14.11
CA VAL A 1445 -6.70 -0.77 -13.45
C VAL A 1445 -5.76 -1.54 -14.37
N CYS A 1446 -6.30 -2.53 -15.09
CA CYS A 1446 -5.47 -3.37 -15.96
C CYS A 1446 -4.98 -2.62 -17.19
N ARG A 1447 -5.82 -1.77 -17.78
CA ARG A 1447 -5.34 -1.00 -18.93
C ARG A 1447 -4.42 0.15 -18.53
N THR A 1448 -4.64 0.76 -17.36
CA THR A 1448 -3.66 1.72 -16.87
C THR A 1448 -2.34 1.06 -16.51
N CYS A 1449 -2.38 -0.22 -16.10
CA CYS A 1449 -1.16 -0.99 -15.90
C CYS A 1449 -0.49 -1.32 -17.22
N SER A 1450 -1.28 -1.65 -18.24
CA SER A 1450 -0.79 -2.08 -19.54
C SER A 1450 -0.56 -0.92 -20.49
N TYR A 1451 -0.68 0.31 -20.02
CA TYR A 1451 -0.36 1.48 -20.84
C TYR A 1451 1.11 1.55 -21.22
N ARG A 1452 2.01 0.92 -20.45
CA ARG A 1452 3.44 0.98 -20.70
C ARG A 1452 3.87 0.24 -21.96
N TYR A 1453 3.00 -0.58 -22.55
CA TYR A 1453 3.33 -1.32 -23.76
C TYR A 1453 2.66 -0.77 -25.01
N THR A 1454 1.57 -0.02 -24.88
CA THR A 1454 1.08 0.80 -25.98
C THR A 1454 1.77 2.15 -25.93
N SER A 1455 1.68 2.90 -27.04
CA SER A 1455 2.30 4.23 -27.00
C SER A 1455 1.37 5.25 -26.33
N ASP A 1456 0.19 5.49 -26.90
CA ASP A 1456 -0.88 6.17 -26.19
C ASP A 1456 -2.25 5.57 -26.44
N ALA A 1457 -2.36 4.53 -27.26
CA ALA A 1457 -3.65 3.99 -27.70
C ALA A 1457 -4.45 3.38 -26.55
N GLY A 1458 -5.77 3.46 -26.67
CA GLY A 1458 -6.64 3.00 -25.61
C GLY A 1458 -7.68 1.98 -26.03
N ILE A 1459 -7.93 1.84 -27.33
CA ILE A 1459 -9.00 0.93 -27.73
C ILE A 1459 -8.48 -0.52 -27.81
N GLU A 1460 -7.22 -0.73 -28.13
CA GLU A 1460 -6.64 -2.07 -28.13
C GLU A 1460 -6.11 -2.43 -26.74
N ASN A 1461 -6.26 -1.54 -25.76
CA ASN A 1461 -5.87 -1.79 -24.39
C ASN A 1461 -6.68 -2.91 -23.73
N ASP A 1462 -7.89 -3.19 -24.22
CA ASP A 1462 -8.75 -4.16 -23.55
C ASP A 1462 -8.26 -5.59 -23.74
N HIS A 1463 -7.80 -5.94 -24.95
CA HIS A 1463 -7.34 -7.30 -25.21
C HIS A 1463 -6.03 -7.60 -24.50
N ILE A 1464 -5.08 -6.67 -24.54
CA ILE A 1464 -3.83 -6.81 -23.81
C ILE A 1464 -4.07 -6.79 -22.30
N ALA A 1465 -5.10 -6.07 -21.84
CA ALA A 1465 -5.43 -6.14 -20.42
C ALA A 1465 -6.01 -7.51 -20.08
N SER A 1466 -6.80 -8.09 -20.98
CA SER A 1466 -7.40 -9.40 -20.71
C SER A 1466 -6.38 -10.52 -20.79
N LYS A 1467 -5.29 -10.34 -21.55
CA LYS A 1467 -4.31 -11.40 -21.73
C LYS A 1467 -3.09 -11.25 -20.84
N CYS A 1468 -3.13 -10.37 -19.85
CA CYS A 1468 -2.09 -10.36 -18.82
C CYS A 1468 -2.26 -11.57 -17.91
N ASN A 1469 -1.18 -12.34 -17.72
CA ASN A 1469 -1.20 -13.49 -16.83
C ASN A 1469 0.03 -13.44 -15.93
N SER A 1470 -0.11 -12.86 -14.75
CA SER A 1470 0.83 -13.05 -13.66
C SER A 1470 0.32 -14.16 -12.76
N TYR A 1471 1.26 -14.94 -12.20
CA TYR A 1471 0.89 -15.79 -11.07
C TYR A 1471 0.65 -14.96 -9.82
N ASP A 1472 1.24 -13.76 -9.75
CA ASP A 1472 1.16 -12.89 -8.58
C ASP A 1472 0.89 -11.43 -8.97
N CYS A 1473 -0.38 -11.05 -8.90
CA CYS A 1473 -0.83 -9.69 -9.15
C CYS A 1473 -2.10 -9.53 -8.32
N PRO A 1474 -2.26 -8.42 -7.60
CA PRO A 1474 -3.35 -8.31 -6.62
C PRO A 1474 -4.69 -7.88 -7.20
N VAL A 1475 -4.80 -7.73 -8.52
CA VAL A 1475 -6.09 -7.53 -9.17
C VAL A 1475 -6.42 -8.62 -10.17
N PHE A 1476 -5.44 -9.42 -10.60
CA PHE A 1476 -5.64 -10.34 -11.71
C PHE A 1476 -6.59 -11.48 -11.36
N TYR A 1477 -6.45 -12.05 -10.16
CA TYR A 1477 -7.29 -13.16 -9.75
C TYR A 1477 -8.75 -12.74 -9.52
N SER A 1478 -8.95 -11.50 -9.05
CA SER A 1478 -10.31 -10.96 -8.93
C SER A 1478 -10.96 -10.81 -10.29
N ARG A 1479 -10.18 -10.45 -11.31
CA ARG A 1479 -10.71 -10.41 -12.67
C ARG A 1479 -10.97 -11.81 -13.21
N VAL A 1480 -10.14 -12.79 -12.80
CA VAL A 1480 -10.38 -14.19 -13.17
C VAL A 1480 -11.72 -14.68 -12.63
N LYS A 1481 -12.00 -14.42 -11.36
CA LYS A 1481 -13.30 -14.85 -10.84
C LYS A 1481 -14.46 -13.97 -11.31
N ALA A 1482 -14.19 -12.70 -11.66
CA ALA A 1482 -15.17 -11.85 -12.33
C ALA A 1482 -15.60 -12.46 -13.66
N GLU A 1483 -14.64 -12.91 -14.46
CA GLU A 1483 -14.97 -13.58 -15.71
C GLU A 1483 -15.44 -15.01 -15.50
N ARG A 1484 -15.20 -15.60 -14.32
CA ARG A 1484 -15.86 -16.84 -13.95
C ARG A 1484 -17.34 -16.63 -13.71
N TYR A 1485 -17.71 -15.43 -13.23
CA TYR A 1485 -19.12 -15.16 -12.97
C TYR A 1485 -19.90 -14.94 -14.26
N LEU A 1486 -19.32 -14.23 -15.23
CA LEU A 1486 -20.03 -13.82 -16.44
C LEU A 1486 -20.37 -14.97 -17.37
N ARG A 1487 -19.82 -16.16 -17.17
CA ARG A 1487 -20.22 -17.31 -17.98
C ARG A 1487 -21.58 -17.84 -17.56
N ASP A 1488 -22.01 -17.57 -16.33
CA ASP A 1488 -23.31 -17.99 -15.84
C ASP A 1488 -24.43 -17.21 -16.51
N ASN B 2 -27.86 9.01 58.73
CA ASN B 2 -27.86 7.56 58.61
C ASN B 2 -29.18 7.08 58.02
N ARG B 3 -29.72 6.00 58.59
CA ARG B 3 -30.97 5.36 58.17
C ARG B 3 -30.92 4.90 56.71
N TRP B 4 -29.99 3.98 56.44
CA TRP B 4 -29.84 3.18 55.22
C TRP B 4 -29.53 3.99 53.97
N VAL B 5 -29.20 5.28 54.08
CA VAL B 5 -28.65 6.00 52.95
C VAL B 5 -27.14 6.14 53.10
N GLU B 6 -26.60 5.64 54.22
CA GLU B 6 -25.19 5.79 54.55
C GLU B 6 -24.28 5.04 53.58
N LYS B 7 -24.64 3.80 53.20
CA LYS B 7 -23.76 2.99 52.34
C LYS B 7 -23.68 3.54 50.93
N TRP B 8 -24.81 3.96 50.37
CA TRP B 8 -24.77 4.47 49.03
C TRP B 8 -24.34 5.92 48.99
N LEU B 9 -24.47 6.61 50.11
CA LEU B 9 -23.92 7.96 50.19
C LEU B 9 -22.41 7.93 50.30
N ARG B 10 -21.85 6.98 51.07
CA ARG B 10 -20.41 6.91 51.22
C ARG B 10 -19.74 6.43 49.94
N VAL B 11 -20.34 5.45 49.24
CA VAL B 11 -19.76 5.07 47.95
C VAL B 11 -19.95 6.19 46.92
N TYR B 12 -21.05 6.96 47.01
CA TYR B 12 -21.27 8.09 46.11
C TYR B 12 -20.25 9.20 46.31
N LEU B 13 -19.90 9.54 47.55
CA LEU B 13 -18.85 10.54 47.75
C LEU B 13 -17.46 10.00 47.41
N LYS B 14 -17.19 8.71 47.65
CA LYS B 14 -15.87 8.19 47.29
C LYS B 14 -15.69 8.14 45.77
N CYS B 15 -16.74 7.75 45.05
CA CYS B 15 -16.67 7.77 43.59
C CYS B 15 -16.69 9.18 43.04
N TYR B 16 -17.37 10.11 43.73
CA TYR B 16 -17.36 11.52 43.33
C TYR B 16 -15.96 12.11 43.47
N ILE B 17 -15.28 11.78 44.57
CA ILE B 17 -13.90 12.21 44.78
C ILE B 17 -12.98 11.61 43.72
N ASN B 18 -13.16 10.31 43.40
CA ASN B 18 -12.33 9.66 42.38
C ASN B 18 -12.53 10.26 40.98
N LEU B 19 -13.78 10.60 40.64
CA LEU B 19 -14.07 11.23 39.37
C LEU B 19 -13.52 12.66 39.30
N ILE B 20 -13.56 13.40 40.41
CA ILE B 20 -12.91 14.71 40.47
C ILE B 20 -11.40 14.57 40.32
N LEU B 21 -10.81 13.55 40.96
CA LEU B 21 -9.37 13.28 40.88
C LEU B 21 -8.92 12.94 39.46
N PHE B 22 -9.77 12.26 38.70
CA PHE B 22 -9.39 11.95 37.33
C PHE B 22 -9.62 13.14 36.41
N TYR B 23 -10.87 13.61 36.35
CA TYR B 23 -11.26 14.53 35.28
C TYR B 23 -10.81 15.97 35.52
N ARG B 24 -10.30 16.30 36.71
CA ARG B 24 -9.62 17.56 36.92
C ARG B 24 -8.16 17.36 37.32
N ASN B 25 -7.64 16.15 37.10
CA ASN B 25 -6.24 15.71 37.08
C ASN B 25 -5.36 16.33 38.19
N VAL B 26 -5.82 16.11 39.43
CA VAL B 26 -4.99 16.37 40.60
C VAL B 26 -3.73 15.50 40.56
N TYR B 27 -3.90 14.26 40.17
CA TYR B 27 -2.85 13.32 39.84
C TYR B 27 -2.70 13.25 38.33
N PRO B 28 -1.70 12.55 37.79
CA PRO B 28 -1.64 12.36 36.33
C PRO B 28 -2.84 11.60 35.81
N PRO B 29 -3.36 11.99 34.64
CA PRO B 29 -4.60 11.36 34.13
C PRO B 29 -4.44 9.89 33.78
N GLN B 30 -3.29 9.50 33.24
CA GLN B 30 -3.06 8.12 32.85
C GLN B 30 -2.42 7.33 34.00
N SER B 31 -2.47 7.89 35.22
CA SER B 31 -2.10 7.20 36.44
C SER B 31 -3.28 6.51 37.11
N PHE B 32 -4.32 6.17 36.37
CA PHE B 32 -5.53 5.62 36.95
C PHE B 32 -5.83 4.27 36.33
N ASP B 33 -6.90 3.63 36.79
CA ASP B 33 -7.57 2.58 36.02
C ASP B 33 -9.05 2.92 35.86
N TYR B 34 -9.39 3.35 34.65
CA TYR B 34 -10.76 3.68 34.28
C TYR B 34 -11.48 2.50 33.65
N THR B 35 -10.89 1.31 33.71
CA THR B 35 -11.36 0.18 32.91
C THR B 35 -12.26 -0.77 33.71
N THR B 36 -11.78 -1.28 34.83
CA THR B 36 -12.38 -2.47 35.43
C THR B 36 -13.35 -2.19 36.55
N TYR B 37 -13.59 -0.93 36.90
CA TYR B 37 -14.52 -0.60 37.97
C TYR B 37 -15.73 0.13 37.41
N GLN B 38 -16.92 -0.30 37.81
CA GLN B 38 -18.14 0.46 37.66
C GLN B 38 -18.63 0.85 39.04
N SER B 39 -19.14 2.08 39.16
CA SER B 39 -19.65 2.55 40.43
C SER B 39 -21.07 2.06 40.67
N PHE B 40 -21.96 2.44 39.78
CA PHE B 40 -23.34 1.99 39.74
C PHE B 40 -23.53 1.40 38.35
N ASN B 41 -24.76 1.04 38.02
CA ASN B 41 -25.06 0.49 36.69
C ASN B 41 -25.08 1.62 35.67
N LEU B 42 -23.88 2.06 35.28
CA LEU B 42 -23.64 3.16 34.36
C LEU B 42 -22.74 2.73 33.22
N PRO B 43 -22.89 3.36 32.04
CA PRO B 43 -21.98 3.03 30.93
C PRO B 43 -20.57 3.57 31.11
N GLN B 44 -20.42 4.78 31.66
CA GLN B 44 -19.19 5.52 31.55
C GLN B 44 -18.09 4.93 32.45
N PHE B 45 -16.87 5.39 32.20
CA PHE B 45 -15.70 4.93 32.96
C PHE B 45 -15.75 5.50 34.37
N VAL B 46 -15.31 4.69 35.33
CA VAL B 46 -15.24 5.11 36.72
C VAL B 46 -13.77 5.00 37.14
N PRO B 47 -12.96 6.05 36.95
CA PRO B 47 -11.51 6.08 37.20
C PRO B 47 -11.06 6.33 38.64
N ILE B 48 -11.03 5.28 39.45
CA ILE B 48 -10.52 5.37 40.81
C ILE B 48 -8.99 5.31 40.72
N ASN B 49 -8.30 6.10 41.55
CA ASN B 49 -6.88 5.87 41.79
C ASN B 49 -6.64 4.47 42.34
N ARG B 50 -5.68 3.76 41.75
CA ARG B 50 -5.45 2.38 42.14
C ARG B 50 -4.54 2.29 43.36
N HIS B 51 -4.12 3.43 43.89
CA HIS B 51 -3.23 3.53 45.04
C HIS B 51 -3.93 2.98 46.28
N PRO B 52 -3.38 1.95 46.94
CA PRO B 52 -4.07 1.41 48.11
C PRO B 52 -4.02 2.34 49.31
N ALA B 53 -2.89 3.02 49.52
CA ALA B 53 -2.81 3.98 50.62
C ALA B 53 -3.70 5.19 50.38
N LEU B 54 -3.89 5.59 49.12
CA LEU B 54 -4.73 6.76 48.87
C LEU B 54 -6.20 6.40 48.81
N ILE B 55 -6.53 5.18 48.37
CA ILE B 55 -7.91 4.75 48.45
C ILE B 55 -8.29 4.52 49.91
N ASP B 56 -7.34 4.07 50.76
CA ASP B 56 -7.61 4.01 52.19
C ASP B 56 -7.71 5.40 52.82
N TYR B 57 -6.93 6.35 52.29
CA TYR B 57 -6.99 7.74 52.74
C TYR B 57 -8.35 8.37 52.48
N ILE B 58 -8.83 8.29 51.24
CA ILE B 58 -10.18 8.77 50.94
C ILE B 58 -11.26 7.88 51.57
N GLU B 59 -10.95 6.60 51.85
CA GLU B 59 -11.88 5.72 52.57
C GLU B 59 -12.14 6.25 53.97
N GLU B 60 -11.06 6.59 54.69
CA GLU B 60 -11.18 7.22 56.00
C GLU B 60 -11.78 8.61 55.92
N LEU B 61 -11.54 9.34 54.82
CA LEU B 61 -12.06 10.69 54.64
C LEU B 61 -13.59 10.70 54.55
N ILE B 62 -14.14 9.94 53.60
CA ILE B 62 -15.59 9.84 53.47
C ILE B 62 -16.23 9.10 54.66
N LEU B 63 -15.54 8.11 55.24
CA LEU B 63 -16.06 7.43 56.42
C LEU B 63 -16.17 8.36 57.63
N ASP B 64 -15.22 9.27 57.80
CA ASP B 64 -15.31 10.17 58.93
C ASP B 64 -16.26 11.34 58.67
N VAL B 65 -16.39 11.82 57.43
CA VAL B 65 -17.37 12.87 57.19
C VAL B 65 -18.79 12.31 57.29
N LEU B 66 -19.01 11.06 56.90
CA LEU B 66 -20.31 10.48 57.16
C LEU B 66 -20.45 9.94 58.58
N SER B 67 -19.35 9.87 59.34
CA SER B 67 -19.49 9.69 60.77
C SER B 67 -20.00 10.94 61.44
N LYS B 68 -19.53 12.10 60.98
CA LYS B 68 -20.03 13.38 61.48
C LYS B 68 -21.20 13.92 60.67
N LEU B 69 -21.81 13.08 59.82
CA LEU B 69 -23.01 13.41 59.03
C LEU B 69 -24.14 14.05 59.83
N THR B 70 -24.37 13.60 61.06
CA THR B 70 -25.58 13.95 61.81
C THR B 70 -25.64 15.44 62.18
N HIS B 71 -24.51 16.13 62.20
CA HIS B 71 -24.46 17.57 62.41
C HIS B 71 -23.48 18.22 61.44
N VAL B 72 -23.36 17.65 60.24
CA VAL B 72 -22.39 18.13 59.27
C VAL B 72 -22.87 19.45 58.66
N TYR B 73 -21.91 20.28 58.29
CA TYR B 73 -22.16 21.58 57.69
C TYR B 73 -21.95 21.47 56.18
N ARG B 74 -22.01 22.63 55.50
CA ARG B 74 -22.04 22.72 54.04
C ARG B 74 -20.75 22.19 53.43
N PHE B 75 -20.86 21.11 52.64
CA PHE B 75 -19.71 20.36 52.16
C PHE B 75 -19.23 20.87 50.81
N SER B 76 -17.92 20.79 50.60
CA SER B 76 -17.27 21.31 49.40
C SER B 76 -15.93 20.62 49.21
N ILE B 77 -15.37 20.77 48.01
CA ILE B 77 -13.99 20.41 47.70
C ILE B 77 -13.39 21.52 46.85
N CYS B 78 -12.28 22.07 47.32
CA CYS B 78 -11.51 23.08 46.59
C CYS B 78 -10.22 22.47 46.06
N ILE B 79 -9.95 22.68 44.78
CA ILE B 79 -8.65 22.35 44.20
C ILE B 79 -7.76 23.58 44.26
N ILE B 80 -6.59 23.45 44.89
CA ILE B 80 -5.73 24.59 45.15
C ILE B 80 -4.29 24.26 44.78
N ASN B 81 -3.67 25.15 44.02
CA ASN B 81 -2.23 25.29 43.93
C ASN B 81 -1.78 26.72 44.23
N LYS B 82 -2.57 27.71 43.81
CA LYS B 82 -2.26 29.11 44.03
C LYS B 82 -3.46 29.79 44.70
N LYS B 83 -3.42 31.12 44.83
CA LYS B 83 -4.44 31.85 45.57
C LYS B 83 -5.74 31.89 44.77
N ASN B 84 -6.73 31.12 45.20
CA ASN B 84 -8.10 31.23 44.72
C ASN B 84 -9.07 31.61 45.82
N ASP B 85 -8.98 30.93 46.98
CA ASP B 85 -9.71 31.24 48.23
C ASP B 85 -11.23 31.21 48.07
N LEU B 86 -11.74 30.35 47.21
CA LEU B 86 -13.18 30.14 47.12
C LEU B 86 -13.44 28.71 46.66
N CYS B 87 -14.56 28.14 47.13
CA CYS B 87 -14.86 26.74 46.94
C CYS B 87 -15.13 26.40 45.47
N ILE B 88 -14.60 25.25 45.04
CA ILE B 88 -14.72 24.83 43.65
C ILE B 88 -15.95 23.97 43.42
N GLU B 89 -16.09 22.89 44.18
CA GLU B 89 -17.17 21.93 43.96
C GLU B 89 -17.87 21.68 45.28
N LYS B 90 -18.96 22.40 45.53
CA LYS B 90 -19.69 22.32 46.79
C LYS B 90 -20.91 21.40 46.64
N TYR B 91 -20.66 20.10 46.82
CA TYR B 91 -21.74 19.13 46.91
C TYR B 91 -22.26 19.18 48.34
N VAL B 92 -23.16 20.12 48.58
CA VAL B 92 -23.63 20.45 49.92
C VAL B 92 -24.48 19.31 50.47
N LEU B 93 -24.02 18.71 51.56
CA LEU B 93 -24.73 17.63 52.22
C LEU B 93 -25.64 18.25 53.26
N ASP B 94 -26.90 18.50 52.88
CA ASP B 94 -27.89 19.06 53.78
C ASP B 94 -28.66 17.92 54.44
N PHE B 95 -28.52 17.81 55.76
CA PHE B 95 -29.16 16.73 56.50
C PHE B 95 -30.66 16.95 56.59
N SER B 96 -31.43 16.05 55.99
CA SER B 96 -32.86 15.98 56.24
C SER B 96 -33.12 15.25 57.56
N GLU B 97 -34.36 15.37 58.03
CA GLU B 97 -34.90 14.91 59.34
C GLU B 97 -33.96 15.06 60.53
N GLN B 106 -40.43 8.89 57.96
CA GLN B 106 -40.05 7.48 57.90
C GLN B 106 -40.33 6.92 56.50
N ILE B 107 -39.59 7.40 55.52
CA ILE B 107 -39.78 6.97 54.14
C ILE B 107 -38.85 5.80 53.83
N ILE B 108 -39.37 4.79 53.16
CA ILE B 108 -38.61 3.59 52.82
C ILE B 108 -38.18 3.79 51.36
N THR B 109 -36.96 4.30 51.18
CA THR B 109 -36.41 4.61 49.87
C THR B 109 -34.99 4.07 49.79
N GLU B 110 -34.82 2.87 49.24
CA GLU B 110 -33.51 2.29 49.01
C GLU B 110 -33.18 2.15 47.53
N THR B 111 -34.07 1.47 46.79
CA THR B 111 -33.96 1.33 45.35
C THR B 111 -33.97 2.69 44.65
N GLU B 112 -34.90 3.56 45.05
CA GLU B 112 -35.06 4.86 44.39
C GLU B 112 -33.89 5.79 44.65
N VAL B 113 -33.32 5.74 45.86
CA VAL B 113 -32.13 6.55 46.13
C VAL B 113 -30.91 5.95 45.44
N PHE B 114 -30.87 4.63 45.31
CA PHE B 114 -29.77 3.99 44.57
C PHE B 114 -29.82 4.35 43.09
N ASP B 115 -31.03 4.49 42.54
CA ASP B 115 -31.16 5.07 41.21
C ASP B 115 -30.81 6.55 41.19
N GLU B 116 -31.10 7.26 42.29
CA GLU B 116 -30.90 8.70 42.32
C GLU B 116 -29.42 9.06 42.32
N PHE B 117 -28.56 8.19 42.85
CA PHE B 117 -27.14 8.50 42.84
C PHE B 117 -26.51 8.29 41.48
N ARG B 118 -27.20 7.66 40.53
CA ARG B 118 -26.76 7.66 39.16
C ARG B 118 -26.86 9.06 38.56
N SER B 119 -28.03 9.69 38.69
CA SER B 119 -28.28 11.00 38.07
C SER B 119 -27.49 12.11 38.73
N SER B 120 -27.20 11.98 40.02
CA SER B 120 -26.22 12.85 40.67
C SER B 120 -24.85 12.69 40.03
N LEU B 121 -24.43 11.44 39.83
CA LEU B 121 -23.14 11.19 39.21
C LEU B 121 -23.17 11.41 37.70
N ASN B 122 -24.35 11.36 37.08
CA ASN B 122 -24.41 11.73 35.68
C ASN B 122 -24.39 13.23 35.50
N SER B 123 -24.95 13.98 36.44
CA SER B 123 -24.74 15.42 36.47
C SER B 123 -23.28 15.76 36.73
N LEU B 124 -22.62 14.96 37.56
CA LEU B 124 -21.19 15.10 37.80
C LEU B 124 -20.40 14.93 36.51
N ILE B 125 -20.62 13.83 35.77
CA ILE B 125 -19.87 13.63 34.53
C ILE B 125 -20.29 14.64 33.45
N MET B 126 -21.54 15.12 33.48
CA MET B 126 -21.93 16.19 32.57
C MET B 126 -21.22 17.50 32.91
N HIS B 127 -20.84 17.68 34.17
CA HIS B 127 -19.94 18.76 34.53
C HIS B 127 -18.49 18.43 34.22
N LEU B 128 -18.13 17.15 34.13
CA LEU B 128 -16.73 16.72 34.00
C LEU B 128 -16.24 16.64 32.55
N GLU B 129 -16.91 15.89 31.69
CA GLU B 129 -16.52 15.88 30.28
C GLU B 129 -16.79 17.23 29.60
N LYS B 130 -17.82 17.95 30.02
CA LYS B 130 -18.00 19.33 29.54
C LYS B 130 -17.34 20.24 30.57
N LEU B 131 -16.02 20.40 30.41
CA LEU B 131 -15.21 21.19 31.32
C LEU B 131 -13.89 21.53 30.62
N PRO B 132 -13.47 22.79 30.60
CA PRO B 132 -12.25 23.16 29.87
C PRO B 132 -10.99 22.75 30.63
N LYS B 133 -9.84 23.10 30.05
CA LYS B 133 -8.54 22.67 30.55
C LYS B 133 -7.66 23.89 30.76
N VAL B 134 -7.30 24.16 32.02
CA VAL B 134 -6.50 25.33 32.36
C VAL B 134 -5.00 24.99 32.46
N ASN B 135 -4.64 23.93 33.18
CA ASN B 135 -3.24 23.50 33.28
C ASN B 135 -3.18 22.05 33.73
N ASP B 136 -2.17 21.33 33.24
CA ASP B 136 -2.04 19.90 33.49
C ASP B 136 -1.24 19.65 34.77
N ASP B 137 -1.88 18.98 35.72
CA ASP B 137 -1.31 18.36 36.93
C ASP B 137 -0.78 19.37 37.96
N THR B 138 -0.88 20.67 37.70
CA THR B 138 -0.41 21.68 38.64
C THR B 138 -1.55 22.17 39.54
N ILE B 139 -2.15 21.23 40.28
CA ILE B 139 -3.26 21.53 41.17
C ILE B 139 -3.34 20.42 42.20
N THR B 140 -3.95 20.73 43.35
CA THR B 140 -4.13 19.73 44.41
C THR B 140 -5.46 20.00 45.10
N PHE B 141 -6.22 18.94 45.32
CA PHE B 141 -7.52 19.08 45.96
C PHE B 141 -7.38 19.18 47.47
N GLU B 142 -8.45 19.63 48.12
CA GLU B 142 -8.54 19.66 49.57
C GLU B 142 -10.01 19.69 49.94
N ALA B 143 -10.48 18.69 50.68
CA ALA B 143 -11.86 18.69 51.15
C ALA B 143 -12.04 19.75 52.23
N VAL B 144 -13.12 20.52 52.12
CA VAL B 144 -13.34 21.66 53.01
C VAL B 144 -14.83 21.83 53.24
N ILE B 145 -15.21 22.07 54.50
CA ILE B 145 -16.59 22.18 54.91
C ILE B 145 -16.81 23.57 55.47
N ASN B 146 -17.84 24.25 55.00
CA ASN B 146 -18.12 25.62 55.45
C ASN B 146 -19.44 25.66 56.23
N PRO B 194 -6.32 30.25 37.11
CA PRO B 194 -7.74 30.48 37.41
C PRO B 194 -8.06 31.97 37.54
N PRO B 195 -8.23 32.67 36.41
CA PRO B 195 -8.49 34.12 36.48
C PRO B 195 -9.81 34.50 37.15
N LYS B 196 -10.93 33.92 36.73
CA LYS B 196 -12.23 34.34 37.21
C LYS B 196 -13.16 33.15 37.37
N ILE B 197 -13.93 33.16 38.46
CA ILE B 197 -14.86 32.11 38.85
C ILE B 197 -16.05 32.06 37.89
N LYS B 198 -16.82 30.97 37.95
CA LYS B 198 -18.02 30.82 37.16
C LYS B 198 -18.99 29.93 37.92
N LEU B 199 -20.26 30.30 37.90
CA LEU B 199 -21.29 29.60 38.65
C LEU B 199 -21.94 28.51 37.81
N THR B 200 -22.14 27.34 38.42
CA THR B 200 -22.84 26.24 37.76
C THR B 200 -23.46 25.35 38.85
N SER B 201 -24.76 25.10 38.73
CA SER B 201 -25.46 24.19 39.62
C SER B 201 -25.77 22.89 38.88
N LEU B 202 -25.95 21.81 39.66
CA LEU B 202 -26.29 20.53 39.06
C LEU B 202 -27.53 20.00 39.77
N VAL B 203 -27.92 18.74 39.49
CA VAL B 203 -29.26 18.24 39.80
C VAL B 203 -29.42 18.09 41.32
N GLY B 204 -30.67 18.05 41.79
CA GLY B 204 -30.98 17.85 43.19
C GLY B 204 -31.25 16.39 43.53
N SER B 205 -31.68 16.19 44.77
CA SER B 205 -31.89 14.86 45.35
C SER B 205 -33.25 14.78 46.02
N ASP B 206 -34.29 15.25 45.33
CA ASP B 206 -35.63 15.29 45.89
C ASP B 206 -36.23 13.89 46.11
N VAL B 207 -35.85 12.91 45.28
CA VAL B 207 -36.29 11.54 45.49
C VAL B 207 -35.62 10.95 46.74
N GLY B 208 -34.34 11.27 46.93
CA GLY B 208 -33.66 10.98 48.18
C GLY B 208 -34.27 11.76 49.33
N PRO B 209 -34.21 11.19 50.54
CA PRO B 209 -34.61 11.98 51.73
C PRO B 209 -33.76 13.21 51.95
N LEU B 210 -32.44 13.05 51.99
CA LEU B 210 -31.53 14.18 52.05
C LEU B 210 -31.41 14.81 50.68
N ILE B 211 -31.57 16.12 50.60
CA ILE B 211 -31.44 16.84 49.34
C ILE B 211 -29.99 17.29 49.20
N ILE B 212 -29.42 17.12 48.01
CA ILE B 212 -28.05 17.54 47.71
C ILE B 212 -28.13 18.54 46.56
N HIS B 213 -27.72 19.78 46.83
CA HIS B 213 -27.90 20.84 45.83
C HIS B 213 -26.87 20.76 44.71
N GLN B 214 -25.69 20.21 45.00
CA GLN B 214 -24.68 19.79 44.03
C GLN B 214 -24.15 20.95 43.20
N PHE B 215 -23.89 22.08 43.84
CA PHE B 215 -23.31 23.23 43.15
C PHE B 215 -21.84 22.97 42.82
N SER B 216 -21.39 23.48 41.67
CA SER B 216 -20.00 23.36 41.24
C SER B 216 -19.54 24.69 40.66
N GLU B 217 -18.94 25.53 41.50
CA GLU B 217 -18.45 26.84 41.07
C GLU B 217 -17.02 26.68 40.55
N LYS B 218 -16.90 26.52 39.23
CA LYS B 218 -15.60 26.24 38.63
C LYS B 218 -14.77 27.52 38.56
N LEU B 219 -13.45 27.36 38.75
CA LEU B 219 -12.44 28.43 38.81
C LEU B 219 -12.72 29.44 39.92
N ASN C 2 -45.73 -6.08 16.25
CA ASN C 2 -45.45 -6.88 15.06
C ASN C 2 -43.98 -6.79 14.70
N ARG C 3 -43.70 -6.75 13.39
CA ARG C 3 -42.36 -6.53 12.87
C ARG C 3 -42.27 -5.25 12.06
N TRP C 4 -43.22 -5.03 11.14
CA TRP C 4 -43.21 -3.83 10.32
C TRP C 4 -43.54 -2.55 11.11
N VAL C 5 -44.22 -2.66 12.25
CA VAL C 5 -44.71 -1.45 12.91
C VAL C 5 -43.60 -0.75 13.69
N GLU C 6 -42.66 -1.49 14.27
CA GLU C 6 -41.54 -0.84 14.93
C GLU C 6 -40.48 -0.40 13.95
N LYS C 7 -40.48 -0.93 12.72
CA LYS C 7 -39.71 -0.32 11.64
C LYS C 7 -40.22 1.08 11.34
N TRP C 8 -41.54 1.24 11.28
CA TRP C 8 -42.14 2.54 11.08
C TRP C 8 -41.86 3.48 12.24
N LEU C 9 -41.92 2.94 13.47
CA LEU C 9 -41.56 3.72 14.65
C LEU C 9 -40.09 4.14 14.63
N ARG C 10 -39.21 3.25 14.15
CA ARG C 10 -37.79 3.57 14.04
C ARG C 10 -37.54 4.67 13.03
N VAL C 11 -38.21 4.61 11.89
CA VAL C 11 -38.04 5.65 10.87
C VAL C 11 -38.63 6.98 11.34
N TYR C 12 -39.81 6.94 11.96
CA TYR C 12 -40.45 8.14 12.50
C TYR C 12 -39.61 8.81 13.57
N LEU C 13 -39.03 8.01 14.48
CA LEU C 13 -38.14 8.59 15.49
C LEU C 13 -36.82 9.05 14.90
N LYS C 14 -36.33 8.40 13.85
CA LYS C 14 -35.13 8.88 13.16
C LYS C 14 -35.37 10.26 12.55
N CYS C 15 -36.52 10.41 11.90
CA CYS C 15 -36.90 11.69 11.30
C CYS C 15 -37.10 12.75 12.37
N TYR C 16 -37.80 12.39 13.45
CA TYR C 16 -38.11 13.33 14.53
C TYR C 16 -36.84 13.80 15.24
N ILE C 17 -36.01 12.85 15.67
CA ILE C 17 -34.78 13.16 16.41
C ILE C 17 -33.82 13.96 15.54
N ASN C 18 -33.48 13.46 14.35
CA ASN C 18 -32.47 14.11 13.55
C ASN C 18 -32.97 15.43 12.96
N LEU C 19 -34.30 15.59 12.83
CA LEU C 19 -34.82 16.87 12.40
C LEU C 19 -34.75 17.91 13.52
N ILE C 20 -35.01 17.50 14.77
CA ILE C 20 -34.78 18.38 15.91
C ILE C 20 -33.30 18.76 16.00
N LEU C 21 -32.41 17.80 15.72
CA LEU C 21 -30.98 18.07 15.67
C LEU C 21 -30.62 19.05 14.57
N PHE C 22 -31.33 19.00 13.44
CA PHE C 22 -31.04 19.91 12.33
C PHE C 22 -31.54 21.32 12.63
N TYR C 23 -32.76 21.46 13.15
CA TYR C 23 -33.32 22.79 13.32
C TYR C 23 -32.85 23.49 14.58
N ARG C 24 -32.15 22.81 15.47
CA ARG C 24 -31.55 23.47 16.61
C ARG C 24 -30.11 23.90 16.35
N ASN C 25 -29.56 23.50 15.20
CA ASN C 25 -28.18 23.75 14.77
C ASN C 25 -27.19 23.26 15.83
N VAL C 26 -27.44 22.05 16.34
CA VAL C 26 -26.51 21.42 17.26
C VAL C 26 -25.35 20.81 16.50
N TYR C 27 -25.52 20.53 15.21
CA TYR C 27 -24.51 20.09 14.27
C TYR C 27 -24.55 21.07 13.10
N PRO C 28 -23.43 21.28 12.40
CA PRO C 28 -23.39 22.27 11.31
C PRO C 28 -24.29 21.88 10.15
N PRO C 29 -25.02 22.85 9.58
CA PRO C 29 -26.01 22.53 8.54
C PRO C 29 -25.40 22.04 7.24
N GLN C 30 -24.13 22.34 6.99
CA GLN C 30 -23.48 21.89 5.77
C GLN C 30 -23.21 20.39 5.77
N SER C 31 -23.16 19.78 6.96
CA SER C 31 -23.07 18.32 7.02
C SER C 31 -24.40 17.66 6.71
N PHE C 32 -25.51 18.33 7.01
CA PHE C 32 -26.83 17.81 6.67
C PHE C 32 -27.08 17.88 5.17
N ASP C 33 -27.76 16.86 4.65
CA ASP C 33 -28.40 16.95 3.35
C ASP C 33 -29.73 16.22 3.40
N TYR C 34 -30.70 16.75 2.64
CA TYR C 34 -32.03 16.18 2.60
C TYR C 34 -31.99 14.83 1.91
N THR C 35 -32.63 13.82 2.49
CA THR C 35 -32.51 12.48 1.96
C THR C 35 -33.68 11.62 2.40
N THR C 36 -33.75 10.43 1.81
CA THR C 36 -34.79 9.46 2.05
C THR C 36 -34.25 8.15 2.59
N TYR C 37 -32.95 7.90 2.43
CA TYR C 37 -32.35 6.63 2.82
C TYR C 37 -31.29 6.86 3.89
N GLN C 38 -31.64 6.54 5.13
CA GLN C 38 -30.66 6.14 6.14
C GLN C 38 -31.16 4.82 6.70
N SER C 39 -30.71 3.75 6.03
CA SER C 39 -30.86 2.32 6.31
C SER C 39 -32.25 1.78 6.00
N PHE C 40 -33.19 2.66 5.64
CA PHE C 40 -34.64 2.44 5.48
C PHE C 40 -35.22 3.53 4.58
N ASN C 41 -36.54 3.46 4.40
CA ASN C 41 -37.30 4.42 3.61
C ASN C 41 -37.93 5.53 4.47
N LEU C 42 -37.49 6.76 4.25
CA LEU C 42 -38.05 7.87 5.02
C LEU C 42 -39.35 8.37 4.38
N PRO C 43 -40.31 8.84 5.20
CA PRO C 43 -41.50 9.49 4.61
C PRO C 43 -41.20 10.78 3.88
N GLN C 44 -40.51 11.72 4.52
CA GLN C 44 -40.14 12.98 3.91
C GLN C 44 -38.65 13.02 3.63
N PHE C 45 -38.25 14.06 2.90
CA PHE C 45 -36.84 14.41 2.78
C PHE C 45 -36.44 15.10 4.08
N VAL C 46 -35.70 14.40 4.92
CA VAL C 46 -35.30 14.88 6.24
C VAL C 46 -33.81 15.21 6.16
N PRO C 47 -33.40 16.42 6.56
CA PRO C 47 -31.96 16.78 6.56
C PRO C 47 -31.19 15.93 7.56
N ILE C 48 -30.30 15.11 7.05
CA ILE C 48 -29.55 14.12 7.83
C ILE C 48 -28.07 14.30 7.54
N ASN C 49 -27.28 14.56 8.58
CA ASN C 49 -25.84 14.47 8.45
C ASN C 49 -25.37 13.02 8.57
N ARG C 50 -24.33 12.65 7.83
CA ARG C 50 -24.07 11.23 7.66
C ARG C 50 -23.32 10.64 8.85
N HIS C 51 -22.07 11.14 9.12
CA HIS C 51 -21.27 11.15 10.36
C HIS C 51 -21.38 9.87 11.17
N PRO C 52 -20.86 8.73 10.69
CA PRO C 52 -21.38 7.40 11.09
C PRO C 52 -21.33 7.06 12.57
N ALA C 53 -20.48 7.76 13.35
CA ALA C 53 -20.58 7.71 14.80
C ALA C 53 -21.91 8.30 15.28
N LEU C 54 -22.30 9.44 14.71
CA LEU C 54 -23.52 10.12 15.16
C LEU C 54 -24.77 9.36 14.74
N ILE C 55 -24.83 8.88 13.50
CA ILE C 55 -25.99 8.10 13.10
C ILE C 55 -26.01 6.73 13.78
N ASP C 56 -24.84 6.20 14.16
CA ASP C 56 -24.78 5.02 15.02
C ASP C 56 -25.40 5.31 16.37
N TYR C 57 -25.09 6.48 16.94
CA TYR C 57 -25.69 6.92 18.20
C TYR C 57 -27.20 7.07 18.09
N ILE C 58 -27.69 7.64 16.97
CA ILE C 58 -29.12 7.90 16.83
C ILE C 58 -29.90 6.59 16.68
N GLU C 59 -29.44 5.68 15.82
CA GLU C 59 -30.15 4.41 15.69
C GLU C 59 -29.95 3.54 16.93
N GLU C 60 -28.84 3.74 17.65
CA GLU C 60 -28.64 3.14 18.97
C GLU C 60 -29.72 3.57 19.94
N LEU C 61 -29.92 4.88 20.09
CA LEU C 61 -30.93 5.41 21.00
C LEU C 61 -32.34 4.98 20.62
N ILE C 62 -32.62 4.91 19.31
CA ILE C 62 -33.95 4.49 18.89
C ILE C 62 -34.18 3.00 19.14
N LEU C 63 -33.15 2.18 18.89
CA LEU C 63 -33.24 0.76 19.23
C LEU C 63 -33.26 0.54 20.74
N ASP C 64 -32.75 1.49 21.53
CA ASP C 64 -32.92 1.42 22.98
C ASP C 64 -34.37 1.69 23.38
N VAL C 65 -34.98 2.73 22.80
CA VAL C 65 -36.33 3.12 23.20
C VAL C 65 -37.36 2.10 22.73
N LEU C 66 -37.18 1.58 21.52
CA LEU C 66 -38.07 0.56 20.98
C LEU C 66 -37.90 -0.80 21.65
N SER C 67 -36.83 -1.00 22.42
CA SER C 67 -36.61 -2.28 23.09
C SER C 67 -37.61 -2.52 24.22
N LYS C 68 -38.14 -1.47 24.83
CA LYS C 68 -39.05 -1.66 25.95
C LYS C 68 -40.50 -1.72 25.47
N LEU C 69 -40.95 -0.65 24.81
CA LEU C 69 -42.06 -0.60 23.85
C LEU C 69 -43.44 -0.72 24.49
N THR C 70 -43.50 -0.96 25.80
CA THR C 70 -44.75 -0.88 26.54
C THR C 70 -44.63 -0.09 27.84
N HIS C 71 -43.43 0.04 28.40
CA HIS C 71 -43.25 0.94 29.53
C HIS C 71 -43.38 2.39 29.10
N VAL C 72 -42.87 2.71 27.91
CA VAL C 72 -42.89 4.07 27.39
C VAL C 72 -44.30 4.44 26.98
N TYR C 73 -44.88 5.45 27.64
CA TYR C 73 -46.04 6.12 27.05
C TYR C 73 -45.67 7.40 26.34
N ARG C 74 -44.48 7.94 26.62
CA ARG C 74 -44.07 9.21 26.02
C ARG C 74 -42.55 9.21 25.90
N PHE C 75 -42.08 9.01 24.66
CA PHE C 75 -40.73 9.40 24.31
C PHE C 75 -40.67 10.92 24.19
N SER C 76 -39.50 11.49 24.46
CA SER C 76 -39.32 12.92 24.28
C SER C 76 -37.87 13.21 23.95
N ILE C 77 -37.64 14.45 23.50
CA ILE C 77 -36.31 14.98 23.26
C ILE C 77 -36.12 16.20 24.15
N CYS C 78 -35.03 16.20 24.91
CA CYS C 78 -34.70 17.32 25.78
C CYS C 78 -33.60 18.16 25.13
N ILE C 79 -33.67 19.47 25.34
CA ILE C 79 -32.70 20.39 24.77
C ILE C 79 -31.99 21.09 25.92
N ILE C 80 -30.68 20.94 25.99
CA ILE C 80 -29.87 21.52 27.05
C ILE C 80 -28.78 22.38 26.42
N ASN C 81 -28.60 23.59 26.95
CA ASN C 81 -27.49 24.45 26.56
C ASN C 81 -26.19 23.92 27.16
N LYS C 82 -25.07 24.35 26.56
CA LYS C 82 -23.79 24.22 27.25
C LYS C 82 -23.73 25.13 28.47
N LYS C 83 -24.39 26.29 28.40
CA LYS C 83 -24.35 27.28 29.46
C LYS C 83 -25.00 26.77 30.73
N ASN C 84 -26.20 26.22 30.62
CA ASN C 84 -26.89 25.68 31.78
C ASN C 84 -27.54 24.35 31.42
N ASP C 85 -27.77 23.54 32.45
CA ASP C 85 -28.46 22.26 32.31
C ASP C 85 -29.97 22.43 32.17
N LEU C 86 -30.48 23.65 32.28
CA LEU C 86 -31.91 23.93 32.18
C LEU C 86 -32.45 23.59 30.79
N CYS C 87 -33.67 23.07 30.78
CA CYS C 87 -34.29 22.61 29.53
C CYS C 87 -34.68 23.81 28.67
N ILE C 88 -34.18 23.84 27.44
CA ILE C 88 -34.55 24.88 26.49
C ILE C 88 -35.83 24.51 25.76
N GLU C 89 -35.92 23.31 25.21
CA GLU C 89 -37.17 22.80 24.68
C GLU C 89 -37.31 21.33 25.06
N LYS C 90 -38.56 20.89 25.17
CA LYS C 90 -38.88 19.49 25.41
C LYS C 90 -39.91 19.08 24.37
N TYR C 91 -39.44 18.43 23.31
CA TYR C 91 -40.33 18.01 22.23
C TYR C 91 -41.02 16.72 22.62
N VAL C 92 -42.34 16.72 22.58
CA VAL C 92 -43.14 15.61 23.09
C VAL C 92 -43.40 14.64 21.95
N LEU C 93 -43.37 13.34 22.26
CA LEU C 93 -43.78 12.29 21.35
C LEU C 93 -44.56 11.28 22.19
N ASP C 94 -45.31 10.39 21.53
CA ASP C 94 -46.09 9.41 22.28
C ASP C 94 -45.98 8.03 21.65
N PHE C 95 -46.03 7.02 22.52
CA PHE C 95 -46.19 5.61 22.19
C PHE C 95 -47.48 5.08 22.78
N SER C 96 -48.55 5.85 22.68
CA SER C 96 -49.81 5.50 23.33
C SER C 96 -50.69 4.69 22.38
N GLU C 97 -51.35 3.66 22.94
CA GLU C 97 -52.29 2.77 22.24
C GLU C 97 -51.65 2.08 21.04
N LEU C 98 -50.41 1.62 21.23
CA LEU C 98 -49.61 1.03 20.16
C LEU C 98 -50.22 -0.25 19.61
N GLN C 99 -49.95 -0.50 18.33
CA GLN C 99 -50.27 -1.79 17.73
C GLN C 99 -49.41 -2.90 18.32
N HIS C 100 -48.13 -2.61 18.60
CA HIS C 100 -47.15 -3.62 18.98
C HIS C 100 -47.46 -4.28 20.31
N VAL C 101 -47.94 -3.50 21.29
CA VAL C 101 -48.39 -4.05 22.57
C VAL C 101 -49.57 -5.01 22.35
N ASP C 102 -50.51 -4.62 21.50
CA ASP C 102 -51.60 -5.50 21.12
C ASP C 102 -51.12 -6.67 20.25
N LYS C 103 -50.09 -6.42 19.42
CA LYS C 103 -49.58 -7.34 18.39
C LYS C 103 -50.68 -7.70 17.38
N ASP C 104 -51.53 -6.71 17.08
CA ASP C 104 -52.57 -6.89 16.06
C ASP C 104 -51.92 -6.93 14.68
N ASP C 105 -52.31 -7.91 13.86
CA ASP C 105 -51.82 -7.96 12.49
C ASP C 105 -52.41 -6.83 11.64
N GLN C 106 -53.72 -6.64 11.72
CA GLN C 106 -54.36 -5.53 11.03
C GLN C 106 -54.04 -4.21 11.75
N ILE C 107 -54.04 -3.10 11.01
CA ILE C 107 -54.05 -3.00 9.55
C ILE C 107 -52.71 -2.40 9.12
N ILE C 108 -52.21 -2.75 7.94
CA ILE C 108 -50.93 -2.22 7.49
C ILE C 108 -51.05 -0.73 7.13
N THR C 109 -51.90 -0.38 6.15
CA THR C 109 -52.18 0.97 5.63
C THR C 109 -50.91 1.81 5.44
N GLU C 110 -50.00 1.28 4.61
CA GLU C 110 -48.65 1.82 4.45
C GLU C 110 -48.66 3.26 3.95
N THR C 111 -49.45 3.54 2.92
CA THR C 111 -49.57 4.90 2.40
C THR C 111 -50.28 5.81 3.40
N GLU C 112 -51.26 5.27 4.13
CA GLU C 112 -52.00 6.12 5.08
C GLU C 112 -51.18 6.44 6.31
N VAL C 113 -50.42 5.47 6.82
CA VAL C 113 -49.56 5.73 7.98
C VAL C 113 -48.39 6.63 7.57
N PHE C 114 -47.86 6.45 6.36
CA PHE C 114 -46.83 7.36 5.86
C PHE C 114 -47.39 8.75 5.60
N ASP C 115 -48.68 8.85 5.26
CA ASP C 115 -49.35 10.14 5.08
C ASP C 115 -49.43 10.90 6.40
N GLU C 116 -49.88 10.21 7.47
CA GLU C 116 -49.99 10.88 8.76
C GLU C 116 -48.61 11.15 9.36
N PHE C 117 -47.62 10.32 9.02
CA PHE C 117 -46.25 10.60 9.44
C PHE C 117 -45.70 11.83 8.72
N ARG C 118 -45.98 11.95 7.42
CA ARG C 118 -45.55 13.13 6.67
C ARG C 118 -46.20 14.40 7.18
N SER C 119 -47.46 14.30 7.62
CA SER C 119 -48.14 15.42 8.26
C SER C 119 -47.45 15.83 9.56
N SER C 120 -47.15 14.86 10.44
CA SER C 120 -46.54 15.20 11.73
C SER C 120 -45.11 15.73 11.56
N LEU C 121 -44.35 15.18 10.60
CA LEU C 121 -43.05 15.75 10.23
C LEU C 121 -43.16 17.18 9.72
N ASN C 122 -44.13 17.45 8.84
CA ASN C 122 -44.23 18.81 8.29
C ASN C 122 -44.68 19.81 9.35
N SER C 123 -45.49 19.35 10.32
CA SER C 123 -45.82 20.19 11.47
C SER C 123 -44.58 20.48 12.32
N LEU C 124 -43.74 19.46 12.50
CA LEU C 124 -42.47 19.65 13.19
C LEU C 124 -41.56 20.65 12.46
N ILE C 125 -41.55 20.60 11.13
CA ILE C 125 -40.85 21.61 10.32
C ILE C 125 -41.39 23.00 10.62
N MET C 126 -42.73 23.13 10.61
CA MET C 126 -43.41 24.42 10.71
C MET C 126 -43.14 25.10 12.05
N HIS C 127 -43.36 24.37 13.14
CA HIS C 127 -43.08 24.95 14.44
C HIS C 127 -41.61 24.84 14.84
N LEU C 128 -40.74 24.31 13.98
CA LEU C 128 -39.32 24.55 14.15
C LEU C 128 -38.75 25.67 13.28
N GLU C 129 -39.45 26.17 12.26
CA GLU C 129 -38.92 27.45 11.75
C GLU C 129 -39.56 28.62 12.46
N LYS C 130 -40.79 28.47 12.97
CA LYS C 130 -41.49 29.65 13.48
C LYS C 130 -40.99 30.12 14.84
N LEU C 131 -40.07 29.40 15.49
CA LEU C 131 -39.33 30.08 16.54
C LEU C 131 -38.01 30.62 15.96
N PRO C 132 -37.52 31.78 16.40
CA PRO C 132 -36.43 32.46 15.69
C PRO C 132 -35.05 31.84 15.95
N LYS C 133 -34.07 32.39 15.25
CA LYS C 133 -32.67 31.97 15.30
C LYS C 133 -31.82 33.11 15.88
N VAL C 134 -31.71 33.11 17.21
CA VAL C 134 -30.70 33.89 17.92
C VAL C 134 -29.95 32.93 18.84
N ASN C 135 -28.64 33.15 18.96
CA ASN C 135 -27.68 32.24 19.59
C ASN C 135 -27.77 30.84 18.97
N ASP C 136 -27.48 30.79 17.66
CA ASP C 136 -27.74 29.59 16.88
C ASP C 136 -26.74 28.48 17.16
N ASP C 137 -25.55 28.81 17.65
CA ASP C 137 -24.65 27.81 18.18
C ASP C 137 -24.81 27.76 19.70
N THR C 138 -23.99 26.91 20.34
CA THR C 138 -24.02 26.60 21.77
C THR C 138 -25.40 26.06 22.20
N ILE C 139 -25.75 24.92 21.60
CA ILE C 139 -26.92 24.11 21.99
C ILE C 139 -26.47 22.65 21.94
N THR C 140 -26.97 21.82 22.86
CA THR C 140 -26.75 20.37 22.79
C THR C 140 -28.02 19.55 22.88
N PHE C 141 -27.84 18.24 22.98
CA PHE C 141 -28.90 17.24 22.83
C PHE C 141 -28.82 16.23 23.97
N GLU C 142 -29.99 15.84 24.50
CA GLU C 142 -30.07 14.69 25.40
C GLU C 142 -31.50 14.16 25.38
N ALA C 143 -31.65 12.88 25.70
CA ALA C 143 -32.96 12.25 25.65
C ALA C 143 -33.64 12.30 27.02
N VAL C 144 -34.96 12.14 26.99
CA VAL C 144 -35.76 11.96 28.19
C VAL C 144 -36.98 11.12 27.81
N ILE C 145 -37.38 10.21 28.70
CA ILE C 145 -38.58 9.40 28.51
C ILE C 145 -39.45 9.53 29.74
N ASN C 146 -40.64 10.09 29.59
CA ASN C 146 -41.67 10.01 30.62
C ASN C 146 -42.44 8.72 30.37
N ALA C 147 -42.20 7.71 31.18
CA ALA C 147 -42.76 6.38 30.97
C ALA C 147 -43.63 6.00 32.17
N ILE C 148 -44.60 5.10 31.92
CA ILE C 148 -45.63 4.87 32.93
C ILE C 148 -45.14 3.90 34.01
N GLU C 149 -44.51 2.78 33.63
CA GLU C 149 -44.11 1.78 34.62
C GLU C 149 -42.81 1.14 34.13
N LEU C 150 -41.67 1.63 34.62
CA LEU C 150 -40.40 0.99 34.30
C LEU C 150 -39.50 1.00 35.52
N GLU C 151 -38.68 -0.05 35.63
CA GLU C 151 -37.30 0.07 36.14
C GLU C 151 -36.55 -1.16 35.65
N LEU C 152 -35.53 -0.96 34.83
CA LEU C 152 -34.75 -2.08 34.32
C LEU C 152 -33.28 -2.06 34.73
N GLY C 153 -32.78 -0.96 35.29
CA GLY C 153 -31.36 -0.74 35.52
C GLY C 153 -30.71 -1.66 36.54
N HIS C 154 -31.50 -2.37 37.35
CA HIS C 154 -30.97 -3.35 38.28
C HIS C 154 -30.55 -4.66 37.63
N LYS C 155 -30.86 -4.85 36.34
CA LYS C 155 -30.57 -6.11 35.66
C LYS C 155 -29.07 -6.30 35.42
N LEU C 156 -28.27 -5.23 35.55
CA LEU C 156 -26.82 -5.40 35.59
C LEU C 156 -26.38 -6.17 36.83
N ASP C 157 -27.11 -6.02 37.93
CA ASP C 157 -26.76 -6.55 39.24
C ASP C 157 -27.31 -7.97 39.41
N ARG C 158 -27.26 -8.46 40.66
CA ARG C 158 -27.75 -9.78 41.11
C ARG C 158 -27.00 -10.94 40.48
N ASN C 159 -25.67 -10.76 40.31
CA ASN C 159 -24.68 -11.80 39.96
C ASN C 159 -25.07 -12.65 38.75
N ARG C 160 -25.74 -12.02 37.80
CA ARG C 160 -26.18 -12.68 36.58
C ARG C 160 -24.99 -13.10 35.70
N ARG C 161 -25.17 -14.25 35.04
CA ARG C 161 -24.19 -14.82 34.11
C ARG C 161 -24.78 -14.78 32.72
N VAL C 162 -24.11 -14.06 31.81
CA VAL C 162 -24.67 -13.67 30.54
C VAL C 162 -23.98 -14.42 29.40
N ASP C 163 -24.78 -14.91 28.43
CA ASP C 163 -24.22 -15.78 27.39
C ASP C 163 -24.54 -15.39 25.94
N SER C 164 -25.64 -14.67 25.70
CA SER C 164 -26.05 -14.38 24.32
C SER C 164 -25.98 -12.89 24.00
N LEU C 165 -25.67 -12.59 22.74
CA LEU C 165 -25.48 -11.22 22.25
C LEU C 165 -26.77 -10.39 22.33
N GLU C 166 -27.92 -11.02 22.13
CA GLU C 166 -29.20 -10.33 22.25
C GLU C 166 -29.40 -9.79 23.67
N GLU C 167 -29.11 -10.61 24.67
CA GLU C 167 -29.20 -10.06 26.02
C GLU C 167 -27.95 -9.26 26.41
N LYS C 168 -26.84 -9.34 25.65
CA LYS C 168 -25.76 -8.36 25.82
C LYS C 168 -26.27 -6.98 25.44
N ALA C 169 -26.97 -6.90 24.31
CA ALA C 169 -27.67 -5.70 23.89
C ALA C 169 -28.67 -5.24 24.94
N GLU C 170 -29.47 -6.17 25.47
CA GLU C 170 -30.48 -5.85 26.49
C GLU C 170 -29.87 -5.27 27.77
N ILE C 171 -28.73 -5.82 28.22
CA ILE C 171 -28.03 -5.24 29.36
C ILE C 171 -27.46 -3.86 29.02
N GLU C 172 -27.03 -3.67 27.76
CA GLU C 172 -26.68 -2.30 27.33
C GLU C 172 -27.90 -1.36 27.33
N ARG C 173 -29.11 -1.89 27.05
CA ARG C 173 -30.32 -1.06 27.09
C ARG C 173 -30.62 -0.61 28.52
N ASP C 174 -30.57 -1.53 29.47
CA ASP C 174 -30.84 -1.13 30.85
C ASP C 174 -29.67 -0.38 31.47
N SER C 175 -28.46 -0.54 30.94
CA SER C 175 -27.31 0.20 31.44
C SER C 175 -27.34 1.65 31.00
N ASN C 176 -27.82 1.92 29.79
CA ASN C 176 -27.71 3.28 29.25
C ASN C 176 -28.70 4.25 29.85
N TRP C 177 -29.72 3.78 30.56
CA TRP C 177 -30.83 4.61 31.01
C TRP C 177 -30.77 4.85 32.51
N VAL C 178 -30.88 6.12 32.91
CA VAL C 178 -30.84 6.52 34.32
C VAL C 178 -32.04 7.41 34.63
N LYS C 179 -32.71 7.10 35.73
CA LYS C 179 -33.80 7.95 36.23
C LYS C 179 -33.25 9.27 36.76
N CYS C 180 -33.82 10.39 36.30
CA CYS C 180 -33.44 11.70 36.81
C CYS C 180 -34.26 12.02 38.06
N GLN C 181 -34.18 13.28 38.51
CA GLN C 181 -34.80 13.73 39.75
C GLN C 181 -36.32 13.67 39.73
N GLU C 182 -36.96 13.72 38.58
CA GLU C 182 -38.42 13.68 38.54
C GLU C 182 -38.92 12.55 37.64
N LYS C 196 -43.04 23.76 31.33
CA LYS C 196 -43.50 24.35 32.58
C LYS C 196 -43.66 25.85 32.44
N ILE C 197 -42.73 26.48 31.72
CA ILE C 197 -42.73 27.92 31.54
C ILE C 197 -43.62 28.27 30.34
N LYS C 198 -43.30 27.70 29.17
CA LYS C 198 -44.18 27.80 28.01
C LYS C 198 -44.36 26.42 27.38
N LEU C 199 -45.44 26.29 26.62
CA LEU C 199 -45.76 25.05 25.92
C LEU C 199 -46.50 25.43 24.65
N THR C 200 -46.09 24.85 23.53
CA THR C 200 -46.69 25.17 22.23
C THR C 200 -47.28 23.91 21.60
N SER C 201 -48.29 24.12 20.77
CA SER C 201 -49.03 23.00 20.19
C SER C 201 -48.33 22.48 18.94
N LEU C 202 -48.44 21.17 18.73
CA LEU C 202 -47.97 20.54 17.51
C LEU C 202 -49.02 19.56 17.03
N VAL C 203 -49.20 19.48 15.71
CA VAL C 203 -50.19 18.57 15.14
C VAL C 203 -49.59 17.18 15.09
N GLY C 204 -50.23 16.23 15.78
CA GLY C 204 -49.77 14.86 15.79
C GLY C 204 -50.36 14.02 14.69
N SER C 205 -49.77 12.85 14.50
CA SER C 205 -50.35 11.85 13.61
C SER C 205 -51.55 11.20 14.30
N ASP C 206 -52.65 11.05 13.57
CA ASP C 206 -53.86 10.42 14.11
C ASP C 206 -54.27 9.23 13.26
N VAL C 207 -53.29 8.42 12.88
CA VAL C 207 -53.59 7.14 12.24
C VAL C 207 -53.98 6.15 13.34
N GLY C 208 -54.81 5.17 12.97
CA GLY C 208 -55.49 4.28 13.89
C GLY C 208 -54.65 3.51 14.92
N PRO C 209 -53.78 2.59 14.46
CA PRO C 209 -53.00 1.82 15.43
C PRO C 209 -51.85 2.61 16.05
N LEU C 210 -51.29 3.58 15.32
CA LEU C 210 -50.17 4.37 15.83
C LEU C 210 -50.67 5.75 16.24
N ILE C 211 -51.14 5.86 17.48
CA ILE C 211 -51.52 7.15 18.03
C ILE C 211 -50.25 7.83 18.56
N ILE C 212 -49.76 8.82 17.83
CA ILE C 212 -48.62 9.62 18.25
C ILE C 212 -49.12 11.04 18.46
N HIS C 213 -49.43 11.38 19.70
CA HIS C 213 -49.94 12.70 20.07
C HIS C 213 -48.74 13.56 20.49
N GLN C 214 -48.16 14.26 19.53
CA GLN C 214 -46.89 14.93 19.73
C GLN C 214 -47.07 16.44 19.89
N PHE C 215 -46.50 16.98 20.96
CA PHE C 215 -46.48 18.42 21.30
C PHE C 215 -45.05 18.94 21.41
N SER C 216 -44.93 20.20 21.84
CA SER C 216 -43.65 20.83 22.13
C SER C 216 -43.76 21.62 23.43
N GLU C 217 -42.62 21.81 24.07
CA GLU C 217 -42.49 22.63 25.27
C GLU C 217 -41.38 23.65 25.05
N LYS C 218 -41.56 24.84 25.60
CA LYS C 218 -40.58 25.91 25.46
C LYS C 218 -40.15 26.37 26.85
N LEU C 219 -38.85 26.22 27.13
CA LEU C 219 -38.21 26.49 28.43
C LEU C 219 -38.87 25.72 29.58
N HIS D 2 -48.88 40.96 -4.18
CA HIS D 2 -48.06 41.55 -5.24
C HIS D 2 -48.88 41.81 -6.49
N MET D 3 -48.21 42.28 -7.54
CA MET D 3 -48.84 42.51 -8.83
C MET D 3 -48.86 41.25 -9.68
N ASP D 4 -48.14 40.22 -9.25
CA ASP D 4 -48.23 38.91 -9.89
C ASP D 4 -49.63 38.36 -9.78
N ALA D 5 -50.25 38.50 -8.61
CA ALA D 5 -51.66 38.16 -8.44
C ALA D 5 -52.57 39.06 -9.27
N LEU D 6 -52.21 40.34 -9.41
CA LEU D 6 -52.97 41.26 -10.24
C LEU D 6 -52.96 40.86 -11.71
N LEU D 7 -51.86 40.26 -12.18
CA LEU D 7 -51.80 39.71 -13.54
C LEU D 7 -52.83 38.59 -13.73
N THR D 8 -53.01 37.75 -12.71
CA THR D 8 -54.10 36.78 -12.72
C THR D 8 -55.46 37.45 -12.68
N LYS D 9 -55.58 38.54 -11.91
CA LYS D 9 -56.81 39.34 -11.89
C LYS D 9 -57.08 39.97 -13.26
N PHE D 10 -56.03 40.47 -13.93
CA PHE D 10 -56.17 41.00 -15.28
C PHE D 10 -56.62 39.94 -16.27
N ASN D 11 -56.03 38.75 -16.21
CA ASN D 11 -56.31 37.68 -17.17
C ASN D 11 -57.51 36.86 -16.72
N GLU D 12 -58.69 37.47 -16.86
CA GLU D 12 -59.96 36.78 -16.67
C GLU D 12 -60.56 36.27 -17.97
N ASP D 13 -59.87 36.47 -19.10
CA ASP D 13 -60.37 36.03 -20.39
C ASP D 13 -60.47 34.51 -20.48
N ARG D 14 -59.45 33.80 -20.01
CA ARG D 14 -59.52 32.35 -19.90
C ARG D 14 -60.17 32.01 -18.58
N SER D 15 -61.50 31.97 -18.57
CA SER D 15 -62.21 31.41 -17.42
C SER D 15 -61.90 29.94 -17.25
N LEU D 16 -62.04 29.17 -18.32
CA LEU D 16 -61.76 27.73 -18.27
C LEU D 16 -61.00 27.24 -19.48
N GLN D 17 -60.46 28.15 -20.31
CA GLN D 17 -59.73 27.98 -21.58
C GLN D 17 -60.67 27.61 -22.73
N ASP D 18 -61.99 27.67 -22.52
CA ASP D 18 -63.03 27.20 -23.44
C ASP D 18 -62.82 25.74 -23.83
N GLU D 19 -62.48 24.93 -22.82
CA GLU D 19 -62.48 23.48 -22.91
C GLU D 19 -63.65 22.94 -22.10
N ASN D 20 -64.21 21.82 -22.57
CA ASN D 20 -65.27 21.15 -21.82
C ASN D 20 -64.75 20.65 -20.48
N LEU D 21 -63.52 20.11 -20.46
CA LEU D 21 -62.68 19.70 -19.34
C LEU D 21 -63.14 18.41 -18.70
N SER D 22 -64.26 17.84 -19.15
CA SER D 22 -64.50 16.40 -19.07
C SER D 22 -64.42 15.79 -20.45
N GLN D 23 -63.94 16.56 -21.42
CA GLN D 23 -63.54 16.07 -22.73
C GLN D 23 -62.02 16.11 -22.80
N PRO D 24 -61.36 14.98 -22.94
CA PRO D 24 -59.93 15.01 -23.26
C PRO D 24 -59.72 15.21 -24.74
N ARG D 25 -59.10 16.31 -25.14
CA ARG D 25 -58.77 16.51 -26.55
C ARG D 25 -57.47 15.75 -26.82
N THR D 26 -57.61 14.58 -27.44
CA THR D 26 -56.45 13.72 -27.66
C THR D 26 -55.52 14.33 -28.70
N ARG D 27 -54.27 14.55 -28.30
CA ARG D 27 -53.27 15.05 -29.22
C ARG D 27 -52.08 14.09 -29.20
N VAL D 28 -52.06 13.13 -30.14
CA VAL D 28 -51.22 13.07 -31.35
C VAL D 28 -51.93 11.93 -32.10
N ARG D 29 -51.96 11.95 -33.43
CA ARG D 29 -52.11 10.67 -34.13
C ARG D 29 -50.70 10.16 -34.37
N ILE D 30 -50.10 9.56 -33.34
CA ILE D 30 -48.73 9.08 -33.46
C ILE D 30 -48.72 7.74 -34.18
N VAL D 31 -47.77 7.58 -35.10
CA VAL D 31 -47.75 6.35 -35.90
C VAL D 31 -46.95 5.29 -35.18
N ASP D 32 -45.68 5.58 -34.92
CA ASP D 32 -44.70 4.69 -34.28
C ASP D 32 -44.61 3.33 -35.00
N ASP D 33 -44.20 3.40 -36.28
CA ASP D 33 -43.94 2.21 -37.08
C ASP D 33 -42.80 1.35 -36.55
N ASN D 34 -41.94 1.91 -35.70
CA ASN D 34 -40.74 1.23 -35.22
C ASN D 34 -41.04 0.08 -34.26
N LEU D 35 -42.19 0.13 -33.57
CA LEU D 35 -42.36 -0.66 -32.35
C LEU D 35 -42.50 -2.16 -32.64
N TYR D 36 -43.39 -2.52 -33.56
CA TYR D 36 -43.71 -3.94 -33.68
C TYR D 36 -43.00 -4.64 -34.83
N ASN D 37 -43.11 -4.15 -36.07
CA ASN D 37 -42.69 -4.95 -37.22
C ASN D 37 -41.24 -4.68 -37.62
N LYS D 38 -40.35 -4.83 -36.64
CA LYS D 38 -38.93 -5.07 -36.87
C LYS D 38 -38.35 -5.69 -35.62
N SER D 39 -37.30 -6.47 -35.80
CA SER D 39 -36.39 -6.72 -34.70
C SER D 39 -35.58 -5.46 -34.44
N ASN D 40 -35.34 -5.16 -33.18
CA ASN D 40 -34.38 -4.11 -32.88
C ASN D 40 -33.00 -4.73 -32.89
N PRO D 41 -32.07 -4.22 -33.71
CA PRO D 41 -30.71 -4.79 -33.73
C PRO D 41 -29.98 -4.65 -32.41
N PHE D 42 -30.16 -3.51 -31.75
CA PHE D 42 -29.42 -3.21 -30.53
C PHE D 42 -29.89 -4.05 -29.36
N GLN D 43 -31.13 -4.54 -29.43
CA GLN D 43 -31.77 -5.31 -28.38
C GLN D 43 -31.09 -6.66 -28.20
N LEU D 44 -31.41 -7.32 -27.09
CA LEU D 44 -30.78 -8.58 -26.70
C LEU D 44 -31.22 -9.71 -27.61
N CYS D 45 -30.66 -10.90 -27.35
CA CYS D 45 -31.13 -12.13 -27.95
C CYS D 45 -31.86 -12.92 -26.89
N TYR D 46 -33.08 -13.35 -27.21
CA TYR D 46 -33.92 -14.09 -26.27
C TYR D 46 -33.30 -15.42 -25.87
N LYS D 47 -32.67 -16.11 -26.82
CA LYS D 47 -31.92 -17.33 -26.49
C LYS D 47 -30.72 -17.03 -25.60
N LYS D 48 -30.03 -15.91 -25.85
CA LYS D 48 -28.94 -15.47 -24.97
C LYS D 48 -29.45 -15.14 -23.58
N ARG D 49 -30.62 -14.53 -23.49
CA ARG D 49 -31.20 -14.19 -22.19
C ARG D 49 -31.92 -15.37 -21.59
N SER D 53 -12.33 -10.66 -23.46
CA SER D 53 -12.32 -11.62 -24.56
C SER D 53 -13.33 -11.23 -25.63
N GLN D 54 -14.45 -10.67 -25.18
CA GLN D 54 -15.51 -10.22 -26.08
C GLN D 54 -15.05 -9.10 -27.00
N TYR D 55 -14.38 -8.07 -26.45
CA TYR D 55 -14.09 -6.84 -27.18
C TYR D 55 -13.13 -7.06 -28.33
N TYR D 56 -12.20 -8.02 -28.18
CA TYR D 56 -11.08 -8.22 -29.10
C TYR D 56 -11.56 -8.55 -30.50
N HIS D 57 -12.43 -9.56 -30.63
CA HIS D 57 -12.92 -9.97 -31.95
C HIS D 57 -13.79 -8.90 -32.57
N ILE D 58 -14.48 -8.12 -31.72
CA ILE D 58 -15.32 -7.02 -32.18
C ILE D 58 -14.49 -5.94 -32.84
N TYR D 59 -13.30 -5.63 -32.30
CA TYR D 59 -12.46 -4.58 -32.91
C TYR D 59 -12.00 -4.92 -34.34
N GLN D 60 -11.52 -6.15 -34.57
CA GLN D 60 -11.24 -6.56 -35.95
C GLN D 60 -12.50 -6.65 -36.79
N TYR D 61 -13.64 -7.02 -36.20
CA TYR D 61 -14.89 -7.03 -36.97
C TYR D 61 -15.27 -5.64 -37.47
N ARG D 62 -15.12 -4.61 -36.61
CA ARG D 62 -15.33 -3.22 -37.03
C ARG D 62 -14.35 -2.82 -38.11
N LEU D 63 -13.07 -3.20 -37.92
CA LEU D 63 -12.03 -2.82 -38.87
C LEU D 63 -12.25 -3.44 -40.24
N LYS D 64 -12.55 -4.74 -40.30
CA LYS D 64 -12.79 -5.39 -41.59
C LYS D 64 -14.11 -4.92 -42.22
N THR D 65 -15.16 -4.71 -41.41
CA THR D 65 -16.46 -4.29 -41.92
C THR D 65 -16.37 -2.91 -42.55
N PHE D 66 -15.71 -1.99 -41.85
CA PHE D 66 -15.39 -0.70 -42.45
C PHE D 66 -14.42 -0.83 -43.63
N ARG D 67 -13.50 -1.81 -43.61
CA ARG D 67 -12.51 -1.92 -44.69
C ARG D 67 -13.14 -2.26 -46.04
N GLU D 68 -14.01 -3.28 -46.08
CA GLU D 68 -14.84 -3.43 -47.30
C GLU D 68 -15.85 -2.30 -47.48
N ARG D 69 -16.36 -1.69 -46.40
CA ARG D 69 -17.36 -0.63 -46.56
C ARG D 69 -16.79 0.61 -47.26
N VAL D 70 -15.65 1.14 -46.78
CA VAL D 70 -15.04 2.30 -47.40
C VAL D 70 -14.09 1.92 -48.53
N LEU D 71 -13.82 0.61 -48.70
CA LEU D 71 -13.04 0.15 -49.85
C LEU D 71 -13.76 0.45 -51.15
N LYS D 72 -15.10 0.46 -51.13
CA LYS D 72 -15.89 0.85 -52.27
C LYS D 72 -15.74 2.33 -52.63
N GLU D 73 -15.23 3.18 -51.72
CA GLU D 73 -15.12 4.62 -51.97
C GLU D 73 -13.70 5.13 -51.67
N CYS D 74 -12.84 5.09 -52.69
CA CYS D 74 -11.61 5.88 -52.65
C CYS D 74 -11.47 6.68 -53.95
N ASP D 75 -12.08 6.16 -55.00
CA ASP D 75 -12.16 6.82 -56.30
C ASP D 75 -13.59 6.96 -56.80
N LYS D 76 -14.49 6.08 -56.35
CA LYS D 76 -15.90 6.21 -56.69
C LYS D 76 -16.50 7.48 -56.09
N ARG D 77 -16.20 7.73 -54.82
CA ARG D 77 -16.73 8.90 -54.13
C ARG D 77 -15.65 9.95 -53.84
N TRP D 78 -14.41 9.74 -54.27
CA TRP D 78 -13.35 10.71 -54.04
C TRP D 78 -12.45 10.79 -55.26
N ASP D 79 -11.32 11.49 -55.06
CA ASP D 79 -10.36 11.99 -56.07
C ASP D 79 -10.02 11.07 -57.23
N ALA D 80 -10.13 11.59 -58.44
CA ALA D 80 -9.69 10.88 -59.63
C ALA D 80 -8.18 10.92 -59.73
N GLY D 81 -7.58 9.77 -60.03
CA GLY D 81 -6.14 9.66 -60.21
C GLY D 81 -5.57 10.43 -61.39
N PHE D 82 -6.41 10.87 -62.33
CA PHE D 82 -5.99 11.80 -63.39
C PHE D 82 -5.52 13.14 -62.85
N THR D 83 -5.93 13.53 -61.64
CA THR D 83 -5.44 14.73 -61.00
C THR D 83 -4.13 14.41 -60.27
N LEU D 84 -3.60 15.43 -59.57
CA LEU D 84 -2.37 15.38 -58.79
C LEU D 84 -1.14 15.13 -59.66
N ASN D 85 -1.24 15.51 -60.94
CA ASN D 85 -0.24 15.22 -61.98
C ASN D 85 -0.01 13.72 -62.12
N GLY D 86 -1.13 12.97 -62.09
CA GLY D 86 -1.11 11.52 -62.11
C GLY D 86 -0.37 10.87 -60.95
N GLN D 87 -0.42 11.47 -59.76
CA GLN D 87 0.02 10.77 -58.56
C GLN D 87 -0.99 9.70 -58.19
N LEU D 88 -0.50 8.48 -58.01
CA LEU D 88 -1.36 7.30 -57.90
C LEU D 88 -2.06 7.25 -56.55
N VAL D 89 -3.39 7.21 -56.58
CA VAL D 89 -4.22 7.20 -55.39
C VAL D 89 -4.82 5.81 -55.22
N LEU D 90 -4.13 4.81 -55.76
CA LEU D 90 -4.58 3.42 -55.74
C LEU D 90 -4.66 2.89 -54.30
N LYS D 91 -5.46 1.83 -54.12
CA LYS D 91 -5.99 1.46 -52.82
C LYS D 91 -5.01 0.57 -52.06
N LYS D 92 -3.82 1.12 -51.81
CA LYS D 92 -2.81 0.47 -51.00
C LYS D 92 -2.83 1.06 -49.60
N ASP D 93 -3.18 0.23 -48.61
CA ASP D 93 -3.27 0.72 -47.24
C ASP D 93 -1.99 0.53 -46.44
N LYS D 94 -1.18 -0.48 -46.78
CA LYS D 94 0.00 -0.80 -46.00
C LYS D 94 1.08 0.27 -46.18
N VAL D 95 1.87 0.48 -45.12
CA VAL D 95 2.90 1.52 -45.14
C VAL D 95 4.14 1.13 -45.91
N LEU D 96 4.22 -0.13 -46.39
CA LEU D 96 5.37 -0.56 -47.19
C LEU D 96 5.45 0.20 -48.51
N ASP D 97 4.31 0.43 -49.16
CA ASP D 97 4.25 1.16 -50.41
C ASP D 97 3.64 2.55 -50.27
N ILE D 98 3.22 2.96 -49.07
CA ILE D 98 2.95 4.35 -48.76
C ILE D 98 4.22 5.19 -48.90
N GLN D 99 5.39 4.58 -48.65
CA GLN D 99 6.68 5.24 -48.84
C GLN D 99 6.98 5.61 -50.30
N GLY D 100 6.26 5.03 -51.26
CA GLY D 100 6.24 5.57 -52.60
C GLY D 100 5.72 7.00 -52.61
N ASN D 101 6.41 7.86 -53.35
CA ASN D 101 6.24 9.30 -53.19
C ASN D 101 4.93 9.83 -53.77
N GLN D 102 4.24 9.06 -54.60
CA GLN D 102 2.89 9.42 -54.99
C GLN D 102 1.95 9.17 -53.81
N PRO D 103 1.17 10.17 -53.40
CA PRO D 103 0.22 9.95 -52.29
C PRO D 103 -0.94 9.07 -52.72
N CYS D 104 -1.10 7.94 -52.05
CA CYS D 104 -2.23 7.06 -52.24
C CYS D 104 -3.34 7.42 -51.27
N TRP D 105 -4.48 6.74 -51.39
CA TRP D 105 -5.50 6.84 -50.34
C TRP D 105 -5.08 5.92 -49.19
N CYS D 106 -4.66 6.53 -48.09
CA CYS D 106 -4.24 5.79 -46.90
C CYS D 106 -5.45 5.52 -46.03
N VAL D 107 -6.08 4.38 -46.29
CA VAL D 107 -7.29 3.94 -45.59
C VAL D 107 -6.86 3.34 -44.25
N GLY D 108 -6.92 4.13 -43.19
CA GLY D 108 -6.48 3.69 -41.88
C GLY D 108 -7.25 4.37 -40.78
N SER D 109 -7.01 3.92 -39.56
CA SER D 109 -7.79 4.32 -38.39
C SER D 109 -6.89 4.95 -37.33
N ILE D 110 -7.27 6.12 -36.85
CA ILE D 110 -6.43 6.90 -35.95
C ILE D 110 -6.62 6.40 -34.52
N TYR D 111 -5.52 5.99 -33.89
CA TYR D 111 -5.46 5.63 -32.47
C TYR D 111 -4.34 6.40 -31.79
N CYS D 112 -4.27 7.71 -32.06
CA CYS D 112 -3.10 8.51 -31.70
C CYS D 112 -2.98 8.71 -30.19
N GLU D 113 -3.98 9.31 -29.57
CA GLU D 113 -3.95 9.58 -28.13
C GLU D 113 -5.34 9.34 -27.57
N MET D 114 -5.51 8.26 -26.81
CA MET D 114 -6.73 8.06 -26.03
C MET D 114 -6.34 7.42 -24.70
N LYS D 115 -6.14 8.25 -23.68
CA LYS D 115 -6.07 7.78 -22.30
C LYS D 115 -6.63 8.89 -21.40
N TYR D 116 -6.51 8.70 -20.09
CA TYR D 116 -7.37 9.33 -19.11
C TYR D 116 -6.62 10.43 -18.36
N LYS D 117 -7.18 11.65 -18.38
CA LYS D 117 -6.68 12.69 -17.48
C LYS D 117 -7.00 12.41 -16.01
N PRO D 118 -8.24 12.08 -15.59
CA PRO D 118 -8.41 11.71 -14.18
C PRO D 118 -8.25 10.22 -13.92
N ASN D 119 -7.65 9.91 -12.77
CA ASN D 119 -7.56 8.52 -12.30
C ASN D 119 -8.93 7.97 -11.94
N THR D 128 -4.45 1.58 -6.60
CA THR D 128 -3.18 1.79 -7.29
C THR D 128 -2.36 0.51 -7.33
N TYR D 129 -3.06 -0.62 -7.46
CA TYR D 129 -2.38 -1.92 -7.51
C TYR D 129 -1.54 -2.06 -8.78
N GLY D 130 -2.02 -1.53 -9.90
CA GLY D 130 -1.30 -1.59 -11.15
C GLY D 130 -0.32 -0.46 -11.39
N ALA D 131 -0.10 0.42 -10.40
CA ALA D 131 0.76 1.61 -10.42
C ALA D 131 0.37 2.57 -11.55
N PRO D 132 -0.85 3.12 -11.56
CA PRO D 132 -1.30 3.87 -12.74
C PRO D 132 -0.62 5.22 -12.94
N ASP D 133 -0.39 5.99 -11.87
CA ASP D 133 0.11 7.36 -11.98
C ASP D 133 1.53 7.41 -12.54
N LEU D 134 2.36 6.42 -12.19
CA LEU D 134 3.70 6.30 -12.77
C LEU D 134 3.63 6.06 -14.28
N THR D 135 2.71 5.19 -14.72
CA THR D 135 2.46 5.04 -16.15
C THR D 135 1.86 6.32 -16.74
N LYS D 136 0.96 6.98 -16.01
CA LYS D 136 0.29 8.20 -16.44
C LYS D 136 1.22 9.41 -16.59
N SER D 137 2.47 9.33 -16.09
CA SER D 137 3.46 10.36 -16.41
C SER D 137 3.73 10.41 -17.91
N TYR D 138 3.81 9.26 -18.56
CA TYR D 138 3.92 9.19 -20.01
C TYR D 138 2.66 9.71 -20.71
N THR D 139 1.49 9.55 -20.07
CA THR D 139 0.23 10.00 -20.66
C THR D 139 0.19 11.52 -20.83
N ASP D 140 0.60 12.27 -19.80
CA ASP D 140 0.28 13.70 -19.71
C ASP D 140 1.00 14.53 -20.77
N LYS D 141 2.32 14.37 -20.90
CA LYS D 141 3.06 15.22 -21.83
C LYS D 141 2.84 14.81 -23.28
N GLU D 142 2.95 13.51 -23.57
CA GLU D 142 2.77 13.00 -24.93
C GLU D 142 1.32 13.15 -25.40
N GLY D 143 0.36 12.87 -24.53
CA GLY D 143 -1.04 13.05 -24.87
C GLY D 143 -1.43 14.50 -25.11
N GLY D 144 -0.81 15.42 -24.35
CA GLY D 144 -1.06 16.84 -24.54
C GLY D 144 -0.68 17.35 -25.91
N SER D 145 0.45 16.88 -26.44
CA SER D 145 0.78 17.07 -27.85
C SER D 145 -0.30 16.43 -28.73
N ASP D 146 -0.81 17.20 -29.68
CA ASP D 146 -2.01 16.85 -30.44
C ASP D 146 -1.72 16.06 -31.70
N GLU D 147 -0.55 15.41 -31.81
CA GLU D 147 -0.12 14.81 -33.06
C GLU D 147 -0.91 13.52 -33.35
N ILE D 148 -1.20 13.29 -34.62
CA ILE D 148 -2.16 12.28 -35.05
C ILE D 148 -1.43 11.17 -35.80
N MET D 149 -1.68 9.93 -35.40
CA MET D 149 -1.09 8.74 -35.99
C MET D 149 -2.20 7.93 -36.65
N LEU D 150 -1.92 7.42 -37.85
CA LEU D 150 -2.93 6.68 -38.62
C LEU D 150 -2.51 5.23 -38.70
N GLU D 151 -3.42 4.33 -38.32
CA GLU D 151 -3.14 2.90 -38.27
C GLU D 151 -4.15 2.14 -39.10
N ASP D 152 -3.67 1.51 -40.18
CA ASP D 152 -4.44 0.54 -40.92
C ASP D 152 -4.16 -0.89 -40.46
N GLU D 153 -3.57 -1.03 -39.26
CA GLU D 153 -2.95 -2.21 -38.66
C GLU D 153 -1.66 -2.62 -39.37
N SER D 154 -1.14 -1.80 -40.28
CA SER D 154 0.15 -2.07 -40.91
C SER D 154 1.23 -1.05 -40.59
N GLY D 155 0.90 0.12 -40.07
CA GLY D 155 1.92 1.05 -39.61
C GLY D 155 1.45 2.46 -39.36
N ARG D 156 2.08 3.15 -38.41
CA ARG D 156 1.75 4.53 -38.10
C ARG D 156 2.41 5.50 -39.07
N VAL D 157 1.72 6.59 -39.38
CA VAL D 157 2.28 7.71 -40.13
C VAL D 157 1.94 8.99 -39.38
N LEU D 158 2.80 9.99 -39.53
CA LEU D 158 2.61 11.27 -38.85
C LEU D 158 1.56 12.08 -39.59
N LEU D 159 0.86 12.95 -38.85
CA LEU D 159 -0.10 13.87 -39.48
C LEU D 159 0.08 15.27 -38.90
N VAL D 160 0.15 16.27 -39.78
CA VAL D 160 0.11 17.68 -39.40
C VAL D 160 -0.93 18.38 -40.26
N GLY D 161 -1.29 19.60 -39.89
CA GLY D 161 -2.18 20.42 -40.69
C GLY D 161 -3.27 21.06 -39.86
N ASP D 162 -4.22 21.70 -40.56
CA ASP D 162 -5.27 22.46 -39.89
C ASP D 162 -6.35 21.58 -39.31
N PHE D 163 -6.69 20.46 -39.95
CA PHE D 163 -7.77 19.59 -39.52
C PHE D 163 -7.36 18.64 -38.39
N ILE D 164 -6.12 18.75 -37.91
CA ILE D 164 -5.64 17.98 -36.76
C ILE D 164 -6.51 18.25 -35.53
N ARG D 165 -6.83 19.51 -35.28
CA ARG D 165 -7.60 19.90 -34.11
C ARG D 165 -9.01 20.38 -34.43
N SER D 166 -9.23 20.91 -35.63
CA SER D 166 -10.56 21.42 -35.98
C SER D 166 -11.55 20.29 -36.22
N THR D 167 -11.11 19.21 -36.86
CA THR D 167 -12.00 18.08 -37.10
C THR D 167 -11.66 16.98 -36.11
N PRO D 168 -12.54 16.62 -35.19
CA PRO D 168 -12.18 15.80 -34.02
C PRO D 168 -12.26 14.29 -34.27
N PHE D 169 -11.52 13.80 -35.27
CA PHE D 169 -11.53 12.35 -35.54
C PHE D 169 -10.59 11.66 -34.56
N ILE D 170 -11.08 11.47 -33.33
CA ILE D 170 -10.20 11.07 -32.23
C ILE D 170 -9.81 9.59 -32.31
N THR D 171 -10.79 8.69 -32.41
CA THR D 171 -10.49 7.27 -32.29
C THR D 171 -11.48 6.42 -33.09
N GLY D 172 -10.96 5.31 -33.62
CA GLY D 172 -11.76 4.39 -34.41
C GLY D 172 -12.22 4.94 -35.74
N VAL D 173 -11.51 5.91 -36.29
CA VAL D 173 -11.97 6.69 -37.42
C VAL D 173 -11.24 6.24 -38.69
N VAL D 174 -11.91 5.41 -39.49
CA VAL D 174 -11.36 5.03 -40.78
C VAL D 174 -11.50 6.19 -41.77
N VAL D 175 -10.37 6.73 -42.20
CA VAL D 175 -10.33 7.84 -43.14
C VAL D 175 -9.33 7.51 -44.24
N GLY D 176 -9.52 8.14 -45.40
CA GLY D 176 -8.49 8.19 -46.41
C GLY D 176 -7.92 9.59 -46.47
N ILE D 177 -6.61 9.74 -46.30
CA ILE D 177 -6.00 11.05 -46.15
C ILE D 177 -5.38 11.47 -47.47
N LEU D 178 -5.56 12.75 -47.83
CA LEU D 178 -4.97 13.32 -49.02
C LEU D 178 -4.07 14.48 -48.60
N GLY D 179 -2.79 14.38 -48.93
CA GLY D 179 -1.87 15.48 -48.77
C GLY D 179 -0.72 15.28 -49.73
N MET D 180 -0.04 16.38 -50.07
CA MET D 180 1.23 16.29 -50.76
C MET D 180 2.23 15.56 -49.87
N GLU D 181 2.75 14.44 -50.38
CA GLU D 181 3.42 13.43 -49.56
C GLU D 181 4.66 13.97 -48.84
N ALA D 182 5.69 14.33 -49.61
CA ALA D 182 6.84 15.19 -49.27
C ALA D 182 7.78 14.57 -48.22
N GLU D 183 7.44 13.41 -47.66
CA GLU D 183 8.15 12.57 -46.70
C GLU D 183 7.35 11.30 -46.58
N ALA D 184 8.02 10.18 -46.31
CA ALA D 184 7.29 8.95 -46.01
C ALA D 184 6.54 9.05 -44.68
N GLY D 185 7.10 9.79 -43.71
CA GLY D 185 6.50 9.83 -42.38
C GLY D 185 5.20 10.59 -42.29
N THR D 186 5.12 11.75 -42.94
CA THR D 186 4.05 12.70 -42.66
C THR D 186 3.34 13.15 -43.93
N PHE D 187 2.12 13.63 -43.73
CA PHE D 187 1.28 14.29 -44.72
C PHE D 187 0.77 15.59 -44.13
N GLN D 188 0.17 16.43 -44.97
CA GLN D 188 -0.79 17.38 -44.45
C GLN D 188 -2.19 16.79 -44.58
N VAL D 189 -3.18 17.48 -44.04
CA VAL D 189 -4.56 16.98 -44.03
C VAL D 189 -5.38 17.92 -44.91
N LEU D 190 -5.61 17.53 -46.16
CA LEU D 190 -6.50 18.26 -47.05
C LEU D 190 -7.86 17.59 -47.18
N ASP D 191 -7.94 16.27 -47.02
CA ASP D 191 -9.18 15.55 -47.26
C ASP D 191 -9.21 14.30 -46.39
N ILE D 192 -10.43 13.91 -46.03
CA ILE D 192 -10.71 12.68 -45.29
C ILE D 192 -11.79 11.94 -46.04
N CYS D 193 -11.94 10.65 -45.74
CA CYS D 193 -13.06 9.92 -46.33
C CYS D 193 -14.02 9.47 -45.24
N TYR D 194 -15.07 8.79 -45.68
CA TYR D 194 -16.25 8.49 -44.89
C TYR D 194 -16.76 7.13 -45.35
N PRO D 195 -17.64 6.49 -44.58
CA PRO D 195 -18.42 5.38 -45.14
C PRO D 195 -19.44 5.89 -46.15
N THR D 196 -19.88 4.97 -46.99
CA THR D 196 -20.94 5.30 -47.94
C THR D 196 -22.26 5.52 -47.19
N PRO D 197 -23.12 6.36 -47.73
CA PRO D 197 -24.46 6.49 -47.13
C PRO D 197 -25.34 5.28 -47.37
N LEU D 198 -25.70 4.58 -46.30
CA LEU D 198 -26.86 3.73 -46.39
C LEU D 198 -28.08 4.64 -46.56
N PRO D 199 -29.02 4.27 -47.43
CA PRO D 199 -29.69 5.28 -48.25
C PRO D 199 -30.78 6.03 -47.51
N GLN D 200 -31.44 6.91 -48.25
CA GLN D 200 -32.43 7.82 -47.68
C GLN D 200 -33.68 7.02 -47.34
N ASN D 201 -33.85 6.72 -46.06
CA ASN D 201 -35.13 6.28 -45.56
C ASN D 201 -36.10 7.45 -45.77
N PRO D 202 -37.19 7.27 -46.54
CA PRO D 202 -38.04 8.41 -46.93
C PRO D 202 -38.68 9.18 -45.78
N PHE D 203 -38.30 10.44 -45.65
CA PHE D 203 -39.03 11.36 -44.80
C PHE D 203 -40.40 11.66 -45.42
N PRO D 204 -41.48 11.40 -44.72
CA PRO D 204 -42.79 11.75 -45.28
C PRO D 204 -43.25 13.12 -44.87
N ALA D 205 -44.16 13.70 -45.65
CA ALA D 205 -45.04 14.74 -45.17
C ALA D 205 -46.46 14.22 -45.32
N PRO D 206 -47.25 14.10 -44.26
CA PRO D 206 -48.67 13.76 -44.45
C PRO D 206 -49.43 15.03 -44.84
N ILE D 207 -49.34 15.37 -46.13
CA ILE D 207 -49.78 16.67 -46.64
C ILE D 207 -51.29 16.82 -46.53
N ALA D 208 -52.03 15.81 -46.99
CA ALA D 208 -53.48 15.82 -46.82
C ALA D 208 -53.85 15.63 -45.36
N THR D 209 -54.61 16.59 -44.82
CA THR D 209 -55.03 16.68 -43.41
C THR D 209 -53.83 16.49 -42.47
N CYS D 210 -52.90 17.45 -42.58
CA CYS D 210 -51.68 17.42 -41.79
C CYS D 210 -51.99 17.43 -40.29
N PRO D 211 -51.37 16.54 -39.51
CA PRO D 211 -51.78 16.37 -38.11
C PRO D 211 -51.31 17.48 -37.18
N THR D 212 -50.37 18.33 -37.63
CA THR D 212 -49.56 19.21 -36.77
C THR D 212 -48.88 18.31 -35.73
N ARG D 213 -48.07 17.38 -36.24
CA ARG D 213 -47.55 16.23 -35.50
C ARG D 213 -46.71 16.62 -34.29
N GLY D 214 -46.79 15.77 -33.26
CA GLY D 214 -46.04 15.87 -32.03
C GLY D 214 -44.54 16.06 -32.16
N LYS D 215 -43.94 16.73 -31.18
CA LYS D 215 -42.59 17.27 -31.36
C LYS D 215 -41.90 17.19 -30.00
N ILE D 216 -41.15 16.11 -29.80
CA ILE D 216 -40.66 15.80 -28.46
C ILE D 216 -39.34 15.02 -28.41
N ALA D 217 -38.35 15.54 -27.69
CA ALA D 217 -37.23 14.73 -27.21
C ALA D 217 -36.86 15.08 -25.78
N LEU D 218 -37.87 15.24 -24.91
CA LEU D 218 -37.81 16.11 -23.73
C LEU D 218 -36.70 15.73 -22.75
N VAL D 219 -36.77 14.54 -22.19
CA VAL D 219 -36.05 14.28 -20.95
C VAL D 219 -34.71 13.65 -21.29
N SER D 220 -33.65 14.19 -20.69
CA SER D 220 -32.31 13.60 -20.78
C SER D 220 -32.06 12.57 -19.70
N GLY D 221 -33.11 12.11 -19.04
CA GLY D 221 -32.91 11.36 -17.83
C GLY D 221 -33.09 12.21 -16.59
N LEU D 222 -34.12 11.89 -15.84
CA LEU D 222 -34.36 12.52 -14.54
C LEU D 222 -33.36 11.90 -13.56
N ASN D 223 -32.18 12.52 -13.51
CA ASN D 223 -31.12 12.06 -12.63
C ASN D 223 -31.51 12.25 -11.16
N LEU D 224 -31.80 11.15 -10.48
CA LEU D 224 -32.45 11.22 -9.17
C LEU D 224 -31.69 10.39 -8.15
N ASN D 225 -30.72 11.00 -7.50
CA ASN D 225 -30.25 10.51 -6.22
C ASN D 225 -31.30 10.78 -5.15
N ASN D 226 -31.36 9.89 -4.17
CA ASN D 226 -32.09 10.20 -2.94
C ASN D 226 -31.40 11.30 -2.13
N THR D 227 -30.10 11.51 -2.35
CA THR D 227 -29.24 12.40 -1.58
C THR D 227 -29.55 13.88 -1.84
N SER D 228 -30.33 14.21 -2.87
CA SER D 228 -30.61 15.61 -3.16
C SER D 228 -32.08 15.84 -3.51
N PRO D 229 -32.71 16.89 -2.94
CA PRO D 229 -34.09 17.21 -3.31
C PRO D 229 -34.18 18.13 -4.52
N ASP D 230 -33.06 18.77 -4.86
CA ASP D 230 -33.05 19.76 -5.93
C ASP D 230 -33.16 19.09 -7.30
N ARG D 231 -32.62 17.88 -7.43
CA ARG D 231 -32.89 17.06 -8.61
C ARG D 231 -34.29 16.48 -8.58
N LEU D 232 -34.83 16.17 -7.39
CA LEU D 232 -36.23 15.81 -7.26
C LEU D 232 -37.13 16.99 -7.63
N LEU D 233 -36.76 18.17 -7.18
CA LEU D 233 -37.33 19.40 -7.70
C LEU D 233 -37.02 19.53 -9.19
N ARG D 234 -37.91 20.22 -9.91
CA ARG D 234 -38.01 20.45 -11.37
C ARG D 234 -38.44 19.17 -12.10
N LEU D 235 -38.73 18.10 -11.38
CA LEU D 235 -39.59 17.02 -11.83
C LEU D 235 -40.75 16.91 -10.89
N GLU D 236 -41.91 16.54 -11.45
CA GLU D 236 -43.22 16.32 -10.84
C GLU D 236 -43.85 17.62 -10.32
N ILE D 237 -43.17 18.76 -10.44
CA ILE D 237 -43.64 20.04 -9.95
C ILE D 237 -43.80 21.06 -11.08
N LEU D 238 -42.84 21.12 -11.99
CA LEU D 238 -42.97 21.82 -13.26
C LEU D 238 -43.26 20.87 -14.41
N ARG D 239 -42.68 19.68 -14.36
CA ARG D 239 -43.00 18.66 -15.34
C ARG D 239 -44.02 17.72 -14.74
N GLU D 240 -44.64 16.94 -15.64
CA GLU D 240 -45.89 16.17 -15.56
C GLU D 240 -47.10 17.11 -15.63
N PHE D 241 -46.88 18.42 -15.62
CA PHE D 241 -47.92 19.40 -15.75
C PHE D 241 -47.71 20.35 -16.92
N LEU D 242 -46.46 20.58 -17.33
CA LEU D 242 -46.22 21.18 -18.65
C LEU D 242 -46.78 20.27 -19.73
N MET D 243 -46.65 18.95 -19.55
CA MET D 243 -47.47 17.99 -20.28
C MET D 243 -48.83 17.84 -19.58
N GLY D 244 -49.63 18.89 -19.69
CA GLY D 244 -51.07 18.79 -19.45
C GLY D 244 -51.76 19.82 -18.58
N ARG D 245 -51.10 20.39 -17.58
CA ARG D 245 -51.79 21.33 -16.69
C ARG D 245 -51.13 22.70 -16.64
N ILE D 246 -49.81 22.78 -16.62
CA ILE D 246 -49.12 24.04 -16.85
C ILE D 246 -49.22 24.36 -18.33
N ASN D 247 -49.75 25.52 -18.66
CA ASN D 247 -50.24 25.78 -20.01
C ASN D 247 -49.61 27.01 -20.65
N ASN D 248 -49.18 26.83 -21.89
CA ASN D 248 -48.85 27.92 -22.78
C ASN D 248 -50.05 28.45 -23.55
N LYS D 249 -51.26 27.99 -23.18
CA LYS D 249 -52.55 28.54 -23.61
C LYS D 249 -52.76 28.53 -25.13
N ILE D 250 -52.84 27.33 -25.76
CA ILE D 250 -52.84 25.99 -25.17
C ILE D 250 -51.83 25.15 -25.97
N ASP D 251 -51.03 25.85 -26.78
CA ASP D 251 -50.30 25.23 -27.89
C ASP D 251 -49.20 24.27 -27.46
N ASP D 252 -48.72 24.35 -26.22
CA ASP D 252 -47.68 23.45 -25.72
C ASP D 252 -48.13 22.00 -25.76
N ILE D 253 -49.40 21.74 -25.43
CA ILE D 253 -49.94 20.39 -25.51
C ILE D 253 -50.05 19.94 -26.98
N SER D 254 -50.34 20.87 -27.90
CA SER D 254 -50.44 20.51 -29.31
C SER D 254 -49.10 20.10 -29.90
N LEU D 255 -48.03 20.77 -29.48
CA LEU D 255 -46.69 20.41 -29.96
C LEU D 255 -46.19 19.12 -29.32
N ILE D 256 -46.54 18.86 -28.06
CA ILE D 256 -45.91 17.77 -27.31
C ILE D 256 -46.44 16.43 -27.81
N GLY D 257 -45.55 15.43 -27.89
CA GLY D 257 -45.96 14.15 -28.44
C GLY D 257 -46.05 12.95 -27.50
N ARG D 258 -45.05 12.06 -27.59
CA ARG D 258 -44.92 10.90 -26.71
C ARG D 258 -43.59 11.00 -25.96
N LEU D 259 -43.62 10.77 -24.65
CA LEU D 259 -42.50 11.11 -23.78
C LEU D 259 -41.25 10.27 -24.07
N LEU D 260 -40.11 10.96 -24.17
CA LEU D 260 -38.85 10.31 -24.49
C LEU D 260 -37.81 10.70 -23.45
N ILE D 261 -37.50 9.78 -22.55
CA ILE D 261 -36.31 9.90 -21.74
C ILE D 261 -35.17 9.28 -22.53
N CYS D 262 -33.94 9.68 -22.20
CA CYS D 262 -32.77 9.05 -22.81
C CYS D 262 -31.69 8.86 -21.75
N GLY D 263 -31.57 7.62 -21.25
CA GLY D 263 -30.66 7.26 -20.18
C GLY D 263 -31.12 7.83 -18.85
N ASN D 264 -30.21 7.69 -17.85
CA ASN D 264 -30.19 8.47 -16.60
C ASN D 264 -31.50 8.46 -15.83
N SER D 265 -32.23 7.34 -15.90
CA SER D 265 -33.56 7.22 -15.29
C SER D 265 -33.52 7.46 -13.79
N VAL D 266 -32.52 6.90 -13.11
CA VAL D 266 -32.22 7.23 -11.72
C VAL D 266 -30.71 7.37 -11.60
N ASP D 267 -30.26 8.54 -11.15
CA ASP D 267 -28.85 8.69 -10.79
C ASP D 267 -28.57 7.97 -9.48
N PHE D 268 -27.48 7.21 -9.46
CA PHE D 268 -26.89 6.62 -8.26
C PHE D 268 -25.47 6.18 -8.61
N ASP D 269 -24.69 5.91 -7.56
CA ASP D 269 -23.35 5.36 -7.71
C ASP D 269 -23.34 3.95 -7.14
N ILE D 270 -22.66 3.04 -7.84
CA ILE D 270 -22.86 1.61 -7.64
C ILE D 270 -22.23 1.13 -6.34
N LYS D 271 -21.13 1.76 -5.90
CA LYS D 271 -20.45 1.27 -4.72
C LYS D 271 -21.11 1.72 -3.41
N SER D 272 -22.09 2.62 -3.47
CA SER D 272 -22.75 3.12 -2.27
C SER D 272 -24.21 2.68 -2.15
N VAL D 273 -24.72 1.86 -3.07
CA VAL D 273 -26.14 1.57 -3.13
C VAL D 273 -26.41 0.14 -2.69
N ASN D 274 -27.63 -0.05 -2.19
CA ASN D 274 -28.15 -1.31 -1.69
C ASN D 274 -29.59 -1.42 -2.22
N LYS D 275 -30.30 -2.42 -1.68
CA LYS D 275 -31.60 -2.85 -2.19
C LYS D 275 -32.66 -1.75 -2.07
N ASP D 276 -32.92 -1.27 -0.86
CA ASP D 276 -34.12 -0.48 -0.61
C ASP D 276 -33.98 0.96 -1.10
N GLU D 277 -32.77 1.53 -1.11
CA GLU D 277 -32.62 2.85 -1.70
C GLU D 277 -32.64 2.80 -3.21
N LEU D 278 -32.41 1.63 -3.81
CA LEU D 278 -32.68 1.50 -5.23
C LEU D 278 -34.18 1.47 -5.47
N MET D 279 -34.94 0.73 -4.65
CA MET D 279 -36.39 0.76 -4.87
C MET D 279 -37.05 2.08 -4.48
N ILE D 280 -36.45 2.89 -3.59
CA ILE D 280 -37.03 4.19 -3.25
C ILE D 280 -37.05 5.09 -4.47
N SER D 281 -35.91 5.22 -5.15
CA SER D 281 -35.84 6.08 -6.32
C SER D 281 -36.55 5.44 -7.51
N LEU D 282 -36.56 4.11 -7.60
CA LEU D 282 -37.29 3.49 -8.70
C LEU D 282 -38.80 3.57 -8.48
N THR D 283 -39.30 3.48 -7.25
CA THR D 283 -40.73 3.67 -7.07
C THR D 283 -41.13 5.14 -7.17
N GLU D 284 -40.21 6.09 -6.94
CA GLU D 284 -40.60 7.47 -7.18
C GLU D 284 -40.56 7.77 -8.67
N PHE D 285 -39.71 7.06 -9.40
CA PHE D 285 -39.76 7.07 -10.86
C PHE D 285 -41.07 6.45 -11.35
N SER D 286 -41.53 5.41 -10.65
CA SER D 286 -42.83 4.82 -10.95
C SER D 286 -43.97 5.79 -10.66
N LYS D 287 -43.86 6.57 -9.58
CA LYS D 287 -44.82 7.62 -9.30
C LYS D 287 -44.87 8.64 -10.44
N PHE D 288 -43.70 9.10 -10.89
CA PHE D 288 -43.63 10.04 -12.00
C PHE D 288 -44.21 9.46 -13.30
N LEU D 289 -43.84 8.21 -13.62
CA LEU D 289 -44.22 7.66 -14.90
C LEU D 289 -45.69 7.24 -14.91
N HIS D 290 -46.22 6.72 -13.79
CA HIS D 290 -47.64 6.44 -13.69
C HIS D 290 -48.45 7.71 -13.49
N ASN D 291 -47.82 8.81 -13.09
CA ASN D 291 -48.50 10.09 -13.08
C ASN D 291 -48.63 10.65 -14.49
N ILE D 292 -47.60 10.51 -15.31
CA ILE D 292 -47.60 11.11 -16.65
C ILE D 292 -48.18 10.17 -17.71
N LEU D 293 -48.21 8.86 -17.46
CA LEU D 293 -48.75 7.89 -18.41
C LEU D 293 -50.20 8.09 -18.82
N PRO D 294 -51.15 8.50 -17.94
CA PRO D 294 -52.45 8.93 -18.49
C PRO D 294 -52.36 10.15 -19.38
N SER D 295 -51.44 11.06 -19.11
CA SER D 295 -51.38 12.27 -19.94
C SER D 295 -50.64 12.00 -21.25
N ILE D 296 -49.38 11.60 -21.15
CA ILE D 296 -48.51 11.37 -22.29
C ILE D 296 -47.91 9.97 -22.20
N SER D 297 -47.98 9.21 -23.30
CA SER D 297 -47.30 7.93 -23.37
C SER D 297 -45.78 8.14 -23.42
N VAL D 298 -45.04 7.11 -23.01
CA VAL D 298 -43.62 7.26 -22.70
C VAL D 298 -42.84 6.15 -23.40
N ASP D 299 -41.59 6.45 -23.75
CA ASP D 299 -40.63 5.44 -24.18
C ASP D 299 -39.37 5.61 -23.33
N ILE D 300 -38.94 4.52 -22.71
CA ILE D 300 -37.94 4.55 -21.64
C ILE D 300 -36.70 3.79 -22.04
N MET D 301 -35.53 4.32 -21.67
CA MET D 301 -34.27 3.63 -21.95
C MET D 301 -33.24 3.84 -20.84
N PRO D 302 -32.70 2.76 -20.29
CA PRO D 302 -31.57 2.87 -19.35
C PRO D 302 -30.22 2.95 -20.06
N GLY D 303 -29.11 2.94 -19.32
CA GLY D 303 -27.82 2.79 -19.96
C GLY D 303 -26.54 3.48 -19.52
N THR D 304 -26.54 4.51 -18.65
CA THR D 304 -25.25 4.96 -18.14
C THR D 304 -25.07 4.77 -16.63
N ASN D 305 -26.00 5.24 -15.79
CA ASN D 305 -25.85 5.17 -14.35
C ASN D 305 -27.07 4.58 -13.67
N ASP D 306 -28.21 4.58 -14.34
CA ASP D 306 -29.32 3.69 -14.03
C ASP D 306 -28.92 2.25 -14.41
N PRO D 307 -29.59 1.22 -13.85
CA PRO D 307 -29.09 -0.16 -14.01
C PRO D 307 -29.10 -0.65 -15.46
N SER D 308 -27.98 -1.26 -15.85
CA SER D 308 -27.66 -1.49 -17.24
C SER D 308 -26.53 -2.51 -17.33
N ASP D 309 -26.22 -2.89 -18.56
CA ASP D 309 -24.98 -3.60 -18.85
C ASP D 309 -23.76 -2.70 -18.87
N LYS D 310 -23.97 -1.37 -18.81
CA LYS D 310 -22.94 -0.33 -19.02
C LYS D 310 -22.25 -0.51 -20.37
N SER D 311 -23.05 -0.83 -21.38
CA SER D 311 -22.62 -0.98 -22.76
C SER D 311 -23.58 -0.21 -23.64
N LEU D 312 -23.22 -0.02 -24.91
CA LEU D 312 -24.18 0.60 -25.81
C LEU D 312 -25.29 -0.37 -26.20
N PRO D 313 -25.01 -1.62 -26.71
CA PRO D 313 -26.13 -2.58 -26.71
C PRO D 313 -26.34 -3.04 -25.28
N GLN D 314 -27.43 -2.60 -24.67
CA GLN D 314 -27.68 -2.84 -23.26
C GLN D 314 -29.12 -3.28 -23.10
N GLN D 315 -29.31 -4.35 -22.35
CA GLN D 315 -30.63 -4.90 -22.14
C GLN D 315 -31.43 -3.96 -21.25
N PRO D 316 -32.57 -3.44 -21.71
CA PRO D 316 -33.35 -2.53 -20.86
C PRO D 316 -34.15 -3.31 -19.83
N PHE D 317 -34.11 -2.83 -18.60
CA PHE D 317 -34.60 -3.61 -17.46
C PHE D 317 -36.07 -3.32 -17.25
N HIS D 318 -36.91 -4.28 -17.65
CA HIS D 318 -38.33 -4.26 -17.34
C HIS D 318 -38.56 -4.70 -15.89
N LYS D 319 -39.76 -4.39 -15.39
CA LYS D 319 -40.40 -4.85 -14.15
C LYS D 319 -39.69 -4.36 -12.89
N SER D 320 -38.62 -3.58 -13.01
CA SER D 320 -37.88 -3.06 -11.87
C SER D 320 -38.08 -1.58 -11.64
N LEU D 321 -38.39 -0.84 -12.70
CA LEU D 321 -38.60 0.60 -12.67
C LEU D 321 -39.97 0.99 -12.13
N PHE D 322 -40.82 0.02 -11.78
CA PHE D 322 -42.23 0.27 -11.60
C PHE D 322 -42.72 -0.39 -10.32
N ASP D 323 -43.69 0.26 -9.68
CA ASP D 323 -44.43 -0.35 -8.60
C ASP D 323 -45.55 -1.23 -9.16
N LYS D 324 -46.19 -1.97 -8.25
CA LYS D 324 -47.26 -2.90 -8.59
C LYS D 324 -48.44 -2.22 -9.27
N SER D 325 -48.72 -0.96 -8.90
CA SER D 325 -49.72 -0.14 -9.59
C SER D 325 -49.38 0.02 -11.08
N LEU D 326 -48.11 0.23 -11.40
CA LEU D 326 -47.67 0.47 -12.77
C LEU D 326 -47.15 -0.79 -13.46
N GLU D 327 -46.79 -1.82 -12.69
CA GLU D 327 -46.22 -3.07 -13.23
C GLU D 327 -47.18 -3.77 -14.19
N SER D 328 -48.47 -3.73 -13.93
CA SER D 328 -49.40 -4.48 -14.75
C SER D 328 -49.74 -3.80 -16.07
N TYR D 329 -49.27 -2.56 -16.29
CA TYR D 329 -49.57 -1.89 -17.54
C TYR D 329 -48.77 -2.45 -18.71
N PHE D 330 -47.48 -2.79 -18.52
CA PHE D 330 -46.73 -3.38 -19.61
C PHE D 330 -47.20 -4.78 -19.93
N ASN D 331 -47.70 -5.50 -18.93
CA ASN D 331 -48.42 -6.75 -19.21
C ASN D 331 -49.70 -6.48 -19.98
N GLY D 332 -50.46 -5.46 -19.57
CA GLY D 332 -51.72 -5.15 -20.24
C GLY D 332 -51.53 -4.59 -21.64
N SER D 333 -50.67 -3.59 -21.77
CA SER D 333 -50.35 -2.98 -23.07
C SER D 333 -48.92 -3.34 -23.44
N ASN D 334 -48.75 -3.99 -24.59
CA ASN D 334 -47.49 -4.65 -24.90
C ASN D 334 -46.35 -3.66 -25.15
N LYS D 335 -46.49 -2.76 -26.11
CA LYS D 335 -45.42 -1.80 -26.37
C LYS D 335 -45.95 -0.40 -26.64
N GLU D 336 -47.27 -0.21 -26.52
CA GLU D 336 -47.89 1.02 -27.00
C GLU D 336 -47.63 2.18 -26.05
N ILE D 337 -48.08 2.06 -24.80
CA ILE D 337 -47.97 3.19 -23.89
C ILE D 337 -46.58 3.28 -23.28
N LEU D 338 -45.88 2.15 -23.14
CA LEU D 338 -44.49 2.14 -22.70
C LEU D 338 -43.87 0.82 -23.14
N ASN D 339 -42.63 0.90 -23.61
CA ASN D 339 -41.85 -0.30 -23.81
C ASN D 339 -40.40 -0.02 -23.44
N LEU D 340 -39.70 -1.08 -23.08
CA LEU D 340 -38.29 -0.99 -22.71
C LEU D 340 -37.45 -1.02 -23.97
N VAL D 341 -36.70 0.05 -24.22
CA VAL D 341 -35.84 0.14 -25.40
C VAL D 341 -34.42 0.41 -24.94
N THR D 342 -33.48 0.18 -25.85
CA THR D 342 -32.06 0.17 -25.53
C THR D 342 -31.48 1.57 -25.65
N ASN D 343 -30.16 1.68 -25.41
CA ASN D 343 -29.49 2.97 -25.49
C ASN D 343 -29.50 3.53 -26.92
N PRO D 344 -29.17 2.77 -27.96
CA PRO D 344 -29.64 3.20 -29.28
C PRO D 344 -30.99 2.59 -29.64
N TYR D 345 -31.85 3.42 -30.23
CA TYR D 345 -33.07 2.90 -30.80
C TYR D 345 -33.42 3.72 -32.04
N GLU D 346 -33.95 3.04 -33.06
CA GLU D 346 -34.38 3.70 -34.28
C GLU D 346 -35.87 3.98 -34.20
N PHE D 347 -36.23 5.10 -33.57
CA PHE D 347 -37.61 5.57 -33.58
C PHE D 347 -37.98 6.08 -34.97
N SER D 348 -38.90 5.39 -35.65
CA SER D 348 -39.26 5.71 -37.03
C SER D 348 -40.71 6.14 -37.12
N TYR D 349 -40.94 7.38 -37.54
CA TYR D 349 -42.30 7.92 -37.75
C TYR D 349 -42.65 7.83 -39.24
N ASN D 350 -42.98 6.60 -39.67
CA ASN D 350 -43.13 6.22 -41.10
C ASN D 350 -41.97 6.71 -41.95
N GLY D 351 -40.75 6.49 -41.47
CA GLY D 351 -39.57 6.91 -42.17
C GLY D 351 -38.89 8.15 -41.65
N VAL D 352 -39.38 8.75 -40.57
CA VAL D 352 -38.58 9.72 -39.82
C VAL D 352 -37.83 8.89 -38.79
N ASP D 353 -36.70 8.33 -39.20
CA ASP D 353 -35.89 7.54 -38.28
C ASP D 353 -34.99 8.45 -37.46
N VAL D 354 -35.03 8.28 -36.14
CA VAL D 354 -34.20 9.06 -35.24
C VAL D 354 -33.49 8.11 -34.27
N LEU D 355 -32.24 8.45 -33.94
CA LEU D 355 -31.38 7.63 -33.10
C LEU D 355 -31.22 8.28 -31.74
N ALA D 356 -31.18 7.45 -30.69
CA ALA D 356 -30.91 7.92 -29.34
C ALA D 356 -29.55 7.45 -28.87
N VAL D 357 -28.91 8.25 -28.02
CA VAL D 357 -27.72 7.86 -27.24
C VAL D 357 -27.90 8.48 -25.87
N SER D 358 -27.65 7.71 -24.81
CA SER D 358 -27.78 8.23 -23.45
C SER D 358 -26.72 9.27 -23.09
N GLY D 359 -25.63 9.36 -23.84
CA GLY D 359 -24.67 10.42 -23.60
C GLY D 359 -23.28 9.97 -23.17
N LYS D 360 -23.23 8.90 -22.37
CA LYS D 360 -21.97 8.33 -21.87
C LYS D 360 -21.01 7.99 -23.01
N ASN D 361 -21.57 7.47 -24.11
CA ASN D 361 -20.83 7.14 -25.32
C ASN D 361 -20.03 8.32 -25.89
N ILE D 362 -20.54 9.54 -25.73
CA ILE D 362 -19.77 10.70 -26.16
C ILE D 362 -19.20 11.48 -24.96
N ASN D 363 -19.79 11.34 -23.75
CA ASN D 363 -19.29 12.11 -22.62
C ASN D 363 -17.97 11.57 -22.10
N ASP D 364 -17.74 10.26 -22.25
CA ASP D 364 -16.43 9.72 -21.91
C ASP D 364 -15.35 10.23 -22.87
N ILE D 365 -15.71 10.39 -24.15
CA ILE D 365 -14.79 10.99 -25.12
C ILE D 365 -14.60 12.49 -24.84
N CYS D 366 -15.67 13.16 -24.44
CA CYS D 366 -15.62 14.61 -24.30
C CYS D 366 -14.90 15.06 -23.04
N LYS D 367 -14.98 14.29 -21.95
CA LYS D 367 -14.27 14.74 -20.76
C LYS D 367 -13.31 13.72 -20.19
N TYR D 368 -13.64 12.42 -20.26
CA TYR D 368 -12.98 11.44 -19.41
C TYR D 368 -11.67 10.93 -20.01
N VAL D 369 -11.59 10.79 -21.34
CA VAL D 369 -10.47 10.09 -21.96
C VAL D 369 -9.78 10.96 -23.02
N ILE D 370 -9.82 12.27 -22.85
CA ILE D 370 -9.33 13.18 -23.88
C ILE D 370 -8.08 13.96 -23.45
N PRO D 371 -6.87 13.54 -23.83
CA PRO D 371 -5.71 14.43 -23.72
C PRO D 371 -5.39 15.26 -24.95
N SER D 372 -6.01 15.00 -26.10
CA SER D 372 -5.55 15.58 -27.37
C SER D 372 -6.76 16.03 -28.17
N ASN D 373 -6.51 16.39 -29.44
CA ASN D 373 -7.52 16.81 -30.42
C ASN D 373 -8.33 18.00 -29.93
N ASP D 374 -7.65 18.98 -29.34
CA ASP D 374 -8.29 20.14 -28.74
C ASP D 374 -7.60 21.40 -29.25
N ASN D 375 -8.33 22.22 -29.99
CA ASN D 375 -7.80 23.49 -30.46
C ASN D 375 -7.88 24.55 -29.37
N ASP D 393 -17.51 24.98 -23.04
CA ASP D 393 -16.95 24.21 -24.14
C ASP D 393 -18.04 23.41 -24.84
N ILE D 394 -19.18 24.07 -25.10
CA ILE D 394 -20.28 23.38 -25.76
C ILE D 394 -20.06 23.25 -27.26
N GLU D 395 -19.51 24.27 -27.91
CA GLU D 395 -19.35 24.24 -29.36
C GLU D 395 -18.22 23.31 -29.81
N HIS D 396 -17.32 22.93 -28.91
CA HIS D 396 -16.38 21.86 -29.20
C HIS D 396 -17.05 20.51 -29.10
N ARG D 397 -17.69 20.25 -27.94
CA ARG D 397 -18.27 18.94 -27.65
C ARG D 397 -19.52 18.63 -28.47
N LEU D 398 -20.11 19.64 -29.10
CA LEU D 398 -21.25 19.42 -29.97
C LEU D 398 -20.84 18.61 -31.20
N ASP D 399 -19.62 18.86 -31.70
CA ASP D 399 -19.14 18.27 -32.94
C ASP D 399 -18.46 16.92 -32.74
N LEU D 400 -18.23 16.51 -31.49
CA LEU D 400 -17.72 15.16 -31.23
C LEU D 400 -18.76 14.10 -31.62
N MET D 401 -20.03 14.36 -31.33
CA MET D 401 -21.04 13.40 -31.72
C MET D 401 -21.48 13.61 -33.16
N GLU D 402 -21.17 14.77 -33.75
CA GLU D 402 -21.21 14.91 -35.21
C GLU D 402 -20.23 13.96 -35.88
N CYS D 403 -18.98 13.94 -35.37
CA CYS D 403 -17.97 12.99 -35.83
C CYS D 403 -18.40 11.55 -35.61
N THR D 404 -18.93 11.24 -34.42
CA THR D 404 -19.36 9.88 -34.11
C THR D 404 -20.57 9.46 -34.95
N MET D 405 -21.38 10.43 -35.38
CA MET D 405 -22.41 10.16 -36.38
C MET D 405 -21.81 9.85 -37.73
N LYS D 406 -20.82 10.65 -38.14
CA LYS D 406 -20.28 10.59 -39.51
C LYS D 406 -19.55 9.27 -39.78
N TRP D 407 -18.75 8.80 -38.83
CA TRP D 407 -17.98 7.58 -39.06
C TRP D 407 -18.64 6.32 -38.56
N GLN D 408 -19.68 6.43 -37.72
CA GLN D 408 -20.49 5.30 -37.22
C GLN D 408 -19.64 4.28 -36.47
N ASN D 409 -18.78 4.79 -35.59
CA ASN D 409 -17.54 4.13 -35.22
C ASN D 409 -17.52 3.78 -33.74
N ILE D 410 -16.37 3.27 -33.30
CA ILE D 410 -16.16 2.92 -31.90
C ILE D 410 -15.82 4.21 -31.15
N ALA D 411 -16.83 4.83 -30.54
CA ALA D 411 -16.52 5.86 -29.54
C ALA D 411 -15.92 5.30 -28.25
N PRO D 412 -16.61 4.45 -27.45
CA PRO D 412 -16.25 4.35 -26.04
C PRO D 412 -15.07 3.41 -25.80
N THR D 413 -14.76 3.22 -24.52
CA THR D 413 -13.59 2.45 -24.11
C THR D 413 -13.90 0.99 -23.76
N ALA D 414 -15.16 0.67 -23.44
CA ALA D 414 -15.57 -0.71 -23.16
C ALA D 414 -16.82 -1.07 -23.95
N PRO D 415 -16.70 -1.25 -25.27
CA PRO D 415 -17.90 -1.49 -26.08
C PRO D 415 -18.30 -2.96 -26.22
N ASP D 416 -19.60 -3.18 -26.07
CA ASP D 416 -20.39 -4.34 -26.51
C ASP D 416 -20.18 -5.61 -25.71
N THR D 417 -19.23 -5.64 -24.77
CA THR D 417 -19.41 -5.93 -23.34
C THR D 417 -20.49 -7.01 -23.08
N LEU D 418 -20.42 -8.12 -23.82
CA LEU D 418 -21.38 -9.20 -23.65
C LEU D 418 -20.68 -10.54 -23.60
N TRP D 419 -21.16 -11.42 -22.72
CA TRP D 419 -20.58 -12.76 -22.63
C TRP D 419 -21.03 -13.66 -23.78
N CYS D 420 -22.26 -13.48 -24.25
CA CYS D 420 -22.79 -14.25 -25.36
C CYS D 420 -23.42 -13.32 -26.39
N TYR D 421 -23.11 -13.59 -27.67
CA TYR D 421 -23.63 -12.86 -28.82
C TYR D 421 -23.46 -11.33 -28.78
N PRO D 422 -22.21 -10.81 -28.68
CA PRO D 422 -22.04 -9.34 -28.68
C PRO D 422 -22.42 -8.66 -29.98
N TYR D 423 -21.90 -9.18 -31.09
CA TYR D 423 -22.15 -8.59 -32.41
C TYR D 423 -22.01 -9.72 -33.44
N THR D 424 -23.11 -10.05 -34.11
CA THR D 424 -23.17 -11.21 -35.00
C THR D 424 -23.13 -10.82 -36.46
N ASP D 425 -22.36 -9.76 -36.78
CA ASP D 425 -22.27 -9.14 -38.11
C ASP D 425 -23.62 -8.66 -38.64
N LYS D 426 -24.50 -8.22 -37.74
CA LYS D 426 -25.70 -7.47 -38.13
C LYS D 426 -25.90 -6.16 -37.36
N ASP D 427 -25.37 -6.03 -36.14
CA ASP D 427 -25.80 -4.98 -35.21
C ASP D 427 -24.64 -4.21 -34.59
N PRO D 428 -24.07 -3.25 -35.33
CA PRO D 428 -23.09 -2.34 -34.71
C PRO D 428 -23.75 -1.47 -33.67
N PHE D 429 -23.01 -1.20 -32.58
CA PHE D 429 -23.56 -0.42 -31.48
C PHE D 429 -23.85 1.02 -31.90
N VAL D 430 -22.97 1.62 -32.68
CA VAL D 430 -23.28 2.83 -33.44
C VAL D 430 -23.51 2.35 -34.86
N LEU D 431 -24.77 2.26 -35.29
CA LEU D 431 -25.19 1.44 -36.41
C LEU D 431 -24.79 2.05 -37.75
N ASP D 432 -25.12 1.34 -38.82
CA ASP D 432 -24.81 1.72 -40.19
C ASP D 432 -25.97 2.37 -40.94
N LYS D 433 -27.21 2.19 -40.48
CA LYS D 433 -28.37 2.83 -41.10
C LYS D 433 -28.56 4.21 -40.50
N TRP D 434 -28.63 5.25 -41.38
CA TRP D 434 -28.47 6.54 -40.74
C TRP D 434 -29.83 7.15 -40.37
N PRO D 435 -29.90 7.88 -39.26
CA PRO D 435 -31.16 8.52 -38.87
C PRO D 435 -31.33 9.91 -39.45
N HIS D 436 -32.47 10.54 -39.19
CA HIS D 436 -32.65 11.95 -39.49
C HIS D 436 -32.26 12.86 -38.34
N VAL D 437 -32.28 12.37 -37.11
CA VAL D 437 -31.85 13.11 -35.91
C VAL D 437 -31.16 12.12 -35.00
N TYR D 438 -29.97 12.44 -34.51
CA TYR D 438 -29.44 11.65 -33.41
C TYR D 438 -29.68 12.39 -32.10
N ILE D 439 -30.12 11.64 -31.09
CA ILE D 439 -30.26 12.16 -29.74
C ILE D 439 -29.01 11.74 -28.96
N VAL D 440 -28.29 12.70 -28.40
CA VAL D 440 -27.30 12.38 -27.38
C VAL D 440 -27.62 13.31 -26.20
N ALA D 441 -27.17 12.92 -25.01
CA ALA D 441 -27.66 13.51 -23.78
C ALA D 441 -26.53 13.89 -22.84
N ASN D 442 -26.91 14.63 -21.79
CA ASN D 442 -26.09 14.89 -20.60
C ASN D 442 -24.84 15.71 -20.93
N GLN D 443 -25.03 16.83 -21.61
CA GLN D 443 -23.98 17.79 -21.85
C GLN D 443 -24.07 18.93 -20.85
N PRO D 444 -23.01 19.75 -20.69
CA PRO D 444 -23.15 20.97 -19.85
C PRO D 444 -24.18 21.97 -20.35
N TYR D 445 -24.08 22.41 -21.60
CA TYR D 445 -25.01 23.39 -22.15
C TYR D 445 -25.90 22.74 -23.19
N PHE D 446 -26.90 23.50 -23.65
CA PHE D 446 -27.72 23.07 -24.77
C PHE D 446 -26.99 23.30 -26.08
N GLY D 447 -27.18 22.39 -27.02
CA GLY D 447 -26.70 22.59 -28.37
C GLY D 447 -27.65 21.97 -29.37
N THR D 448 -28.10 22.76 -30.35
CA THR D 448 -29.02 22.25 -31.36
C THR D 448 -28.73 22.98 -32.67
N ARG D 449 -27.95 22.34 -33.53
CA ARG D 449 -27.80 22.77 -34.91
C ARG D 449 -28.36 21.70 -35.84
N VAL D 450 -28.42 22.03 -37.12
CA VAL D 450 -28.75 21.07 -38.17
C VAL D 450 -27.68 21.16 -39.25
N VAL D 451 -27.21 19.99 -39.72
CA VAL D 451 -26.25 19.93 -40.81
C VAL D 451 -26.80 19.00 -41.89
N GLU D 452 -26.57 19.37 -43.15
CA GLU D 452 -26.99 18.55 -44.27
C GLU D 452 -25.78 17.82 -44.82
N ILE D 453 -25.95 16.53 -45.08
CA ILE D 453 -24.89 15.74 -45.71
C ILE D 453 -25.40 15.27 -47.06
N GLY D 454 -24.54 14.61 -47.83
CA GLY D 454 -24.94 14.13 -49.14
C GLY D 454 -25.98 13.03 -49.10
N GLY D 455 -26.00 12.25 -48.01
CA GLY D 455 -27.03 11.25 -47.84
C GLY D 455 -28.38 11.84 -47.48
N LYS D 456 -28.44 12.53 -46.35
CA LYS D 456 -29.68 13.01 -45.76
C LYS D 456 -29.42 14.36 -45.10
N ASN D 457 -30.39 14.82 -44.31
CA ASN D 457 -30.17 15.90 -43.37
C ASN D 457 -30.23 15.38 -41.95
N ILE D 458 -29.31 15.86 -41.11
CA ILE D 458 -29.22 15.41 -39.72
C ILE D 458 -29.19 16.63 -38.79
N LYS D 459 -30.11 16.65 -37.84
CA LYS D 459 -30.12 17.68 -36.83
C LYS D 459 -29.35 17.20 -35.61
N ILE D 460 -28.55 18.10 -35.03
CA ILE D 460 -27.72 17.77 -33.89
C ILE D 460 -28.52 18.06 -32.63
N ILE D 461 -28.65 17.05 -31.77
CA ILE D 461 -29.38 17.19 -30.51
C ILE D 461 -28.43 16.87 -29.37
N SER D 462 -28.11 17.85 -28.54
CA SER D 462 -27.39 17.63 -27.29
C SER D 462 -28.27 18.14 -26.16
N VAL D 463 -29.05 17.25 -25.56
CA VAL D 463 -29.90 17.64 -24.43
C VAL D 463 -29.09 17.57 -23.13
N PRO D 464 -29.07 18.65 -22.34
CA PRO D 464 -28.19 18.67 -21.16
C PRO D 464 -28.71 17.82 -20.02
N GLU D 465 -27.77 17.44 -19.15
CA GLU D 465 -28.08 16.77 -17.90
C GLU D 465 -28.94 17.67 -17.03
N PHE D 466 -29.85 17.06 -16.26
CA PHE D 466 -30.96 17.83 -15.71
C PHE D 466 -30.52 18.72 -14.55
N SER D 467 -29.47 18.35 -13.84
CA SER D 467 -28.94 19.23 -12.81
C SER D 467 -28.18 20.40 -13.41
N SER D 468 -27.67 20.27 -14.63
CA SER D 468 -27.16 21.42 -15.39
C SER D 468 -28.30 22.05 -16.19
N THR D 469 -29.22 22.66 -15.44
CA THR D 469 -30.30 23.60 -15.79
C THR D 469 -31.31 23.06 -16.80
N GLY D 470 -31.25 21.78 -17.15
CA GLY D 470 -32.30 21.08 -17.87
C GLY D 470 -32.29 21.29 -19.36
N MET D 471 -32.73 22.48 -19.80
CA MET D 471 -32.79 22.93 -21.20
C MET D 471 -33.55 21.93 -22.09
N ILE D 472 -34.81 21.75 -21.75
CA ILE D 472 -35.58 20.59 -22.16
C ILE D 472 -36.31 20.90 -23.47
N ILE D 473 -36.33 19.93 -24.38
CA ILE D 473 -36.36 20.18 -25.82
C ILE D 473 -37.56 19.52 -26.48
N LEU D 474 -38.18 20.25 -27.41
CA LEU D 474 -39.02 19.67 -28.45
C LEU D 474 -38.13 19.30 -29.65
N LEU D 475 -38.59 18.38 -30.50
CA LEU D 475 -37.65 17.73 -31.42
C LEU D 475 -37.84 18.00 -32.91
N ASP D 476 -39.01 17.75 -33.51
CA ASP D 476 -38.97 17.32 -34.91
C ASP D 476 -40.37 17.42 -35.51
N LEU D 477 -40.51 16.91 -36.74
CA LEU D 477 -41.64 16.22 -37.35
C LEU D 477 -42.75 17.17 -37.83
N GLU D 478 -42.59 18.49 -37.73
CA GLU D 478 -43.49 19.37 -38.46
C GLU D 478 -42.78 20.09 -39.60
N THR D 479 -41.67 20.78 -39.32
CA THR D 479 -40.81 21.28 -40.38
C THR D 479 -39.37 20.93 -39.98
N LEU D 480 -39.22 19.82 -39.24
CA LEU D 480 -37.97 19.28 -38.69
C LEU D 480 -37.21 20.33 -37.86
N GLU D 481 -37.88 20.78 -36.80
CA GLU D 481 -37.45 21.92 -36.03
C GLU D 481 -37.49 21.59 -34.55
N ALA D 482 -36.49 22.05 -33.80
CA ALA D 482 -36.37 21.75 -32.39
C ALA D 482 -36.56 23.01 -31.55
N GLU D 483 -37.14 22.84 -30.36
CA GLU D 483 -37.46 23.95 -29.47
C GLU D 483 -37.11 23.56 -28.04
N THR D 484 -36.09 24.18 -27.47
CA THR D 484 -35.78 24.00 -26.05
C THR D 484 -36.59 24.97 -25.20
N VAL D 485 -36.75 24.60 -23.94
CA VAL D 485 -37.31 25.50 -22.92
C VAL D 485 -36.49 25.34 -21.64
N LYS D 486 -36.15 26.47 -21.02
CA LYS D 486 -35.41 26.47 -19.75
C LYS D 486 -36.32 26.01 -18.62
N ILE D 487 -36.05 24.83 -18.07
CA ILE D 487 -36.84 24.33 -16.95
C ILE D 487 -36.38 24.97 -15.64
N ASP D 488 -35.17 25.53 -15.60
CA ASP D 488 -34.80 26.45 -14.52
C ASP D 488 -34.95 27.87 -15.00
N MET E 1 -68.28 31.90 -6.25
CA MET E 1 -68.69 31.63 -4.88
C MET E 1 -68.27 30.24 -4.45
N ASP E 2 -67.23 29.71 -5.10
CA ASP E 2 -66.84 28.31 -4.90
C ASP E 2 -65.96 28.20 -3.65
N GLN E 3 -66.63 28.26 -2.49
CA GLN E 3 -65.99 27.97 -1.22
C GLN E 3 -66.02 26.48 -0.89
N LYS E 4 -66.67 25.67 -1.73
CA LYS E 4 -66.65 24.22 -1.56
C LYS E 4 -65.23 23.66 -1.68
N ALA E 5 -64.42 24.27 -2.56
CA ALA E 5 -63.00 23.93 -2.62
C ALA E 5 -62.26 24.38 -1.37
N SER E 6 -62.54 25.62 -0.91
CA SER E 6 -61.67 26.34 0.01
C SER E 6 -61.54 25.67 1.37
N TYR E 7 -62.63 25.09 1.90
CA TYR E 7 -62.51 24.41 3.19
C TYR E 7 -61.72 23.13 3.05
N PHE E 8 -61.80 22.45 1.89
CA PHE E 8 -61.03 21.24 1.66
C PHE E 8 -59.54 21.54 1.63
N ILE E 9 -59.16 22.66 1.01
CA ILE E 9 -57.81 23.18 1.11
C ILE E 9 -57.48 23.52 2.56
N ASN E 10 -58.47 24.02 3.32
CA ASN E 10 -58.24 24.41 4.70
C ASN E 10 -57.88 23.24 5.62
N GLU E 11 -58.52 22.04 5.46
CA GLU E 11 -58.05 20.91 6.30
C GLU E 11 -56.62 20.51 5.95
N LYS E 12 -56.34 20.37 4.65
CA LYS E 12 -55.03 19.89 4.21
C LYS E 12 -53.92 20.90 4.53
N LEU E 13 -54.25 22.19 4.52
CA LEU E 13 -53.33 23.19 5.05
C LEU E 13 -53.21 23.11 6.57
N PHE E 14 -54.32 22.92 7.30
CA PHE E 14 -54.33 23.22 8.72
C PHE E 14 -54.48 22.00 9.63
N THR E 15 -55.51 21.17 9.44
CA THR E 15 -55.79 20.08 10.39
C THR E 15 -54.74 18.99 10.31
N GLU E 16 -54.18 18.79 9.12
CA GLU E 16 -52.86 18.25 8.90
C GLU E 16 -52.23 19.24 7.94
N VAL E 17 -50.91 19.18 7.75
CA VAL E 17 -50.20 20.29 7.14
C VAL E 17 -49.44 19.90 5.87
N LYS E 18 -49.75 18.75 5.27
CA LYS E 18 -49.18 18.41 3.97
C LYS E 18 -49.59 19.42 2.91
N PRO E 19 -48.66 19.95 2.13
CA PRO E 19 -49.00 20.99 1.16
C PRO E 19 -49.76 20.41 -0.03
N VAL E 20 -50.60 21.25 -0.62
CA VAL E 20 -51.15 20.92 -1.93
C VAL E 20 -50.16 21.40 -2.98
N LEU E 21 -49.81 20.54 -3.95
CA LEU E 21 -48.98 21.14 -5.00
C LEU E 21 -49.75 21.59 -6.23
N PHE E 22 -50.36 20.66 -6.96
CA PHE E 22 -51.53 20.88 -7.79
C PHE E 22 -52.66 19.93 -7.43
N THR E 23 -52.29 18.64 -7.32
CA THR E 23 -53.13 17.51 -7.70
C THR E 23 -54.34 17.31 -6.80
N ASP E 24 -54.29 17.80 -5.57
CA ASP E 24 -55.45 17.74 -4.68
C ASP E 24 -56.63 18.55 -5.24
N LEU E 25 -56.33 19.70 -5.83
CA LEU E 25 -57.37 20.53 -6.45
C LEU E 25 -58.04 19.82 -7.63
N ILE E 26 -57.24 19.21 -8.52
CA ILE E 26 -57.81 18.53 -9.68
C ILE E 26 -58.54 17.26 -9.24
N HIS E 27 -58.05 16.58 -8.20
CA HIS E 27 -58.75 15.45 -7.62
C HIS E 27 -60.10 15.86 -7.02
N HIS E 28 -60.13 16.98 -6.30
CA HIS E 28 -61.36 17.40 -5.62
C HIS E 28 -62.40 17.93 -6.60
N LEU E 29 -62.00 18.78 -7.54
CA LEU E 29 -62.97 19.56 -8.30
C LEU E 29 -63.05 19.20 -9.78
N LYS E 30 -61.95 18.71 -10.37
CA LYS E 30 -61.76 18.51 -11.81
C LYS E 30 -62.06 19.78 -12.61
N ILE E 31 -61.68 20.93 -12.02
CA ILE E 31 -61.80 22.23 -12.67
C ILE E 31 -60.61 22.43 -13.61
N GLY E 32 -60.70 23.43 -14.48
CA GLY E 32 -59.64 23.70 -15.43
C GLY E 32 -58.42 24.28 -14.75
N PRO E 33 -57.25 24.10 -15.38
CA PRO E 33 -56.02 24.72 -14.86
C PRO E 33 -56.07 26.24 -14.81
N SER E 34 -56.71 26.87 -15.79
CA SER E 34 -57.03 28.29 -15.67
C SER E 34 -57.97 28.55 -14.50
N MET E 35 -58.99 27.70 -14.35
CA MET E 35 -59.89 27.81 -13.21
C MET E 35 -59.21 27.46 -11.90
N ALA E 36 -58.24 26.53 -11.93
CA ALA E 36 -57.44 26.25 -10.75
C ALA E 36 -56.55 27.44 -10.38
N LYS E 37 -56.01 28.14 -11.40
CA LYS E 37 -55.28 29.38 -11.17
C LYS E 37 -56.17 30.44 -10.54
N LYS E 38 -57.42 30.53 -11.02
CA LYS E 38 -58.41 31.45 -10.43
C LYS E 38 -58.72 31.06 -8.99
N LEU E 39 -58.88 29.77 -8.72
CA LEU E 39 -59.16 29.28 -7.37
C LEU E 39 -58.01 29.56 -6.41
N MET E 40 -56.77 29.31 -6.84
CA MET E 40 -55.62 29.58 -5.98
C MET E 40 -55.40 31.07 -5.79
N PHE E 41 -55.70 31.88 -6.81
CA PHE E 41 -55.73 33.33 -6.64
C PHE E 41 -56.79 33.76 -5.63
N ASP E 42 -57.97 33.13 -5.68
CA ASP E 42 -59.05 33.41 -4.73
C ASP E 42 -58.65 33.07 -3.30
N TYR E 43 -57.95 31.94 -3.14
CA TYR E 43 -57.42 31.56 -1.84
C TYR E 43 -56.37 32.56 -1.38
N TYR E 44 -55.50 33.00 -2.30
CA TYR E 44 -54.56 34.06 -2.00
C TYR E 44 -55.27 35.38 -1.73
N LYS E 45 -56.32 35.70 -2.51
CA LYS E 45 -57.09 36.93 -2.29
C LYS E 45 -57.82 36.90 -0.96
N GLN E 46 -58.36 35.75 -0.58
CA GLN E 46 -59.08 35.61 0.68
C GLN E 46 -58.23 34.97 1.76
N THR E 47 -56.90 35.11 1.64
CA THR E 47 -55.99 34.74 2.71
C THR E 47 -56.26 35.52 3.99
N THR E 48 -56.32 34.79 5.11
CA THR E 48 -56.36 35.39 6.43
C THR E 48 -55.31 34.68 7.28
N ASN E 49 -54.21 35.39 7.57
CA ASN E 49 -53.06 34.93 8.35
C ASN E 49 -52.49 33.60 7.82
N ALA E 50 -52.07 33.63 6.56
CA ALA E 50 -51.20 32.59 6.03
C ALA E 50 -49.91 32.52 6.85
N LYS E 51 -49.55 31.30 7.25
CA LYS E 51 -48.29 31.10 7.97
C LYS E 51 -47.07 31.46 7.11
N TYR E 52 -47.12 31.15 5.82
CA TYR E 52 -46.12 31.60 4.86
C TYR E 52 -46.77 31.61 3.47
N ASN E 53 -46.25 32.46 2.61
CA ASN E 53 -46.82 32.61 1.28
C ASN E 53 -46.35 31.48 0.35
N CYS E 54 -47.11 31.28 -0.72
CA CYS E 54 -46.69 30.48 -1.84
C CYS E 54 -45.79 31.28 -2.77
N VAL E 55 -45.10 30.57 -3.65
CA VAL E 55 -44.43 31.16 -4.80
C VAL E 55 -45.05 30.57 -6.06
N VAL E 56 -45.11 31.36 -7.11
CA VAL E 56 -45.83 31.00 -8.31
C VAL E 56 -44.86 30.48 -9.37
N ILE E 57 -45.41 29.73 -10.33
CA ILE E 57 -44.80 29.66 -11.64
C ILE E 57 -45.31 30.83 -12.48
N CYS E 58 -44.58 31.16 -13.54
CA CYS E 58 -44.93 32.29 -14.38
C CYS E 58 -45.40 31.82 -15.74
N CYS E 59 -46.56 32.34 -16.17
CA CYS E 59 -47.11 31.96 -17.48
C CYS E 59 -46.31 32.57 -18.62
N TYR E 60 -45.81 33.80 -18.44
CA TYR E 60 -44.89 34.41 -19.40
C TYR E 60 -43.59 33.61 -19.45
N LYS E 61 -43.19 33.20 -20.65
CA LYS E 61 -42.24 32.12 -20.74
C LYS E 61 -40.91 32.60 -21.30
N ASP E 62 -40.87 33.21 -22.49
CA ASP E 62 -39.63 33.63 -23.19
C ASP E 62 -38.55 32.54 -23.22
N GLN E 63 -38.97 31.31 -23.55
CA GLN E 63 -38.13 30.10 -23.57
C GLN E 63 -37.49 29.86 -22.19
N THR E 64 -38.25 30.18 -21.12
CA THR E 64 -37.87 29.97 -19.72
C THR E 64 -39.10 29.59 -18.91
N ILE E 65 -38.99 28.58 -18.04
CA ILE E 65 -40.05 28.32 -17.06
C ILE E 65 -39.36 28.15 -15.71
N LYS E 66 -39.50 29.15 -14.84
CA LYS E 66 -38.76 29.21 -13.59
C LYS E 66 -39.69 29.45 -12.41
N ILE E 67 -39.61 28.58 -11.39
CA ILE E 67 -40.22 28.87 -10.10
C ILE E 67 -39.55 30.09 -9.50
N ILE E 68 -40.34 31.07 -9.08
CA ILE E 68 -39.81 32.33 -8.61
C ILE E 68 -39.29 32.17 -7.20
N HIS E 69 -38.00 32.44 -7.00
CA HIS E 69 -37.42 32.56 -5.68
C HIS E 69 -36.85 33.94 -5.41
N ASP E 70 -36.53 34.70 -6.46
CA ASP E 70 -36.31 36.14 -6.34
C ASP E 70 -37.67 36.80 -6.51
N LEU E 71 -38.43 36.80 -5.40
CA LEU E 71 -39.84 37.19 -5.45
C LEU E 71 -40.01 38.66 -5.80
N SER E 72 -39.18 39.54 -5.24
CA SER E 72 -39.22 40.94 -5.62
C SER E 72 -38.73 41.16 -7.04
N ASN E 73 -37.68 40.43 -7.44
CA ASN E 73 -37.12 40.60 -8.76
C ASN E 73 -38.02 39.96 -9.82
N ILE E 74 -37.69 40.23 -11.07
CA ILE E 74 -38.46 39.77 -12.23
C ILE E 74 -37.49 38.98 -13.11
N PRO E 75 -37.26 37.70 -12.80
CA PRO E 75 -36.10 36.97 -13.34
C PRO E 75 -36.23 36.58 -14.80
N GLN E 76 -35.92 37.53 -15.69
CA GLN E 76 -35.86 37.44 -17.16
C GLN E 76 -37.23 37.35 -17.79
N GLN E 77 -38.26 37.83 -17.09
CA GLN E 77 -39.66 37.71 -17.47
C GLN E 77 -40.34 39.06 -17.35
N ASP E 78 -39.66 40.11 -17.85
CA ASP E 78 -39.98 41.49 -17.54
C ASP E 78 -41.35 41.92 -18.08
N SER E 79 -41.65 41.58 -19.33
CA SER E 79 -42.92 42.00 -19.93
C SER E 79 -43.95 40.89 -19.71
N ILE E 80 -44.35 40.77 -18.44
CA ILE E 80 -44.98 39.55 -17.95
C ILE E 80 -46.45 39.51 -18.35
N ILE E 81 -46.87 38.36 -18.90
CA ILE E 81 -48.27 38.15 -19.24
C ILE E 81 -49.09 37.80 -18.01
N ASP E 82 -48.63 36.79 -17.24
CA ASP E 82 -49.42 36.18 -16.18
C ASP E 82 -48.57 35.25 -15.34
N CYS E 83 -49.17 34.69 -14.28
CA CYS E 83 -48.57 33.70 -13.41
C CYS E 83 -49.63 32.67 -13.06
N PHE E 84 -49.21 31.41 -12.91
CA PHE E 84 -50.08 30.37 -12.39
C PHE E 84 -49.65 30.09 -10.96
N ILE E 85 -50.58 30.31 -10.03
CA ILE E 85 -50.29 30.20 -8.61
C ILE E 85 -50.55 28.76 -8.17
N TYR E 86 -49.58 28.17 -7.50
CA TYR E 86 -49.65 26.82 -6.95
C TYR E 86 -48.54 26.69 -5.92
N ALA E 87 -48.41 25.50 -5.33
CA ALA E 87 -47.40 25.13 -4.34
C ALA E 87 -47.44 26.04 -3.11
N PHE E 88 -48.60 26.03 -2.43
CA PHE E 88 -48.71 26.75 -1.17
C PHE E 88 -48.07 25.89 -0.09
N ASN E 89 -47.10 26.44 0.62
CA ASN E 89 -46.22 25.64 1.47
C ASN E 89 -46.19 26.15 2.91
N PRO E 90 -46.48 25.29 3.89
CA PRO E 90 -46.15 25.64 5.28
C PRO E 90 -44.66 25.70 5.53
N MET E 91 -43.88 24.83 4.90
CA MET E 91 -42.52 24.52 5.35
C MET E 91 -41.54 25.59 4.91
N ASP E 92 -40.26 25.37 5.22
CA ASP E 92 -39.18 26.19 4.66
C ASP E 92 -39.02 25.92 3.17
N SER E 93 -39.20 24.67 2.75
CA SER E 93 -38.96 24.26 1.37
C SER E 93 -40.24 23.68 0.80
N PHE E 94 -40.28 23.59 -0.53
CA PHE E 94 -41.53 23.44 -1.27
C PHE E 94 -41.85 21.99 -1.56
N ILE E 95 -41.07 21.05 -1.01
CA ILE E 95 -41.17 19.63 -1.36
C ILE E 95 -42.51 19.05 -0.93
N PRO E 96 -43.26 18.46 -1.83
CA PRO E 96 -44.32 17.53 -1.45
C PRO E 96 -43.78 16.12 -1.35
N TYR E 97 -44.64 15.16 -1.06
CA TYR E 97 -44.39 13.79 -1.46
C TYR E 97 -45.31 13.48 -2.63
N TYR E 98 -44.90 12.54 -3.47
CA TYR E 98 -45.59 12.30 -4.72
C TYR E 98 -46.23 10.92 -4.69
N ASP E 99 -47.45 10.84 -5.20
CA ASP E 99 -48.29 9.67 -5.01
C ASP E 99 -49.15 9.48 -6.24
N ILE E 100 -49.57 8.24 -6.46
CA ILE E 100 -50.54 7.95 -7.50
C ILE E 100 -51.88 8.58 -7.10
N ILE E 101 -52.55 9.18 -8.08
CA ILE E 101 -53.82 9.84 -7.85
C ILE E 101 -54.79 9.31 -8.90
N ASP E 102 -56.09 9.38 -8.58
CA ASP E 102 -57.12 9.05 -9.55
C ASP E 102 -57.03 9.98 -10.76
N GLN E 103 -56.90 9.39 -11.94
CA GLN E 103 -56.66 10.18 -13.13
C GLN E 103 -57.66 9.95 -14.24
N LYS E 104 -58.43 8.86 -14.22
CA LYS E 104 -59.39 8.57 -15.30
C LYS E 104 -60.51 9.60 -15.32
N ASP E 105 -60.93 10.06 -14.16
CA ASP E 105 -61.70 11.29 -14.07
C ASP E 105 -60.85 12.52 -14.37
N CYS E 106 -59.61 12.57 -13.86
CA CYS E 106 -58.86 13.81 -13.79
C CYS E 106 -57.94 14.12 -14.97
N LEU E 107 -57.85 13.27 -16.00
CA LEU E 107 -56.83 13.49 -17.03
C LEU E 107 -57.33 14.54 -17.99
N THR E 108 -56.66 15.70 -18.03
CA THR E 108 -57.08 16.77 -18.93
C THR E 108 -56.86 16.39 -20.39
N ILE E 109 -55.73 15.75 -20.70
CA ILE E 109 -55.34 15.39 -22.06
C ILE E 109 -55.03 13.89 -22.06
N LYS E 110 -55.79 13.11 -22.80
CA LYS E 110 -55.63 11.67 -22.71
C LYS E 110 -54.56 11.16 -23.68
N ASN E 111 -54.36 9.85 -23.65
CA ASN E 111 -53.27 9.19 -24.36
C ASN E 111 -53.58 9.06 -25.83
N SER E 112 -52.57 9.29 -26.67
CA SER E 112 -52.71 9.10 -28.11
C SER E 112 -53.05 7.66 -28.45
N TYR E 113 -52.37 6.71 -27.81
CA TYR E 113 -52.83 5.33 -27.74
C TYR E 113 -53.35 5.08 -26.33
N GLU E 114 -54.66 4.96 -26.20
CA GLU E 114 -55.28 4.61 -24.93
C GLU E 114 -54.87 3.20 -24.52
N LEU E 115 -54.56 3.03 -23.24
CA LEU E 115 -54.08 1.76 -22.72
C LEU E 115 -55.18 0.70 -22.77
N LYS E 116 -54.76 -0.53 -23.05
CA LYS E 116 -55.66 -1.67 -23.17
C LYS E 116 -55.34 -2.68 -22.09
N VAL E 117 -56.37 -3.21 -21.43
CA VAL E 117 -56.17 -4.30 -20.47
C VAL E 117 -55.72 -5.56 -21.21
N SER E 118 -56.30 -5.82 -22.38
CA SER E 118 -56.03 -6.96 -23.27
C SER E 118 -56.14 -8.32 -22.57
FE1 SF4 F . -2.40 -6.44 -12.73
FE2 SF4 F . -1.34 -4.88 -14.71
FE3 SF4 F . -3.97 -5.59 -14.81
FE4 SF4 F . -2.03 -7.47 -15.24
S1 SF4 F . -2.48 -5.63 -16.53
S2 SF4 F . -3.87 -7.69 -13.93
S3 SF4 F . -0.42 -6.75 -13.80
S4 SF4 F . -2.96 -4.28 -13.24
#